data_1SMQ
#
_entry.id   1SMQ
#
_cell.length_a   79.670
_cell.length_b   79.570
_cell.length_c   88.050
_cell.angle_alpha   83.47
_cell.angle_beta   83.45
_cell.angle_gamma   70.79
#
_symmetry.space_group_name_H-M   'P 1'
#
_entity_poly.entity_id   1
_entity_poly.type   'polypeptide(L)'
_entity_poly.pdbx_seq_one_letter_code
;MPKETPSKAAADALSDLEIKDSKSNLNKELETLREENRVKSDMLKEKLSKDAENHKAYLKSHQVHRHKLKEMEKEEPLLN
EDKERTVLFPIKYHEIWQAYKRAEASFWTAEEIDLSKDIHDWNNRMNENERFFISRVLAFFAASDGIVNENLVENFSTEV
QIPEAKSFYGFQIMIENIHSETYSLLIDTYIKDPKESEFLFNAIHTIPEIGEKAEWALRWIQDADALFGERLVAFASIEG
VFFSGSFASIFWLKKRGMMPGLTFSNELICRDEGLHTDFACLLFAHLKNKPDPAIVEKIVTEAVEIEQRYFLDALPVALL
GMNADLMNQYVEFVADRLLVAFGNKKYYKVENPFDFMENISLAGKTNFFEKRVSDYQKAGVMSKSTKQEAGAFTFNEDF
;
_entity_poly.pdbx_strand_id   A,B,C,D
#
# COMPACT_ATOMS: atom_id res chain seq x y z
N LEU A 26 19.40 13.32 63.75
CA LEU A 26 20.85 13.06 63.50
C LEU A 26 21.14 11.89 62.55
N ASN A 27 22.41 11.52 62.48
CA ASN A 27 22.85 10.41 61.65
C ASN A 27 22.08 9.18 62.09
N LYS A 28 21.48 9.29 63.27
CA LYS A 28 20.70 8.21 63.85
C LYS A 28 19.64 7.75 62.87
N GLU A 29 18.71 8.64 62.55
CA GLU A 29 17.63 8.31 61.62
C GLU A 29 18.20 7.82 60.30
N LEU A 30 19.22 8.52 59.82
CA LEU A 30 19.86 8.14 58.57
C LEU A 30 20.21 6.66 58.69
N GLU A 31 20.79 6.28 59.83
CA GLU A 31 21.19 4.91 60.05
C GLU A 31 19.97 3.99 60.02
N THR A 32 18.91 4.37 60.72
CA THR A 32 17.71 3.54 60.76
C THR A 32 17.27 3.31 59.32
N LEU A 33 17.19 4.41 58.58
CA LEU A 33 16.77 4.42 57.19
C LEU A 33 17.61 3.57 56.25
N ARG A 34 18.92 3.67 56.36
CA ARG A 34 19.79 2.87 55.52
C ARG A 34 19.59 1.42 55.95
N GLU A 35 19.42 1.23 57.26
CA GLU A 35 19.22 -0.09 57.84
C GLU A 35 18.02 -0.81 57.24
N GLU A 36 16.88 -0.13 57.20
CA GLU A 36 15.68 -0.72 56.63
C GLU A 36 15.98 -1.23 55.23
N ASN A 37 16.95 -0.60 54.59
CA ASN A 37 17.33 -0.97 53.24
C ASN A 37 18.79 -1.32 53.16
N ARG A 38 19.26 -2.07 54.15
CA ARG A 38 20.65 -2.51 54.17
C ARG A 38 20.65 -3.86 53.48
N VAL A 39 19.63 -4.66 53.76
CA VAL A 39 19.50 -5.98 53.17
C VAL A 39 19.38 -5.90 51.66
N LYS A 40 18.39 -5.15 51.19
CA LYS A 40 18.17 -4.98 49.76
C LYS A 40 19.41 -4.37 49.08
N SER A 41 20.04 -3.40 49.74
CA SER A 41 21.24 -2.73 49.21
C SER A 41 22.31 -3.74 48.87
N ASP A 42 22.75 -4.48 49.88
CA ASP A 42 23.78 -5.49 49.71
C ASP A 42 23.40 -6.56 48.69
N MET A 43 22.12 -6.92 48.64
CA MET A 43 21.62 -7.90 47.64
C MET A 43 22.06 -7.35 46.29
N LEU A 44 21.95 -6.03 46.15
CA LEU A 44 22.47 -5.47 44.92
C LEU A 44 24.01 -5.36 44.88
N LYS A 45 24.53 -4.85 45.99
CA LYS A 45 25.95 -4.52 46.18
C LYS A 45 26.78 -5.74 45.85
N GLU A 46 26.19 -6.89 46.13
CA GLU A 46 26.74 -8.15 45.71
C GLU A 46 26.49 -8.45 44.22
N LYS A 47 25.24 -8.26 43.82
CA LYS A 47 24.74 -8.56 42.48
C LYS A 47 25.39 -7.76 41.36
N LEU A 48 26.12 -6.72 41.75
CA LEU A 48 26.99 -6.06 40.82
C LEU A 48 28.44 -6.65 40.72
N SER A 49 29.05 -6.94 41.89
CA SER A 49 30.49 -7.25 42.02
C SER A 49 31.01 -8.24 41.02
N LYS A 50 30.33 -9.36 41.02
CA LYS A 50 30.69 -10.42 40.08
C LYS A 50 30.20 -10.11 38.67
N ASP A 51 30.31 -8.84 38.30
CA ASP A 51 29.94 -8.37 36.97
C ASP A 51 31.21 -7.91 36.30
N ALA A 52 32.20 -7.57 37.12
CA ALA A 52 33.50 -7.13 36.61
C ALA A 52 34.17 -8.37 36.07
N GLU A 53 33.77 -9.52 36.62
CA GLU A 53 34.30 -10.80 36.19
C GLU A 53 33.44 -11.38 35.07
N ASN A 54 32.15 -11.58 35.36
CA ASN A 54 31.24 -12.10 34.36
C ASN A 54 31.49 -11.46 33.00
N HIS A 55 32.06 -10.25 33.03
CA HIS A 55 32.36 -9.53 31.81
C HIS A 55 33.65 -10.09 31.21
N LYS A 56 34.74 -10.04 31.96
CA LYS A 56 36.00 -10.57 31.46
C LYS A 56 35.70 -11.93 30.82
N ALA A 57 34.91 -12.73 31.53
CA ALA A 57 34.51 -14.06 31.07
C ALA A 57 33.92 -14.00 29.66
N TYR A 58 32.84 -13.25 29.51
CA TYR A 58 32.14 -13.09 28.23
C TYR A 58 33.08 -12.67 27.09
N LEU A 59 33.66 -11.48 27.23
CA LEU A 59 34.56 -10.96 26.22
C LEU A 59 35.60 -12.00 25.84
N LYS A 60 36.23 -12.61 26.85
CA LYS A 60 37.25 -13.63 26.64
C LYS A 60 36.86 -14.67 25.60
N SER A 61 35.64 -15.19 25.66
CA SER A 61 35.21 -16.22 24.73
C SER A 61 34.52 -15.70 23.47
N HIS A 62 34.52 -14.39 23.28
CA HIS A 62 33.88 -13.82 22.09
C HIS A 62 34.85 -12.92 21.33
N GLN A 63 36.12 -12.97 21.73
CA GLN A 63 37.16 -12.18 21.11
C GLN A 63 36.99 -12.22 19.59
N VAL A 64 36.67 -13.39 19.05
CA VAL A 64 36.53 -13.54 17.60
C VAL A 64 35.29 -12.94 17.01
N HIS A 65 34.16 -13.15 17.67
CA HIS A 65 32.88 -12.62 17.21
C HIS A 65 32.83 -11.10 17.19
N ARG A 66 33.15 -10.48 18.33
CA ARG A 66 33.14 -9.02 18.47
C ARG A 66 34.07 -8.33 17.48
N HIS A 67 35.02 -9.09 16.93
CA HIS A 67 35.96 -8.58 15.96
C HIS A 67 35.19 -8.39 14.66
N LYS A 68 34.38 -9.38 14.31
CA LYS A 68 33.61 -9.31 13.10
C LYS A 68 32.67 -8.14 13.13
N LEU A 69 31.97 -7.97 14.25
CA LEU A 69 31.01 -6.88 14.39
C LEU A 69 31.74 -5.54 14.29
N LYS A 70 32.66 -5.30 15.21
CA LYS A 70 33.46 -4.06 15.21
C LYS A 70 34.13 -3.79 13.85
N GLU A 71 34.30 -4.85 13.05
CA GLU A 71 34.91 -4.71 11.75
C GLU A 71 33.83 -4.28 10.75
N MET A 72 32.63 -4.81 10.92
CA MET A 72 31.51 -4.45 10.04
C MET A 72 31.02 -3.06 10.42
N GLU A 73 31.37 -2.64 11.62
CA GLU A 73 30.98 -1.32 12.13
C GLU A 73 31.31 -0.29 11.06
N LYS A 74 32.46 -0.45 10.42
CA LYS A 74 32.91 0.45 9.37
C LYS A 74 31.93 0.51 8.19
N GLU A 75 30.80 -0.18 8.30
CA GLU A 75 29.82 -0.22 7.22
C GLU A 75 28.41 0.25 7.60
N GLU A 76 28.27 0.80 8.79
CA GLU A 76 26.98 1.29 9.27
C GLU A 76 26.86 2.65 8.62
N PRO A 77 25.76 2.89 7.89
CA PRO A 77 25.60 4.20 7.25
C PRO A 77 25.83 5.35 8.22
N LEU A 78 25.23 5.25 9.39
CA LEU A 78 25.38 6.29 10.38
C LEU A 78 26.84 6.61 10.67
N LEU A 79 27.75 5.72 10.29
CA LEU A 79 29.15 5.93 10.58
C LEU A 79 30.09 6.27 9.42
N ASN A 80 29.54 6.50 8.24
CA ASN A 80 30.38 6.82 7.09
C ASN A 80 29.91 8.00 6.24
N GLU A 81 30.84 8.92 5.98
CA GLU A 81 30.59 10.14 5.18
C GLU A 81 30.03 9.83 3.81
N ASP A 82 28.96 10.53 3.46
CA ASP A 82 28.36 10.36 2.14
C ASP A 82 28.85 11.51 1.25
N LYS A 83 30.14 11.49 0.89
CA LYS A 83 30.73 12.53 0.08
C LYS A 83 29.98 12.98 -1.16
N GLU A 84 28.87 12.32 -1.45
CA GLU A 84 28.02 12.68 -2.58
C GLU A 84 27.07 13.76 -2.04
N ARG A 85 27.50 14.43 -0.99
CA ARG A 85 26.65 15.43 -0.35
C ARG A 85 27.43 16.58 0.30
N THR A 86 27.03 17.81 -0.04
CA THR A 86 27.64 19.03 0.52
C THR A 86 26.55 20.09 0.56
N VAL A 87 25.47 19.85 -0.19
CA VAL A 87 24.28 20.73 -0.22
C VAL A 87 23.88 21.06 1.19
N LEU A 88 24.04 20.06 2.05
CA LEU A 88 23.91 20.20 3.48
C LEU A 88 22.50 20.54 3.90
N PHE A 89 21.60 20.37 2.93
CA PHE A 89 20.19 20.46 3.27
C PHE A 89 19.34 19.30 2.76
N PRO A 90 19.08 19.22 1.38
CA PRO A 90 18.22 18.07 1.15
C PRO A 90 18.14 17.09 2.28
N ILE A 91 16.98 17.14 2.95
CA ILE A 91 16.87 16.39 4.20
C ILE A 91 16.69 14.93 3.89
N LYS A 92 17.76 14.21 4.19
CA LYS A 92 17.76 12.78 3.96
C LYS A 92 17.20 12.05 5.19
N TYR A 93 17.66 12.44 6.39
CA TYR A 93 17.21 11.83 7.66
C TYR A 93 16.21 12.71 8.42
N HIS A 94 14.99 12.80 7.90
CA HIS A 94 13.93 13.62 8.51
C HIS A 94 13.70 13.31 9.99
N GLU A 95 13.62 12.02 10.30
CA GLU A 95 13.37 11.57 11.66
C GLU A 95 14.39 12.20 12.61
N ILE A 96 15.66 12.16 12.23
CA ILE A 96 16.70 12.75 13.04
C ILE A 96 16.50 14.26 13.08
N TRP A 97 16.60 14.90 11.91
CA TRP A 97 16.42 16.34 11.81
C TRP A 97 15.31 16.79 12.75
N GLN A 98 14.13 16.22 12.54
CA GLN A 98 12.96 16.52 13.33
C GLN A 98 13.34 16.53 14.80
N ALA A 99 14.27 15.70 15.20
CA ALA A 99 14.69 15.66 16.58
C ALA A 99 15.52 16.90 16.89
N TYR A 100 16.32 17.34 15.93
CA TYR A 100 17.14 18.51 16.13
C TYR A 100 16.25 19.72 16.33
N LYS A 101 15.33 19.96 15.40
CA LYS A 101 14.40 21.09 15.47
C LYS A 101 13.58 21.08 16.73
N ARG A 102 13.03 19.93 17.08
CA ARG A 102 12.25 19.80 18.28
C ARG A 102 13.09 20.28 19.47
N ALA A 103 14.40 20.14 19.41
CA ALA A 103 15.27 20.55 20.52
C ALA A 103 15.91 21.90 20.35
N GLU A 104 15.97 22.39 19.12
CA GLU A 104 16.57 23.69 18.85
C GLU A 104 15.51 24.71 19.30
N ALA A 105 14.26 24.29 19.17
CA ALA A 105 13.13 25.11 19.54
C ALA A 105 12.91 25.20 21.03
N SER A 106 13.66 24.43 21.80
CA SER A 106 13.50 24.41 23.24
C SER A 106 14.55 25.13 24.04
N PHE A 107 15.43 25.85 23.34
CA PHE A 107 16.53 26.56 23.97
C PHE A 107 16.10 27.29 25.22
N TRP A 108 16.93 27.31 26.25
CA TRP A 108 16.60 28.02 27.49
C TRP A 108 17.87 28.25 28.26
N THR A 109 17.94 29.33 29.03
CA THR A 109 19.13 29.63 29.80
C THR A 109 18.88 29.55 31.30
N ALA A 110 19.94 29.57 32.07
CA ALA A 110 19.78 29.50 33.52
C ALA A 110 19.16 30.77 34.06
N GLU A 111 19.26 31.88 33.33
CA GLU A 111 18.72 33.15 33.80
C GLU A 111 17.21 33.35 33.60
N GLU A 112 16.47 32.28 33.32
CA GLU A 112 15.02 32.38 33.14
C GLU A 112 14.44 31.74 34.37
N ILE A 113 15.32 31.19 35.21
CA ILE A 113 14.93 30.52 36.44
C ILE A 113 14.71 31.50 37.58
N ASP A 114 13.46 31.68 37.99
CA ASP A 114 13.17 32.59 39.10
C ASP A 114 13.48 31.85 40.38
N LEU A 115 14.48 32.34 41.10
CA LEU A 115 14.88 31.70 42.36
C LEU A 115 14.63 32.63 43.54
N SER A 116 13.39 33.06 43.72
CA SER A 116 13.07 33.94 44.83
C SER A 116 12.30 33.22 45.93
N LYS A 117 11.07 32.79 45.65
CA LYS A 117 10.32 32.09 46.68
C LYS A 117 11.13 30.91 47.20
N ASP A 118 12.07 30.42 46.37
CA ASP A 118 12.90 29.28 46.72
C ASP A 118 13.68 29.49 48.01
N ILE A 119 14.53 30.51 48.03
CA ILE A 119 15.33 30.79 49.21
C ILE A 119 14.43 30.81 50.44
N HIS A 120 13.23 31.35 50.29
CA HIS A 120 12.29 31.40 51.41
C HIS A 120 11.88 29.98 51.86
N ASP A 121 11.33 29.18 50.94
CA ASP A 121 10.90 27.82 51.27
C ASP A 121 12.03 26.95 51.81
N TRP A 122 13.27 27.32 51.49
CA TRP A 122 14.43 26.53 51.94
C TRP A 122 14.64 26.64 53.45
N ASN A 123 14.18 27.73 54.04
CA ASN A 123 14.36 27.92 55.48
C ASN A 123 13.07 27.84 56.30
N ASN A 124 11.96 28.32 55.74
CA ASN A 124 10.70 28.34 56.47
C ASN A 124 9.62 27.35 56.04
N ARG A 125 9.96 26.34 55.26
CA ARG A 125 8.96 25.36 54.83
C ARG A 125 9.51 23.96 54.75
N MET A 126 10.78 23.87 54.37
CA MET A 126 11.43 22.59 54.27
C MET A 126 12.06 22.26 55.61
N ASN A 127 11.84 21.05 56.08
CA ASN A 127 12.39 20.64 57.36
C ASN A 127 13.86 20.27 57.23
N GLU A 128 14.44 19.73 58.30
CA GLU A 128 15.85 19.35 58.31
C GLU A 128 16.11 18.21 57.35
N ASN A 129 15.24 17.21 57.36
CA ASN A 129 15.36 16.06 56.49
C ASN A 129 15.37 16.43 55.03
N GLU A 130 14.50 17.37 54.66
CA GLU A 130 14.34 17.84 53.27
C GLU A 130 15.50 18.69 52.79
N ARG A 131 15.94 19.62 53.64
CA ARG A 131 17.13 20.45 53.37
C ARG A 131 18.36 19.56 53.22
N PHE A 132 18.33 18.37 53.85
CA PHE A 132 19.38 17.42 53.52
C PHE A 132 19.17 16.72 52.13
N PHE A 133 18.10 15.93 51.97
CA PHE A 133 17.96 15.13 50.74
C PHE A 133 18.41 16.00 49.58
N ILE A 134 17.80 17.19 49.53
CA ILE A 134 17.90 17.95 48.29
C ILE A 134 19.29 18.42 48.04
N SER A 135 19.92 18.89 49.10
CA SER A 135 21.29 19.39 49.04
C SER A 135 22.17 18.33 48.43
N ARG A 136 22.00 17.12 48.91
CA ARG A 136 22.84 16.04 48.37
C ARG A 136 22.53 15.77 46.89
N VAL A 137 21.24 15.73 46.58
CA VAL A 137 20.82 15.47 45.21
C VAL A 137 21.31 16.54 44.28
N LEU A 138 21.61 17.71 44.80
CA LEU A 138 22.11 18.71 43.89
C LEU A 138 23.59 18.42 43.62
N ALA A 139 24.29 18.18 44.73
CA ALA A 139 25.75 17.86 44.76
C ALA A 139 26.04 16.67 43.83
N PHE A 140 25.11 15.73 43.81
CA PHE A 140 25.20 14.66 42.80
C PHE A 140 25.17 15.27 41.37
N PHE A 141 24.13 16.03 41.05
CA PHE A 141 23.98 16.54 39.68
C PHE A 141 25.17 17.31 39.20
N ALA A 142 25.74 18.05 40.15
CA ALA A 142 26.92 18.83 39.85
C ALA A 142 28.25 18.02 40.05
N ALA A 143 28.40 16.96 39.32
CA ALA A 143 29.61 16.12 39.42
C ALA A 143 29.73 15.40 38.08
N SER A 144 28.70 14.63 37.74
CA SER A 144 28.67 13.93 36.46
C SER A 144 28.23 14.93 35.41
N GLU A 150 33.07 14.65 27.73
CA GLU A 150 33.96 13.71 27.07
C GLU A 150 33.26 12.65 26.24
N ASN A 151 32.23 12.01 26.80
CA ASN A 151 31.62 10.95 26.01
C ASN A 151 30.88 11.47 24.86
N LEU A 152 30.06 12.47 25.15
CA LEU A 152 29.15 12.87 24.10
C LEU A 152 29.97 13.30 22.89
N VAL A 153 31.04 14.04 23.22
CA VAL A 153 31.70 14.65 22.11
C VAL A 153 32.67 13.73 21.36
N GLU A 154 33.52 13.19 22.22
CA GLU A 154 34.79 12.52 21.89
C GLU A 154 34.61 11.11 21.50
N ASN A 155 33.46 10.60 21.87
CA ASN A 155 33.15 9.24 21.46
C ASN A 155 31.84 9.18 20.61
N PHE A 156 31.19 10.29 20.36
CA PHE A 156 29.91 10.21 19.61
C PHE A 156 29.81 11.30 18.59
N SER A 157 29.73 12.54 19.06
CA SER A 157 29.67 13.72 18.18
C SER A 157 30.82 13.63 17.18
N THR A 158 31.96 13.04 17.59
CA THR A 158 33.02 12.82 16.58
C THR A 158 32.60 11.76 15.54
N GLU A 159 32.28 10.55 16.03
CA GLU A 159 31.63 9.49 15.23
C GLU A 159 30.23 10.03 14.85
N VAL A 160 29.57 9.31 13.93
CA VAL A 160 28.29 9.66 13.30
C VAL A 160 28.59 10.71 12.20
N GLN A 161 28.49 10.22 10.97
CA GLN A 161 28.81 10.96 9.74
C GLN A 161 27.55 11.53 9.03
N ILE A 162 26.53 11.83 9.77
CA ILE A 162 25.33 12.43 9.12
C ILE A 162 25.14 13.76 9.79
N PRO A 163 25.07 14.84 8.98
CA PRO A 163 24.89 16.22 9.46
C PRO A 163 23.66 16.40 10.34
N GLU A 164 22.57 15.74 9.97
CA GLU A 164 21.36 15.81 10.74
C GLU A 164 21.66 15.49 12.19
N ALA A 165 22.41 14.42 12.43
CA ALA A 165 22.73 14.00 13.79
C ALA A 165 23.75 14.90 14.47
N LYS A 166 24.77 15.32 13.73
CA LYS A 166 25.79 16.19 14.31
C LYS A 166 25.14 17.45 14.87
N SER A 167 24.14 17.95 14.16
CA SER A 167 23.44 19.12 14.60
C SER A 167 22.84 18.82 15.97
N PHE A 168 22.09 17.73 16.05
CA PHE A 168 21.47 17.35 17.31
C PHE A 168 22.45 17.26 18.45
N TYR A 169 23.59 16.63 18.19
CA TYR A 169 24.60 16.45 19.21
C TYR A 169 25.28 17.74 19.63
N GLY A 170 25.49 18.60 18.65
CA GLY A 170 26.14 19.84 18.97
C GLY A 170 25.28 20.53 20.01
N PHE A 171 24.00 20.67 19.67
CA PHE A 171 23.03 21.33 20.54
C PHE A 171 22.93 20.58 21.87
N GLN A 172 23.09 19.26 21.81
CA GLN A 172 23.02 18.46 23.02
C GLN A 172 24.16 18.84 23.96
N ILE A 173 25.35 18.99 23.41
CA ILE A 173 26.50 19.32 24.20
C ILE A 173 26.38 20.73 24.78
N MET A 174 25.85 21.64 23.96
CA MET A 174 25.63 23.03 24.32
C MET A 174 24.58 23.16 25.40
N ILE A 175 23.47 22.44 25.23
CA ILE A 175 22.40 22.52 26.19
C ILE A 175 22.72 21.83 27.51
N GLU A 176 23.62 20.85 27.47
CA GLU A 176 24.02 20.15 28.69
C GLU A 176 24.94 21.06 29.50
N ASN A 177 25.62 21.99 28.84
CA ASN A 177 26.52 22.89 29.56
C ASN A 177 25.72 23.89 30.36
N ILE A 178 24.51 24.19 29.89
CA ILE A 178 23.63 25.12 30.59
C ILE A 178 23.07 24.37 31.81
N HIS A 179 22.85 23.06 31.67
CA HIS A 179 22.40 22.25 32.80
C HIS A 179 23.44 22.41 33.90
N SER A 180 24.69 22.12 33.54
CA SER A 180 25.78 22.20 34.50
C SER A 180 25.80 23.54 35.24
N GLU A 181 25.68 24.64 34.50
CA GLU A 181 25.66 25.97 35.12
C GLU A 181 24.52 26.04 36.14
N THR A 182 23.35 25.59 35.71
CA THR A 182 22.13 25.60 36.52
C THR A 182 22.30 24.94 37.89
N TYR A 183 22.70 23.68 37.91
CA TYR A 183 22.90 22.97 39.16
C TYR A 183 23.84 23.70 40.11
N SER A 184 24.84 24.38 39.58
CA SER A 184 25.77 25.07 40.45
C SER A 184 25.12 26.35 40.94
N LEU A 185 24.43 27.05 40.04
CA LEU A 185 23.75 28.28 40.41
C LEU A 185 22.90 27.90 41.61
N LEU A 186 22.06 26.88 41.41
CA LEU A 186 21.16 26.37 42.44
C LEU A 186 21.91 26.06 43.73
N ILE A 187 22.91 25.19 43.66
CA ILE A 187 23.71 24.86 44.83
C ILE A 187 24.16 26.14 45.51
N ASP A 188 24.70 27.05 44.70
CA ASP A 188 25.22 28.34 45.12
C ASP A 188 24.18 29.33 45.65
N THR A 189 22.90 29.07 45.39
CA THR A 189 21.83 29.96 45.86
C THR A 189 21.28 29.52 47.21
N TYR A 190 21.09 28.21 47.35
CA TYR A 190 20.55 27.64 48.58
C TYR A 190 21.58 27.52 49.70
N ILE A 191 22.78 27.11 49.35
CA ILE A 191 23.84 26.95 50.34
C ILE A 191 24.77 28.16 50.22
N LYS A 192 24.68 29.08 51.17
CA LYS A 192 25.51 30.28 51.12
C LYS A 192 26.76 30.22 51.97
N ASP A 193 26.90 29.18 52.78
CA ASP A 193 28.10 29.06 53.61
C ASP A 193 29.04 28.01 53.03
N PRO A 194 29.98 28.44 52.15
CA PRO A 194 30.94 27.53 51.54
C PRO A 194 31.54 26.57 52.56
N LYS A 195 31.54 26.98 53.83
CA LYS A 195 32.05 26.13 54.89
C LYS A 195 31.30 24.80 54.74
N GLU A 196 29.97 24.87 54.57
CA GLU A 196 29.16 23.67 54.39
C GLU A 196 29.41 23.09 53.01
N SER A 197 29.20 23.94 52.00
CA SER A 197 29.38 23.55 50.60
C SER A 197 30.61 22.65 50.47
N GLU A 198 31.59 22.88 51.32
CA GLU A 198 32.81 22.08 51.30
C GLU A 198 32.58 20.71 51.93
N PHE A 199 32.08 20.67 53.16
CA PHE A 199 31.83 19.36 53.79
C PHE A 199 31.02 18.57 52.79
N LEU A 200 29.96 19.23 52.31
CA LEU A 200 29.02 18.67 51.34
C LEU A 200 29.71 17.89 50.23
N PHE A 201 30.63 18.55 49.53
CA PHE A 201 31.34 17.90 48.44
C PHE A 201 32.39 16.88 48.86
N ASN A 202 32.75 16.89 50.14
CA ASN A 202 33.74 15.94 50.65
C ASN A 202 33.02 14.64 50.98
N ALA A 203 31.88 14.78 51.66
CA ALA A 203 31.08 13.63 52.03
C ALA A 203 30.21 13.20 50.87
N ILE A 204 30.68 13.48 49.65
CA ILE A 204 29.92 13.11 48.46
C ILE A 204 30.78 12.25 47.53
N HIS A 205 32.09 12.26 47.78
CA HIS A 205 33.02 11.48 46.96
C HIS A 205 33.51 10.26 47.73
N THR A 206 32.64 9.77 48.61
CA THR A 206 32.91 8.60 49.42
C THR A 206 31.74 7.65 49.20
N ILE A 207 30.83 8.09 48.34
CA ILE A 207 29.65 7.32 47.99
C ILE A 207 30.06 6.18 47.08
N PRO A 208 29.95 4.94 47.55
CA PRO A 208 30.30 3.76 46.77
C PRO A 208 29.63 3.68 45.40
N GLU A 209 28.57 4.46 45.22
CA GLU A 209 27.87 4.43 43.94
C GLU A 209 28.68 5.05 42.83
N ILE A 210 29.37 6.16 43.13
CA ILE A 210 30.19 6.85 42.13
C ILE A 210 31.20 5.83 41.57
N GLY A 211 31.89 5.13 42.47
CA GLY A 211 32.85 4.14 42.07
C GLY A 211 32.18 3.09 41.21
N GLU A 212 31.07 2.55 41.70
CA GLU A 212 30.34 1.51 40.98
C GLU A 212 29.87 1.99 39.62
N LYS A 213 29.36 3.22 39.57
CA LYS A 213 28.90 3.79 38.32
C LYS A 213 30.10 3.81 37.40
N ALA A 214 31.22 4.24 37.97
CA ALA A 214 32.48 4.33 37.25
C ALA A 214 32.80 3.01 36.55
N GLU A 215 32.87 1.93 37.34
CA GLU A 215 33.17 0.61 36.82
C GLU A 215 32.13 0.18 35.78
N TRP A 216 30.89 0.59 35.96
CA TRP A 216 29.83 0.25 35.01
C TRP A 216 30.20 0.80 33.63
N ALA A 217 30.79 2.00 33.64
CA ALA A 217 31.18 2.74 32.43
C ALA A 217 32.44 2.21 31.72
N LEU A 218 33.49 1.93 32.50
CA LEU A 218 34.74 1.40 31.94
C LEU A 218 34.43 0.08 31.24
N ARG A 219 33.34 -0.53 31.68
CA ARG A 219 32.85 -1.81 31.19
C ARG A 219 32.28 -1.73 29.78
N TRP A 220 31.25 -0.92 29.58
CA TRP A 220 30.61 -0.81 28.27
C TRP A 220 31.05 0.36 27.39
N ILE A 221 31.62 1.39 28.02
CA ILE A 221 32.00 2.57 27.25
C ILE A 221 33.47 2.87 27.03
N GLN A 222 34.22 3.07 28.13
CA GLN A 222 35.65 3.39 28.04
C GLN A 222 36.60 2.31 27.52
N ASP A 223 36.14 1.07 27.51
CA ASP A 223 36.93 -0.04 27.01
C ASP A 223 36.84 -0.04 25.47
N ALA A 224 37.96 -0.27 24.79
CA ALA A 224 37.93 -0.31 23.32
C ALA A 224 37.23 -1.60 22.92
N ASP A 225 37.18 -1.87 21.62
CA ASP A 225 36.51 -3.08 21.13
C ASP A 225 35.10 -3.11 21.70
N ALA A 226 34.54 -1.93 21.92
CA ALA A 226 33.20 -1.80 22.47
C ALA A 226 32.27 -1.25 21.41
N LEU A 227 31.61 -2.14 20.68
CA LEU A 227 30.69 -1.75 19.61
C LEU A 227 29.86 -0.49 19.87
N PHE A 228 29.69 0.31 18.82
CA PHE A 228 28.93 1.55 18.87
C PHE A 228 27.53 1.35 19.45
N GLY A 229 26.79 0.38 18.90
CA GLY A 229 25.45 0.12 19.39
C GLY A 229 25.39 -0.15 20.88
N GLU A 230 26.44 -0.72 21.44
CA GLU A 230 26.44 -1.01 22.87
C GLU A 230 26.65 0.28 23.63
N ARG A 231 27.49 1.15 23.10
CA ARG A 231 27.73 2.43 23.76
C ARG A 231 26.49 3.30 23.68
N LEU A 232 25.64 3.06 22.70
CA LEU A 232 24.42 3.85 22.58
C LEU A 232 23.52 3.45 23.71
N VAL A 233 23.43 2.14 23.97
CA VAL A 233 22.57 1.68 25.04
C VAL A 233 23.09 2.17 26.37
N ALA A 234 24.40 2.19 26.52
CA ALA A 234 24.97 2.66 27.77
C ALA A 234 24.79 4.17 27.92
N PHE A 235 24.82 4.91 26.80
CA PHE A 235 24.66 6.36 26.86
C PHE A 235 23.21 6.73 27.17
N ALA A 236 22.26 6.11 26.47
CA ALA A 236 20.85 6.37 26.73
C ALA A 236 20.55 6.02 28.19
N SER A 237 21.26 5.04 28.73
CA SER A 237 21.05 4.64 30.10
C SER A 237 21.54 5.72 31.05
N ILE A 238 22.46 6.57 30.57
CA ILE A 238 23.02 7.64 31.38
C ILE A 238 22.12 8.87 31.44
N GLU A 239 21.33 9.06 30.38
CA GLU A 239 20.40 10.17 30.26
C GLU A 239 19.00 9.72 30.69
N GLY A 240 18.65 8.48 30.38
CA GLY A 240 17.32 7.98 30.72
C GLY A 240 17.11 7.14 31.98
N VAL A 241 18.18 6.56 32.54
CA VAL A 241 18.04 5.75 33.76
C VAL A 241 18.90 6.21 34.93
N PHE A 242 20.14 6.57 34.64
CA PHE A 242 21.04 6.96 35.71
C PHE A 242 20.73 8.21 36.47
N PHE A 243 19.54 8.75 36.32
CA PHE A 243 19.22 9.96 37.05
C PHE A 243 17.73 10.20 37.09
N SER A 244 16.97 9.18 36.73
CA SER A 244 15.53 9.25 36.73
C SER A 244 15.09 9.34 38.19
N GLY A 245 15.89 8.76 39.08
CA GLY A 245 15.57 8.78 40.50
C GLY A 245 15.56 10.15 41.16
N SER A 246 16.44 11.04 40.73
CA SER A 246 16.50 12.39 41.29
C SER A 246 15.43 13.28 40.67
N PHE A 247 15.18 13.10 39.37
CA PHE A 247 14.20 13.91 38.69
C PHE A 247 12.86 13.78 39.38
N ALA A 248 12.41 12.55 39.56
CA ALA A 248 11.13 12.28 40.20
C ALA A 248 11.13 12.78 41.64
N SER A 249 12.20 12.51 42.38
CA SER A 249 12.28 12.96 43.75
C SER A 249 12.00 14.45 43.85
N ILE A 250 12.38 15.20 42.81
CA ILE A 250 12.20 16.64 42.78
C ILE A 250 10.82 17.01 42.27
N PHE A 251 10.19 16.11 41.51
CA PHE A 251 8.84 16.39 41.04
C PHE A 251 7.89 16.19 42.24
N TRP A 252 8.39 15.45 43.23
CA TRP A 252 7.63 15.18 44.45
C TRP A 252 7.50 16.46 45.26
N LEU A 253 8.50 17.32 45.19
CA LEU A 253 8.48 18.58 45.91
C LEU A 253 7.50 19.53 45.24
N LYS A 254 7.19 19.25 43.97
CA LYS A 254 6.28 20.09 43.21
C LYS A 254 4.90 19.85 43.79
N LYS A 255 4.57 18.57 43.99
CA LYS A 255 3.29 18.19 44.51
C LYS A 255 2.98 18.98 45.80
N ARG A 256 3.86 18.92 46.79
CA ARG A 256 3.71 19.67 48.05
C ARG A 256 4.13 21.13 47.85
N GLY A 257 3.87 21.65 46.65
CA GLY A 257 4.19 23.03 46.30
C GLY A 257 5.31 23.69 47.06
N MET A 258 6.56 23.50 46.63
CA MET A 258 7.73 24.11 47.27
C MET A 258 8.81 24.30 46.22
N MET A 259 9.92 24.92 46.62
CA MET A 259 11.06 25.16 45.76
C MET A 259 10.63 25.34 44.30
N PRO A 260 9.74 26.31 44.06
CA PRO A 260 9.18 26.65 42.74
C PRO A 260 10.24 26.82 41.68
N GLY A 261 11.33 27.49 42.02
CA GLY A 261 12.41 27.70 41.07
C GLY A 261 13.08 26.37 40.72
N LEU A 262 13.47 25.62 41.74
CA LEU A 262 14.07 24.33 41.53
C LEU A 262 13.15 23.52 40.64
N THR A 263 11.92 23.27 41.10
CA THR A 263 10.98 22.48 40.31
C THR A 263 10.96 22.87 38.84
N PHE A 264 10.99 24.17 38.57
CA PHE A 264 10.95 24.65 37.21
C PHE A 264 12.19 24.24 36.39
N SER A 265 13.37 24.48 36.94
CA SER A 265 14.59 24.10 36.26
C SER A 265 14.58 22.59 36.07
N ASN A 266 14.33 21.89 37.17
CA ASN A 266 14.27 20.42 37.20
C ASN A 266 13.30 19.82 36.18
N GLU A 267 12.41 20.66 35.66
CA GLU A 267 11.42 20.23 34.67
C GLU A 267 11.99 20.35 33.27
N LEU A 268 12.60 21.50 33.01
CA LEU A 268 13.22 21.77 31.72
C LEU A 268 14.34 20.80 31.45
N ILE A 269 15.12 20.52 32.49
CA ILE A 269 16.26 19.62 32.39
C ILE A 269 15.79 18.22 32.04
N CYS A 270 14.86 17.69 32.84
CA CYS A 270 14.31 16.37 32.62
C CYS A 270 13.81 16.33 31.19
N ARG A 271 12.94 17.26 30.85
CA ARG A 271 12.43 17.29 29.47
C ARG A 271 13.58 17.02 28.51
N ASP A 272 14.65 17.80 28.68
CA ASP A 272 15.84 17.72 27.85
C ASP A 272 16.45 16.33 27.81
N GLU A 273 16.90 15.83 28.97
CA GLU A 273 17.52 14.51 29.05
C GLU A 273 16.64 13.42 28.44
N GLY A 274 15.38 13.73 28.27
CA GLY A 274 14.49 12.76 27.67
C GLY A 274 14.66 12.86 26.18
N LEU A 275 14.60 14.09 25.69
CA LEU A 275 14.75 14.36 24.26
C LEU A 275 16.02 13.63 23.81
N HIS A 276 17.04 13.75 24.66
CA HIS A 276 18.34 13.15 24.45
C HIS A 276 18.30 11.62 24.44
N THR A 277 17.68 11.00 25.46
CA THR A 277 17.56 9.54 25.51
C THR A 277 16.83 9.04 24.27
N ASP A 278 15.64 9.57 24.03
CA ASP A 278 14.86 9.18 22.85
C ASP A 278 15.75 9.13 21.61
N PHE A 279 16.57 10.15 21.43
CA PHE A 279 17.48 10.23 20.27
C PHE A 279 18.37 8.99 20.12
N ALA A 280 18.95 8.51 21.22
CA ALA A 280 19.79 7.32 21.17
C ALA A 280 18.99 6.22 20.53
N CYS A 281 17.80 6.01 21.04
CA CYS A 281 16.91 4.99 20.54
C CYS A 281 16.77 5.18 19.06
N LEU A 282 16.33 6.37 18.67
CA LEU A 282 16.16 6.66 17.27
C LEU A 282 17.39 6.24 16.46
N LEU A 283 18.58 6.56 16.95
CA LEU A 283 19.80 6.21 16.22
C LEU A 283 20.09 4.74 16.24
N PHE A 284 19.73 4.07 17.33
CA PHE A 284 19.91 2.63 17.45
C PHE A 284 19.17 2.00 16.27
N ALA A 285 17.96 2.47 16.05
CA ALA A 285 17.09 2.01 14.97
C ALA A 285 17.73 2.03 13.60
N HIS A 286 18.58 3.02 13.32
CA HIS A 286 19.22 3.11 12.03
C HIS A 286 20.38 2.13 11.91
N LEU A 287 20.85 1.62 13.04
CA LEU A 287 21.94 0.65 13.03
C LEU A 287 21.45 -0.59 12.29
N LYS A 288 22.36 -1.21 11.53
CA LYS A 288 22.04 -2.44 10.79
C LYS A 288 22.44 -3.62 11.65
N ASN A 289 23.63 -3.55 12.23
CA ASN A 289 24.10 -4.61 13.10
C ASN A 289 23.87 -4.17 14.53
N LYS A 290 22.70 -4.51 15.08
CA LYS A 290 22.38 -4.14 16.46
C LYS A 290 22.97 -5.18 17.42
N PRO A 291 23.24 -4.76 18.66
CA PRO A 291 23.82 -5.66 19.67
C PRO A 291 22.88 -6.79 20.05
N ASP A 292 23.44 -7.80 20.72
CA ASP A 292 22.68 -8.97 21.17
C ASP A 292 21.73 -8.47 22.25
N PRO A 293 20.42 -8.68 22.05
CA PRO A 293 19.41 -8.26 23.02
C PRO A 293 19.83 -8.49 24.46
N ALA A 294 20.62 -9.53 24.69
CA ALA A 294 21.10 -9.85 26.02
C ALA A 294 21.91 -8.70 26.61
N ILE A 295 22.78 -8.11 25.79
CA ILE A 295 23.62 -6.99 26.21
C ILE A 295 22.77 -5.76 26.48
N VAL A 296 21.96 -5.40 25.49
CA VAL A 296 21.05 -4.28 25.62
C VAL A 296 20.36 -4.35 26.98
N GLU A 297 19.89 -5.54 27.37
CA GLU A 297 19.20 -5.75 28.63
C GLU A 297 20.14 -5.72 29.83
N LYS A 298 21.34 -6.25 29.66
CA LYS A 298 22.30 -6.30 30.74
C LYS A 298 22.90 -4.96 31.10
N ILE A 299 23.12 -4.09 30.11
CA ILE A 299 23.71 -2.76 30.37
C ILE A 299 22.75 -1.92 31.16
N VAL A 300 21.51 -1.89 30.69
CA VAL A 300 20.43 -1.15 31.32
C VAL A 300 20.23 -1.62 32.75
N THR A 301 20.13 -2.92 32.86
CA THR A 301 19.93 -3.60 34.10
C THR A 301 21.01 -3.27 35.12
N GLU A 302 22.26 -3.30 34.74
CA GLU A 302 23.30 -2.99 35.71
C GLU A 302 23.18 -1.54 36.17
N ALA A 303 22.66 -0.70 35.27
CA ALA A 303 22.48 0.74 35.57
C ALA A 303 21.45 0.87 36.67
N VAL A 304 20.25 0.38 36.39
CA VAL A 304 19.13 0.40 37.33
C VAL A 304 19.57 0.05 38.73
N GLU A 305 20.30 -1.05 38.83
CA GLU A 305 20.76 -1.50 40.10
C GLU A 305 21.68 -0.52 40.80
N ILE A 306 22.51 0.19 40.05
CA ILE A 306 23.40 1.15 40.70
C ILE A 306 22.55 2.34 41.11
N GLU A 307 21.57 2.66 40.27
CA GLU A 307 20.64 3.77 40.52
C GLU A 307 19.75 3.55 41.75
N GLN A 308 19.19 2.35 41.89
CA GLN A 308 18.35 2.03 43.04
C GLN A 308 19.21 2.10 44.27
N ARG A 309 20.43 1.56 44.14
CA ARG A 309 21.40 1.50 45.21
C ARG A 309 21.82 2.89 45.66
N TYR A 310 21.67 3.86 44.77
CA TYR A 310 21.90 5.25 45.16
C TYR A 310 21.03 5.68 46.38
N PHE A 311 19.78 5.20 46.36
CA PHE A 311 18.75 5.57 47.32
C PHE A 311 18.47 4.57 48.44
N LEU A 312 19.09 3.42 48.41
CA LEU A 312 18.88 2.47 49.48
C LEU A 312 20.18 2.40 50.27
N ASP A 313 21.07 3.34 49.97
CA ASP A 313 22.37 3.43 50.61
C ASP A 313 22.74 4.85 50.96
N ALA A 314 22.82 5.71 49.95
CA ALA A 314 23.19 7.10 50.18
C ALA A 314 22.03 8.02 50.57
N LEU A 315 21.12 8.26 49.64
CA LEU A 315 19.98 9.13 49.91
C LEU A 315 18.67 8.37 49.99
N PRO A 316 18.11 8.21 51.21
CA PRO A 316 16.84 7.48 51.32
C PRO A 316 15.69 8.41 50.94
N VAL A 317 14.86 8.01 49.97
CA VAL A 317 13.74 8.87 49.57
C VAL A 317 12.78 9.13 50.71
N ALA A 318 12.90 8.32 51.76
CA ALA A 318 12.07 8.47 52.94
C ALA A 318 12.30 9.89 53.47
N LEU A 319 13.56 10.30 53.47
CA LEU A 319 13.96 11.62 53.95
C LEU A 319 13.07 12.78 53.52
N LEU A 320 12.35 12.60 52.42
CA LEU A 320 11.48 13.67 51.96
C LEU A 320 10.08 13.11 51.70
N GLY A 321 9.72 12.15 52.54
CA GLY A 321 8.40 11.53 52.47
C GLY A 321 8.13 10.53 51.39
N MET A 322 9.17 9.97 50.76
CA MET A 322 8.90 9.01 49.71
C MET A 322 9.02 7.54 50.12
N ASN A 323 8.38 6.67 49.36
CA ASN A 323 8.43 5.26 49.65
C ASN A 323 9.47 4.52 48.85
N ALA A 324 10.59 4.16 49.50
CA ALA A 324 11.69 3.44 48.84
C ALA A 324 11.24 2.32 47.89
N ASP A 325 10.18 1.61 48.27
CA ASP A 325 9.69 0.52 47.43
C ASP A 325 9.18 1.04 46.12
N LEU A 326 8.52 2.18 46.16
CA LEU A 326 7.97 2.77 44.95
C LEU A 326 9.07 3.38 44.09
N MET A 327 10.08 3.95 44.73
CA MET A 327 11.19 4.54 43.98
C MET A 327 11.84 3.43 43.20
N ASN A 328 12.27 2.40 43.93
CA ASN A 328 12.91 1.25 43.29
C ASN A 328 12.04 0.84 42.12
N GLN A 329 10.72 0.82 42.33
CA GLN A 329 9.79 0.44 41.30
C GLN A 329 9.76 1.37 40.10
N TYR A 330 10.01 2.65 40.33
CA TYR A 330 9.99 3.62 39.24
C TYR A 330 11.21 3.41 38.35
N VAL A 331 12.39 3.39 38.96
CA VAL A 331 13.60 3.18 38.20
C VAL A 331 13.42 1.97 37.30
N GLU A 332 12.78 0.93 37.83
CA GLU A 332 12.52 -0.29 37.06
C GLU A 332 11.58 0.04 35.93
N PHE A 333 10.56 0.84 36.20
CA PHE A 333 9.61 1.21 35.16
C PHE A 333 10.36 1.91 34.03
N VAL A 334 11.14 2.93 34.40
CA VAL A 334 11.92 3.76 33.48
C VAL A 334 12.83 2.92 32.54
N ALA A 335 13.56 1.99 33.14
CA ALA A 335 14.44 1.11 32.37
C ALA A 335 13.58 0.29 31.43
N ASP A 336 12.55 -0.36 31.99
CA ASP A 336 11.62 -1.18 31.24
C ASP A 336 11.22 -0.42 29.99
N ARG A 337 10.76 0.82 30.19
CA ARG A 337 10.31 1.69 29.12
C ARG A 337 11.38 1.86 28.05
N LEU A 338 12.62 2.03 28.49
CA LEU A 338 13.75 2.20 27.59
C LEU A 338 13.98 0.92 26.77
N LEU A 339 13.96 -0.22 27.46
CA LEU A 339 14.15 -1.50 26.79
C LEU A 339 13.23 -1.59 25.58
N VAL A 340 11.94 -1.36 25.78
CA VAL A 340 11.00 -1.45 24.66
C VAL A 340 11.40 -0.48 23.56
N ALA A 341 11.93 0.67 23.95
CA ALA A 341 12.34 1.70 22.99
C ALA A 341 13.46 1.18 22.13
N PHE A 342 14.24 0.27 22.71
CA PHE A 342 15.39 -0.35 22.05
C PHE A 342 15.05 -1.62 21.24
N GLY A 343 13.84 -2.15 21.46
CA GLY A 343 13.44 -3.37 20.77
C GLY A 343 13.32 -4.58 21.67
N ASN A 344 14.08 -4.60 22.79
CA ASN A 344 14.01 -5.69 23.74
C ASN A 344 12.61 -5.75 24.38
N LYS A 345 12.45 -6.63 25.36
CA LYS A 345 11.16 -6.79 26.03
C LYS A 345 11.25 -6.43 27.51
N LYS A 346 10.17 -5.86 28.05
CA LYS A 346 10.15 -5.48 29.46
C LYS A 346 10.71 -6.62 30.31
N TYR A 347 11.80 -6.35 31.03
CA TYR A 347 12.39 -7.37 31.87
C TYR A 347 11.80 -7.26 33.27
N TYR A 348 11.47 -6.04 33.67
CA TYR A 348 10.95 -5.91 35.02
C TYR A 348 9.49 -6.27 35.17
N LYS A 349 8.74 -5.72 34.22
CA LYS A 349 7.31 -5.84 34.06
C LYS A 349 6.47 -5.17 35.15
N VAL A 350 7.20 -4.34 35.90
CA VAL A 350 6.58 -3.44 36.87
C VAL A 350 5.86 -2.25 36.15
N GLU A 351 5.19 -1.38 36.90
CA GLU A 351 4.50 -0.23 36.33
C GLU A 351 4.79 1.08 37.08
N ASN A 352 4.40 2.17 36.45
CA ASN A 352 4.62 3.52 36.96
C ASN A 352 4.02 3.76 38.32
N PRO A 353 4.82 3.64 39.38
CA PRO A 353 4.31 3.85 40.74
C PRO A 353 4.06 5.31 41.07
N PHE A 354 4.24 6.19 40.10
CA PHE A 354 4.00 7.61 40.33
C PHE A 354 3.10 8.19 39.25
N ASP A 355 2.16 9.02 39.66
CA ASP A 355 1.25 9.64 38.70
C ASP A 355 1.78 11.01 38.34
N PHE A 356 2.54 11.62 39.25
CA PHE A 356 3.10 12.95 38.99
C PHE A 356 4.22 12.92 37.93
N MET A 357 4.65 11.71 37.59
CA MET A 357 5.68 11.53 36.58
C MET A 357 5.00 11.15 35.27
N GLU A 358 3.67 11.18 35.26
CA GLU A 358 2.91 10.86 34.06
C GLU A 358 3.25 11.89 32.98
N ASN A 359 3.46 13.14 33.39
CA ASN A 359 3.80 14.25 32.48
C ASN A 359 2.87 14.42 31.26
N LEU B 26 -42.22 6.97 -52.78
CA LEU B 26 -41.88 5.65 -53.39
C LEU B 26 -40.41 5.25 -53.28
N ASN B 27 -40.06 4.19 -54.00
CA ASN B 27 -38.70 3.69 -54.03
C ASN B 27 -37.82 4.83 -54.53
N LYS B 28 -38.47 5.83 -55.11
CA LYS B 28 -37.79 6.98 -55.64
C LYS B 28 -36.91 7.60 -54.57
N GLU B 29 -37.53 8.10 -53.51
CA GLU B 29 -36.79 8.71 -52.41
C GLU B 29 -35.73 7.77 -51.88
N LEU B 30 -36.13 6.52 -51.69
CA LEU B 30 -35.21 5.52 -51.20
C LEU B 30 -33.96 5.58 -52.08
N GLU B 31 -34.18 5.63 -53.38
CA GLU B 31 -33.08 5.67 -54.34
C GLU B 31 -32.24 6.93 -54.12
N THR B 32 -32.89 8.07 -54.01
CA THR B 32 -32.17 9.31 -53.81
C THR B 32 -31.28 9.15 -52.60
N LEU B 33 -31.90 8.68 -51.51
CA LEU B 33 -31.24 8.46 -50.23
C LEU B 33 -30.04 7.49 -50.27
N ARG B 34 -30.21 6.37 -50.94
CA ARG B 34 -29.13 5.43 -51.04
C ARG B 34 -28.05 6.09 -51.89
N GLU B 35 -28.50 6.84 -52.89
CA GLU B 35 -27.62 7.55 -53.81
C GLU B 35 -26.69 8.50 -53.08
N GLU B 36 -27.25 9.35 -52.23
CA GLU B 36 -26.44 10.29 -51.46
C GLU B 36 -25.33 9.54 -50.75
N ASN B 37 -25.60 8.28 -50.44
CA ASN B 37 -24.63 7.46 -49.73
C ASN B 37 -24.29 6.21 -50.52
N ARG B 38 -24.11 6.37 -51.82
CA ARG B 38 -23.75 5.28 -52.69
C ARG B 38 -22.24 5.27 -52.72
N VAL B 39 -21.66 6.47 -52.79
CA VAL B 39 -20.22 6.61 -52.84
C VAL B 39 -19.56 6.05 -51.58
N LYS B 40 -19.98 6.55 -50.42
CA LYS B 40 -19.45 6.10 -49.14
C LYS B 40 -19.68 4.60 -48.95
N SER B 41 -20.86 4.11 -49.34
CA SER B 41 -21.21 2.70 -49.22
C SER B 41 -20.16 1.83 -49.90
N ASP B 42 -20.01 2.03 -51.20
CA ASP B 42 -19.04 1.28 -51.99
C ASP B 42 -17.63 1.41 -51.46
N MET B 43 -17.28 2.59 -50.97
CA MET B 43 -15.94 2.79 -50.43
C MET B 43 -15.75 1.66 -49.43
N LEU B 44 -16.81 1.41 -48.65
CA LEU B 44 -16.78 0.34 -47.64
C LEU B 44 -16.93 -1.06 -48.27
N LYS B 45 -17.95 -1.19 -49.11
CA LYS B 45 -18.31 -2.36 -49.94
C LYS B 45 -17.09 -2.91 -50.63
N GLU B 46 -16.18 -2.04 -51.04
CA GLU B 46 -14.88 -2.50 -51.49
C GLU B 46 -13.99 -2.89 -50.27
N LYS B 47 -13.89 -1.94 -49.34
CA LYS B 47 -13.01 -2.00 -48.18
C LYS B 47 -13.15 -3.22 -47.30
N LEU B 48 -14.20 -3.99 -47.55
CA LEU B 48 -14.27 -5.27 -46.93
C LEU B 48 -13.60 -6.48 -47.68
N SER B 49 -13.93 -6.43 -48.99
CA SER B 49 -13.86 -7.52 -49.98
C SER B 49 -12.55 -8.21 -49.93
N LYS B 50 -11.57 -7.33 -49.98
CA LYS B 50 -10.19 -7.79 -49.91
C LYS B 50 -9.81 -8.07 -48.45
N ASP B 51 -10.75 -8.58 -47.71
CA ASP B 51 -10.52 -8.92 -46.31
C ASP B 51 -10.62 -10.42 -46.22
N ALA B 52 -11.34 -11.02 -47.17
CA ALA B 52 -11.50 -12.47 -47.21
C ALA B 52 -10.14 -13.02 -47.64
N GLU B 53 -9.39 -12.19 -48.35
CA GLU B 53 -8.07 -12.56 -48.82
C GLU B 53 -7.02 -12.14 -47.80
N ASN B 54 -6.97 -10.85 -47.48
CA ASN B 54 -6.00 -10.37 -46.53
C ASN B 54 -5.94 -11.29 -45.29
N HIS B 55 -7.02 -12.05 -45.09
CA HIS B 55 -7.08 -12.99 -43.98
C HIS B 55 -6.31 -14.25 -44.35
N LYS B 56 -6.73 -14.89 -45.44
CA LYS B 56 -6.03 -16.10 -45.88
C LYS B 56 -4.55 -15.80 -45.83
N ALA B 57 -4.17 -14.63 -46.32
CA ALA B 57 -2.78 -14.21 -46.34
C ALA B 57 -2.17 -14.30 -44.95
N TYR B 58 -2.73 -13.56 -44.00
CA TYR B 58 -2.24 -13.53 -42.62
C TYR B 58 -2.09 -14.93 -42.01
N LEU B 59 -3.21 -15.63 -41.89
CA LEU B 59 -3.18 -16.97 -41.33
C LEU B 59 -2.10 -17.82 -41.96
N LYS B 60 -2.06 -17.81 -43.29
CA LYS B 60 -1.08 -18.58 -44.04
C LYS B 60 0.34 -18.47 -43.50
N SER B 61 0.78 -17.24 -43.19
CA SER B 61 2.13 -17.03 -42.70
C SER B 61 2.29 -17.07 -41.18
N HIS B 62 1.22 -17.43 -40.48
CA HIS B 62 1.29 -17.50 -39.03
C HIS B 62 0.86 -18.87 -38.53
N GLN B 63 0.70 -19.80 -39.45
CA GLN B 63 0.30 -21.16 -39.13
C GLN B 63 1.04 -21.65 -37.90
N VAL B 64 2.32 -21.34 -37.81
CA VAL B 64 3.14 -21.81 -36.69
C VAL B 64 2.90 -21.08 -35.40
N HIS B 65 2.78 -19.76 -35.47
CA HIS B 65 2.56 -18.96 -34.27
C HIS B 65 1.23 -19.25 -33.59
N ARG B 66 0.15 -19.18 -34.36
CA ARG B 66 -1.20 -19.43 -33.85
C ARG B 66 -1.35 -20.81 -33.22
N HIS B 67 -0.44 -21.71 -33.57
CA HIS B 67 -0.43 -23.06 -33.05
C HIS B 67 0.03 -22.98 -31.61
N LYS B 68 1.07 -22.19 -31.38
CA LYS B 68 1.61 -22.04 -30.05
C LYS B 68 0.56 -21.46 -29.12
N LEU B 69 -0.10 -20.41 -29.58
CA LEU B 69 -1.13 -19.74 -28.79
C LEU B 69 -2.26 -20.71 -28.48
N LYS B 70 -2.92 -21.20 -29.53
CA LYS B 70 -4.01 -22.16 -29.39
C LYS B 70 -3.61 -23.38 -28.55
N GLU B 71 -2.31 -23.64 -28.45
CA GLU B 71 -1.81 -24.76 -27.67
C GLU B 71 -1.70 -24.33 -26.22
N MET B 72 -1.31 -23.08 -25.98
CA MET B 72 -1.20 -22.55 -24.64
C MET B 72 -2.59 -22.26 -24.10
N GLU B 73 -3.54 -22.14 -25.02
CA GLU B 73 -4.93 -21.88 -24.68
C GLU B 73 -5.34 -22.85 -23.57
N LYS B 74 -4.89 -24.10 -23.69
CA LYS B 74 -5.20 -25.13 -22.71
C LYS B 74 -4.68 -24.79 -21.31
N GLU B 75 -4.12 -23.60 -21.15
CA GLU B 75 -3.56 -23.17 -19.86
C GLU B 75 -4.13 -21.88 -19.29
N GLU B 76 -5.18 -21.36 -19.92
CA GLU B 76 -5.83 -20.13 -19.45
C GLU B 76 -6.72 -20.60 -18.34
N PRO B 77 -6.57 -20.00 -17.15
CA PRO B 77 -7.41 -20.41 -16.01
C PRO B 77 -8.90 -20.46 -16.38
N LEU B 78 -9.36 -19.41 -17.04
CA LEU B 78 -10.75 -19.35 -17.43
C LEU B 78 -11.18 -20.57 -18.22
N LEU B 79 -10.21 -21.34 -18.73
CA LEU B 79 -10.57 -22.50 -19.54
C LEU B 79 -10.33 -23.90 -18.94
N ASN B 80 -9.95 -23.96 -17.67
CA ASN B 80 -9.70 -25.25 -17.04
C ASN B 80 -10.33 -25.45 -15.67
N GLU B 81 -11.02 -26.59 -15.51
CA GLU B 81 -11.70 -26.97 -14.28
C GLU B 81 -10.79 -27.00 -13.09
N ASP B 82 -11.22 -26.35 -12.01
CA ASP B 82 -10.45 -26.34 -10.78
C ASP B 82 -11.04 -27.40 -9.84
N LYS B 83 -10.84 -28.68 -10.17
CA LYS B 83 -11.40 -29.78 -9.40
C LYS B 83 -11.20 -29.73 -7.89
N GLU B 84 -10.46 -28.74 -7.43
CA GLU B 84 -10.22 -28.55 -6.00
C GLU B 84 -11.42 -27.72 -5.51
N ARG B 85 -12.53 -27.81 -6.23
CA ARG B 85 -13.68 -27.01 -5.87
C ARG B 85 -15.02 -27.66 -6.20
N THR B 86 -15.89 -27.84 -5.19
CA THR B 86 -17.24 -28.32 -5.48
C THR B 86 -18.23 -27.41 -4.71
N VAL B 87 -17.73 -26.98 -3.54
CA VAL B 87 -18.34 -25.99 -2.65
C VAL B 87 -19.27 -25.06 -3.40
N LEU B 88 -18.85 -24.59 -4.58
CA LEU B 88 -19.77 -23.93 -5.50
C LEU B 88 -20.39 -22.62 -5.02
N PHE B 89 -19.65 -22.13 -4.03
CA PHE B 89 -19.82 -20.80 -3.49
C PHE B 89 -18.53 -20.07 -3.23
N PRO B 90 -17.80 -20.41 -2.03
CA PRO B 90 -16.64 -19.53 -1.92
C PRO B 90 -16.30 -18.80 -3.19
N ILE B 91 -16.56 -17.48 -3.13
CA ILE B 91 -16.53 -16.65 -4.33
C ILE B 91 -15.12 -16.25 -4.67
N LYS B 92 -14.61 -17.02 -5.62
CA LYS B 92 -13.26 -16.79 -6.11
C LYS B 92 -13.25 -15.61 -7.11
N TYR B 93 -14.16 -15.60 -8.09
CA TYR B 93 -14.22 -14.52 -9.11
C TYR B 93 -15.34 -13.51 -8.85
N HIS B 94 -15.17 -12.67 -7.83
CA HIS B 94 -16.14 -11.66 -7.42
C HIS B 94 -16.60 -10.71 -8.51
N GLU B 95 -15.64 -10.32 -9.36
CA GLU B 95 -15.83 -9.41 -10.47
C GLU B 95 -16.82 -9.98 -11.47
N ILE B 96 -16.69 -11.28 -11.74
CA ILE B 96 -17.60 -12.00 -12.63
C ILE B 96 -18.96 -12.17 -11.93
N TRP B 97 -18.93 -12.86 -10.80
CA TRP B 97 -20.16 -13.06 -10.03
C TRP B 97 -20.98 -11.76 -10.04
N GLN B 98 -20.36 -10.70 -9.54
CA GLN B 98 -20.99 -9.39 -9.48
C GLN B 98 -21.71 -9.11 -10.78
N ALA B 99 -21.17 -9.58 -11.88
CA ALA B 99 -21.81 -9.36 -13.17
C ALA B 99 -23.05 -10.23 -13.28
N TYR B 100 -22.98 -11.44 -12.74
CA TYR B 100 -24.13 -12.34 -12.79
C TYR B 100 -25.29 -11.73 -12.01
N LYS B 101 -25.04 -11.36 -10.75
CA LYS B 101 -26.06 -10.76 -9.89
C LYS B 101 -26.64 -9.49 -10.47
N ARG B 102 -25.77 -8.62 -10.97
CA ARG B 102 -26.22 -7.39 -11.57
C ARG B 102 -27.23 -7.72 -12.69
N ALA B 103 -27.08 -8.88 -13.34
CA ALA B 103 -27.98 -9.25 -14.42
C ALA B 103 -29.10 -10.19 -14.02
N GLU B 104 -28.96 -10.86 -12.89
CA GLU B 104 -29.98 -11.79 -12.42
C GLU B 104 -31.06 -10.89 -11.83
N ALA B 105 -30.62 -9.76 -11.32
CA ALA B 105 -31.51 -8.79 -10.71
C ALA B 105 -32.29 -7.98 -11.71
N SER B 106 -32.00 -8.16 -12.99
CA SER B 106 -32.67 -7.38 -14.03
C SER B 106 -33.68 -8.14 -14.85
N PHE B 107 -33.98 -9.37 -14.43
CA PHE B 107 -34.92 -10.22 -15.15
C PHE B 107 -36.17 -9.46 -15.59
N TRP B 108 -36.67 -9.76 -16.78
CA TRP B 108 -37.88 -9.10 -17.26
C TRP B 108 -38.47 -9.95 -18.37
N THR B 109 -39.79 -9.92 -18.54
CA THR B 109 -40.43 -10.71 -19.59
C THR B 109 -41.07 -9.84 -20.64
N ALA B 110 -41.48 -10.45 -21.73
CA ALA B 110 -42.09 -9.69 -22.79
C ALA B 110 -43.46 -9.19 -22.38
N GLU B 111 -44.09 -9.83 -21.41
CA GLU B 111 -45.41 -9.41 -20.98
C GLU B 111 -45.49 -8.22 -20.01
N GLU B 112 -44.40 -7.46 -19.88
CA GLU B 112 -44.37 -6.29 -19.03
C GLU B 112 -44.40 -5.09 -19.97
N ILE B 113 -44.32 -5.40 -21.26
CA ILE B 113 -44.32 -4.38 -22.32
C ILE B 113 -45.72 -3.93 -22.68
N ASP B 114 -46.06 -2.70 -22.32
CA ASP B 114 -47.38 -2.17 -22.65
C ASP B 114 -47.34 -1.75 -24.12
N LEU B 115 -48.12 -2.43 -24.94
CA LEU B 115 -48.16 -2.11 -26.36
C LEU B 115 -49.54 -1.59 -26.78
N SER B 116 -49.99 -0.51 -26.13
CA SER B 116 -51.29 0.05 -26.46
C SER B 116 -51.18 1.35 -27.25
N LYS B 117 -50.65 2.40 -26.63
CA LYS B 117 -50.52 3.65 -27.35
C LYS B 117 -49.73 3.42 -28.65
N ASP B 118 -48.92 2.35 -28.65
CA ASP B 118 -48.09 2.01 -29.81
C ASP B 118 -48.90 1.82 -31.09
N ILE B 119 -49.82 0.86 -31.08
CA ILE B 119 -50.63 0.60 -32.26
C ILE B 119 -51.23 1.91 -32.76
N HIS B 120 -51.61 2.79 -31.85
CA HIS B 120 -52.16 4.08 -32.24
C HIS B 120 -51.13 4.92 -33.00
N ASP B 121 -49.99 5.21 -32.36
CA ASP B 121 -48.96 6.02 -32.99
C ASP B 121 -48.46 5.44 -34.30
N TRP B 122 -48.63 4.14 -34.50
CA TRP B 122 -48.17 3.49 -35.73
C TRP B 122 -48.98 3.91 -36.95
N ASN B 123 -50.21 4.32 -36.73
CA ASN B 123 -51.06 4.74 -37.84
C ASN B 123 -51.37 6.23 -37.89
N ASN B 124 -51.52 6.88 -36.73
CA ASN B 124 -51.87 8.28 -36.69
C ASN B 124 -50.79 9.27 -36.26
N ARG B 125 -49.53 8.86 -36.25
CA ARG B 125 -48.46 9.78 -35.85
C ARG B 125 -47.20 9.55 -36.65
N MET B 126 -46.95 8.30 -36.98
CA MET B 126 -45.78 7.96 -37.76
C MET B 126 -46.14 8.04 -39.23
N ASN B 127 -45.28 8.69 -40.01
CA ASN B 127 -45.55 8.85 -41.43
C ASN B 127 -45.18 7.58 -42.18
N GLU B 128 -45.22 7.65 -43.51
CA GLU B 128 -44.91 6.49 -44.35
C GLU B 128 -43.44 6.09 -44.20
N ASN B 129 -42.56 7.09 -44.23
CA ASN B 129 -41.13 6.87 -44.11
C ASN B 129 -40.76 6.15 -42.82
N GLU B 130 -41.39 6.56 -41.73
CA GLU B 130 -41.13 5.99 -40.43
C GLU B 130 -41.64 4.57 -40.27
N ARG B 131 -42.89 4.33 -40.69
CA ARG B 131 -43.51 3.00 -40.64
C ARG B 131 -42.68 2.06 -41.49
N PHE B 132 -41.93 2.64 -42.43
CA PHE B 132 -40.97 1.77 -43.10
C PHE B 132 -39.71 1.45 -42.27
N PHE B 133 -39.00 2.50 -41.87
CA PHE B 133 -37.63 2.28 -41.29
C PHE B 133 -37.72 1.38 -40.11
N ILE B 134 -38.75 1.62 -39.32
CA ILE B 134 -38.88 0.82 -38.11
C ILE B 134 -39.23 -0.62 -38.47
N SER B 135 -40.15 -0.82 -39.40
CA SER B 135 -40.58 -2.17 -39.75
C SER B 135 -39.36 -3.02 -40.06
N ARG B 136 -38.58 -2.51 -41.00
CA ARG B 136 -37.37 -3.19 -41.42
C ARG B 136 -36.41 -3.44 -40.25
N VAL B 137 -36.19 -2.42 -39.40
CA VAL B 137 -35.31 -2.59 -38.26
C VAL B 137 -35.81 -3.65 -37.32
N LEU B 138 -37.11 -3.95 -37.36
CA LEU B 138 -37.56 -5.00 -36.47
C LEU B 138 -37.19 -6.33 -37.10
N ALA B 139 -37.51 -6.43 -38.39
CA ALA B 139 -37.21 -7.63 -39.22
C ALA B 139 -35.71 -7.97 -39.12
N PHE B 140 -34.88 -6.92 -39.10
CA PHE B 140 -33.49 -7.20 -38.73
C PHE B 140 -33.46 -7.95 -37.37
N PHE B 141 -33.99 -7.36 -36.32
CA PHE B 141 -33.67 -8.00 -35.03
C PHE B 141 -34.04 -9.44 -34.98
N ALA B 142 -35.23 -9.65 -35.53
CA ALA B 142 -35.80 -10.97 -35.61
C ALA B 142 -35.19 -11.86 -36.74
N ALA B 143 -33.91 -12.07 -36.68
CA ALA B 143 -33.22 -12.91 -37.69
C ALA B 143 -31.96 -13.43 -37.01
N SER B 144 -31.11 -12.49 -36.59
CA SER B 144 -29.89 -12.86 -35.89
C SER B 144 -30.28 -13.14 -34.44
N GLU B 150 -26.40 -20.49 -30.88
CA GLU B 150 -25.30 -21.42 -31.25
C GLU B 150 -23.94 -20.95 -30.79
N ASN B 151 -23.65 -19.66 -30.96
CA ASN B 151 -22.34 -19.20 -30.44
C ASN B 151 -22.29 -19.10 -28.96
N LEU B 152 -23.31 -18.50 -28.36
CA LEU B 152 -23.16 -18.26 -26.95
C LEU B 152 -22.94 -19.56 -26.21
N VAL B 153 -23.71 -20.54 -26.69
CA VAL B 153 -23.73 -21.81 -26.02
C VAL B 153 -22.59 -22.73 -26.36
N GLU B 154 -22.64 -23.16 -27.64
CA GLU B 154 -21.87 -24.20 -28.29
C GLU B 154 -20.45 -23.80 -28.47
N ASN B 155 -20.19 -22.54 -28.28
CA ASN B 155 -18.75 -22.21 -28.37
C ASN B 155 -18.19 -21.55 -27.10
N PHE B 156 -19.09 -21.02 -26.28
CA PHE B 156 -18.62 -20.28 -25.12
C PHE B 156 -19.03 -20.87 -23.78
N SER B 157 -20.35 -21.00 -23.62
CA SER B 157 -21.04 -21.47 -22.40
C SER B 157 -20.65 -22.90 -22.15
N THR B 158 -20.28 -23.58 -23.23
CA THR B 158 -19.57 -24.87 -23.03
C THR B 158 -18.15 -24.59 -22.45
N GLU B 159 -17.32 -23.83 -23.18
CA GLU B 159 -15.95 -23.53 -22.71
C GLU B 159 -16.11 -22.67 -21.44
N VAL B 160 -15.06 -22.21 -20.85
CA VAL B 160 -15.18 -21.42 -19.59
C VAL B 160 -15.66 -22.34 -18.47
N GLN B 161 -14.61 -22.71 -17.75
CA GLN B 161 -14.53 -23.60 -16.64
C GLN B 161 -14.64 -22.96 -15.24
N ILE B 162 -15.16 -21.75 -15.22
CA ILE B 162 -15.57 -21.11 -13.96
C ILE B 162 -17.09 -21.02 -13.78
N PRO B 163 -17.50 -21.50 -12.52
CA PRO B 163 -18.95 -21.44 -12.34
C PRO B 163 -19.57 -20.06 -12.35
N GLU B 164 -18.82 -19.10 -11.80
CA GLU B 164 -19.23 -17.73 -11.79
C GLU B 164 -19.65 -17.31 -13.19
N ALA B 165 -18.83 -17.65 -14.19
CA ALA B 165 -19.12 -17.25 -15.55
C ALA B 165 -20.23 -18.05 -16.17
N LYS B 166 -20.26 -19.35 -15.91
CA LYS B 166 -21.31 -20.20 -16.46
C LYS B 166 -22.67 -19.66 -16.07
N SER B 167 -22.77 -19.20 -14.82
CA SER B 167 -24.02 -18.63 -14.34
C SER B 167 -24.40 -17.46 -15.24
N PHE B 168 -23.46 -16.53 -15.42
CA PHE B 168 -23.71 -15.36 -16.25
C PHE B 168 -24.20 -15.73 -17.63
N TYR B 169 -23.53 -16.70 -18.23
CA TYR B 169 -23.86 -17.12 -19.59
C TYR B 169 -25.18 -17.83 -19.69
N GLY B 170 -25.49 -18.61 -18.67
CA GLY B 170 -26.75 -19.32 -18.68
C GLY B 170 -27.84 -18.29 -18.78
N PHE B 171 -27.79 -17.33 -17.86
CA PHE B 171 -28.77 -16.25 -17.79
C PHE B 171 -28.74 -15.44 -19.09
N GLN B 172 -27.56 -15.31 -19.69
CA GLN B 172 -27.43 -14.56 -20.91
C GLN B 172 -28.21 -15.25 -22.03
N ILE B 173 -28.10 -16.57 -22.10
CA ILE B 173 -28.78 -17.32 -23.12
C ILE B 173 -30.30 -17.27 -22.90
N MET B 174 -30.70 -17.36 -21.63
CA MET B 174 -32.10 -17.31 -21.24
C MET B 174 -32.72 -15.96 -21.51
N ILE B 175 -31.99 -14.90 -21.16
CA ILE B 175 -32.50 -13.56 -21.35
C ILE B 175 -32.52 -13.13 -22.82
N GLU B 176 -31.66 -13.73 -23.63
CA GLU B 176 -31.61 -13.42 -25.04
C GLU B 176 -32.82 -14.08 -25.72
N ASN B 177 -33.33 -15.16 -25.15
CA ASN B 177 -34.46 -15.84 -25.76
C ASN B 177 -35.72 -15.02 -25.56
N ILE B 178 -35.74 -14.21 -24.50
CA ILE B 178 -36.89 -13.35 -24.23
C ILE B 178 -36.81 -12.18 -25.22
N HIS B 179 -35.58 -11.75 -25.55
CA HIS B 179 -35.41 -10.71 -26.55
C HIS B 179 -36.08 -11.20 -27.83
N SER B 180 -35.66 -12.37 -28.29
CA SER B 180 -36.21 -12.95 -29.50
C SER B 180 -37.73 -12.94 -29.52
N GLU B 181 -38.34 -13.38 -28.42
CA GLU B 181 -39.80 -13.40 -28.33
C GLU B 181 -40.34 -11.98 -28.53
N THR B 182 -39.72 -11.03 -27.84
CA THR B 182 -40.10 -9.62 -27.89
C THR B 182 -40.18 -9.05 -29.31
N TYR B 183 -39.09 -9.13 -30.04
CA TYR B 183 -39.07 -8.61 -31.41
C TYR B 183 -40.16 -9.20 -32.28
N SER B 184 -40.54 -10.44 -32.04
CA SER B 184 -41.56 -11.04 -32.86
C SER B 184 -42.90 -10.54 -32.39
N LEU B 185 -43.08 -10.47 -31.08
CA LEU B 185 -44.33 -9.98 -30.52
C LEU B 185 -44.56 -8.64 -31.21
N LEU B 186 -43.57 -7.76 -31.09
CA LEU B 186 -43.59 -6.44 -31.67
C LEU B 186 -43.94 -6.47 -33.15
N ILE B 187 -43.15 -7.19 -33.94
CA ILE B 187 -43.42 -7.34 -35.37
C ILE B 187 -44.89 -7.72 -35.55
N ASP B 188 -45.30 -8.74 -34.80
CA ASP B 188 -46.64 -9.30 -34.83
C ASP B 188 -47.75 -8.37 -34.32
N THR B 189 -47.39 -7.29 -33.63
CA THR B 189 -48.38 -6.35 -33.11
C THR B 189 -48.64 -5.20 -34.08
N TYR B 190 -47.55 -4.66 -34.64
CA TYR B 190 -47.63 -3.56 -35.57
C TYR B 190 -48.05 -3.96 -36.97
N ILE B 191 -47.54 -5.08 -37.45
CA ILE B 191 -47.89 -5.57 -38.79
C ILE B 191 -48.90 -6.71 -38.63
N LYS B 192 -50.16 -6.43 -38.93
CA LYS B 192 -51.20 -7.44 -38.77
C LYS B 192 -51.57 -8.17 -40.06
N ASP B 193 -51.04 -7.72 -41.19
CA ASP B 193 -51.35 -8.38 -42.45
C ASP B 193 -50.16 -9.24 -42.89
N PRO B 194 -50.14 -10.52 -42.47
CA PRO B 194 -49.05 -11.43 -42.84
C PRO B 194 -48.69 -11.33 -44.32
N LYS B 195 -49.65 -10.86 -45.13
CA LYS B 195 -49.42 -10.68 -46.55
C LYS B 195 -48.17 -9.79 -46.65
N GLU B 196 -48.13 -8.73 -45.85
CA GLU B 196 -46.98 -7.82 -45.83
C GLU B 196 -45.82 -8.50 -45.12
N SER B 197 -46.08 -8.92 -43.88
CA SER B 197 -45.09 -9.59 -43.06
C SER B 197 -44.24 -10.53 -43.93
N GLU B 198 -44.86 -11.10 -44.97
CA GLU B 198 -44.16 -11.99 -45.86
C GLU B 198 -43.25 -11.23 -46.81
N PHE B 199 -43.78 -10.26 -47.54
CA PHE B 199 -42.94 -9.48 -48.46
C PHE B 199 -41.76 -9.03 -47.63
N LEU B 200 -42.10 -8.44 -46.48
CA LEU B 200 -41.14 -7.90 -45.53
C LEU B 200 -39.94 -8.80 -45.33
N PHE B 201 -40.19 -10.05 -44.96
CA PHE B 201 -39.11 -11.00 -44.72
C PHE B 201 -38.43 -11.53 -45.97
N ASN B 202 -39.04 -11.30 -47.14
CA ASN B 202 -38.46 -11.75 -48.39
C ASN B 202 -37.47 -10.70 -48.86
N ALA B 203 -37.90 -9.44 -48.78
CA ALA B 203 -37.05 -8.33 -49.18
C ALA B 203 -36.10 -7.96 -48.04
N ILE B 204 -35.78 -8.95 -47.21
CA ILE B 204 -34.88 -8.71 -46.09
C ILE B 204 -33.70 -9.67 -46.15
N HIS B 205 -33.83 -10.72 -46.95
CA HIS B 205 -32.76 -11.69 -47.07
C HIS B 205 -32.07 -11.57 -48.44
N THR B 206 -32.05 -10.31 -48.90
CA THR B 206 -31.40 -9.95 -50.15
C THR B 206 -30.45 -8.80 -49.82
N ILE B 207 -30.41 -8.47 -48.54
CA ILE B 207 -29.57 -7.40 -48.03
C ILE B 207 -28.13 -7.92 -48.02
N PRO B 208 -27.27 -7.34 -48.85
CA PRO B 208 -25.86 -7.73 -48.93
C PRO B 208 -25.15 -7.69 -47.58
N GLU B 209 -25.72 -7.00 -46.60
CA GLU B 209 -25.09 -6.91 -45.30
C GLU B 209 -25.11 -8.25 -44.57
N ILE B 210 -26.23 -8.97 -44.66
CA ILE B 210 -26.37 -10.27 -43.99
C ILE B 210 -25.22 -11.16 -44.46
N GLY B 211 -25.04 -11.23 -45.78
CA GLY B 211 -23.98 -12.04 -46.33
C GLY B 211 -22.65 -11.58 -45.79
N GLU B 212 -22.37 -10.29 -45.88
CA GLU B 212 -21.12 -9.71 -45.41
C GLU B 212 -20.90 -9.98 -43.94
N LYS B 213 -21.96 -9.84 -43.15
CA LYS B 213 -21.85 -10.08 -41.71
C LYS B 213 -21.46 -11.51 -41.58
N ALA B 214 -22.11 -12.36 -42.37
CA ALA B 214 -21.87 -13.79 -42.36
C ALA B 214 -20.38 -14.08 -42.54
N GLU B 215 -19.79 -13.56 -43.62
CA GLU B 215 -18.39 -13.76 -43.93
C GLU B 215 -17.50 -13.21 -42.83
N TRP B 216 -17.93 -12.12 -42.20
CA TRP B 216 -17.17 -11.52 -41.11
C TRP B 216 -17.02 -12.55 -39.99
N ALA B 217 -18.08 -13.32 -39.76
CA ALA B 217 -18.15 -14.34 -38.71
C ALA B 217 -17.37 -15.63 -38.98
N LEU B 218 -17.51 -16.18 -40.19
CA LEU B 218 -16.79 -17.39 -40.58
C LEU B 218 -15.28 -17.12 -40.45
N ARG B 219 -14.95 -15.85 -40.53
CA ARG B 219 -13.58 -15.34 -40.46
C ARG B 219 -12.98 -15.46 -39.08
N TRP B 220 -13.58 -14.81 -38.09
CA TRP B 220 -13.04 -14.84 -36.72
C TRP B 220 -13.67 -15.84 -35.77
N ILE B 221 -14.88 -16.31 -36.07
CA ILE B 221 -15.55 -17.22 -35.18
C ILE B 221 -15.73 -18.68 -35.59
N GLN B 222 -16.43 -18.91 -36.70
CA GLN B 222 -16.70 -20.27 -37.18
C GLN B 222 -15.51 -21.09 -37.68
N ASP B 223 -14.41 -20.43 -37.98
CA ASP B 223 -13.20 -21.10 -38.44
C ASP B 223 -12.47 -21.66 -37.21
N ALA B 224 -11.97 -22.88 -37.32
CA ALA B 224 -11.19 -23.54 -36.25
C ALA B 224 -9.77 -22.92 -36.24
N ASP B 225 -9.00 -23.28 -35.24
CA ASP B 225 -7.73 -22.58 -35.00
C ASP B 225 -7.98 -21.07 -34.90
N ALA B 226 -9.08 -20.79 -34.21
CA ALA B 226 -9.45 -19.38 -33.91
C ALA B 226 -9.41 -19.11 -32.39
N LEU B 227 -8.28 -18.63 -31.92
CA LEU B 227 -8.11 -18.36 -30.48
C LEU B 227 -9.34 -17.79 -29.75
N PHE B 228 -9.53 -18.26 -28.52
CA PHE B 228 -10.64 -17.85 -27.67
C PHE B 228 -10.72 -16.33 -27.56
N GLY B 229 -9.61 -15.70 -27.18
CA GLY B 229 -9.57 -14.26 -27.04
C GLY B 229 -10.05 -13.51 -28.26
N GLU B 230 -9.84 -14.08 -29.45
CA GLU B 230 -10.26 -13.41 -30.66
C GLU B 230 -11.76 -13.54 -30.80
N ARG B 231 -12.29 -14.69 -30.41
CA ARG B 231 -13.73 -14.90 -30.51
C ARG B 231 -14.45 -14.04 -29.48
N LEU B 232 -13.75 -13.67 -28.41
CA LEU B 232 -14.38 -12.82 -27.42
C LEU B 232 -14.54 -11.45 -28.04
N VAL B 233 -13.52 -10.97 -28.73
CA VAL B 233 -13.62 -9.65 -29.34
C VAL B 233 -14.69 -9.66 -30.42
N ALA B 234 -14.79 -10.76 -31.16
CA ALA B 234 -15.81 -10.84 -32.19
C ALA B 234 -17.20 -10.96 -31.57
N PHE B 235 -17.32 -11.60 -30.41
CA PHE B 235 -18.62 -11.75 -29.76
C PHE B 235 -19.07 -10.42 -29.16
N ALA B 236 -18.19 -9.76 -28.41
CA ALA B 236 -18.53 -8.46 -27.84
C ALA B 236 -18.91 -7.50 -28.97
N SER B 237 -18.32 -7.69 -30.15
CA SER B 237 -18.62 -6.85 -31.28
C SER B 237 -20.02 -7.12 -31.78
N ILE B 238 -20.54 -8.29 -31.49
CA ILE B 238 -21.87 -8.67 -31.95
C ILE B 238 -22.97 -8.11 -31.04
N GLU B 239 -22.63 -7.92 -29.77
CA GLU B 239 -23.54 -7.39 -28.76
C GLU B 239 -23.34 -5.88 -28.60
N GLY B 240 -22.08 -5.43 -28.74
CA GLY B 240 -21.79 -4.02 -28.59
C GLY B 240 -21.66 -3.11 -29.82
N VAL B 241 -21.42 -3.69 -30.99
CA VAL B 241 -21.28 -2.88 -32.21
C VAL B 241 -22.25 -3.24 -33.32
N PHE B 242 -22.45 -4.53 -33.55
CA PHE B 242 -23.31 -4.96 -34.62
C PHE B 242 -24.78 -4.65 -34.52
N PHE B 243 -25.16 -3.77 -33.62
CA PHE B 243 -26.57 -3.45 -33.52
C PHE B 243 -26.78 -2.16 -32.74
N SER B 244 -25.70 -1.43 -32.54
CA SER B 244 -25.77 -0.18 -31.81
C SER B 244 -26.52 0.80 -32.69
N GLY B 245 -26.44 0.61 -34.00
CA GLY B 245 -27.13 1.49 -34.93
C GLY B 245 -28.66 1.49 -34.85
N SER B 246 -29.25 0.32 -34.58
CA SER B 246 -30.70 0.22 -34.47
C SER B 246 -31.17 0.70 -33.10
N PHE B 247 -30.39 0.42 -32.06
CA PHE B 247 -30.77 0.82 -30.73
C PHE B 247 -30.97 2.32 -30.68
N ALA B 248 -29.95 3.06 -31.10
CA ALA B 248 -30.01 4.53 -31.12
C ALA B 248 -31.14 5.01 -32.03
N SER B 249 -31.27 4.43 -33.22
CA SER B 249 -32.31 4.85 -34.13
C SER B 249 -33.67 4.80 -33.44
N ILE B 250 -33.84 3.87 -32.51
CA ILE B 250 -35.09 3.71 -31.79
C ILE B 250 -35.15 4.63 -30.58
N PHE B 251 -34.00 5.05 -30.06
CA PHE B 251 -34.01 5.99 -28.94
C PHE B 251 -34.41 7.37 -29.49
N TRP B 252 -34.23 7.52 -30.81
CA TRP B 252 -34.55 8.74 -31.52
C TRP B 252 -36.06 8.94 -31.54
N LEU B 253 -36.79 7.83 -31.60
CA LEU B 253 -38.24 7.88 -31.61
C LEU B 253 -38.75 8.25 -30.22
N LYS B 254 -37.90 8.04 -29.21
CA LYS B 254 -38.27 8.34 -27.84
C LYS B 254 -38.31 9.86 -27.72
N LYS B 255 -37.28 10.51 -28.26
CA LYS B 255 -37.17 11.97 -28.25
C LYS B 255 -38.49 12.58 -28.72
N ARG B 256 -38.91 12.25 -29.93
CA ARG B 256 -40.16 12.76 -30.52
C ARG B 256 -41.36 11.99 -29.95
N GLY B 257 -41.26 11.62 -28.67
CA GLY B 257 -42.30 10.87 -27.98
C GLY B 257 -43.26 10.04 -28.82
N MET B 258 -42.88 8.81 -29.16
CA MET B 258 -43.74 7.92 -29.95
C MET B 258 -43.41 6.48 -29.59
N MET B 259 -44.16 5.55 -30.17
CA MET B 259 -43.99 4.12 -29.93
C MET B 259 -43.45 3.85 -28.53
N PRO B 260 -44.18 4.31 -27.51
CA PRO B 260 -43.84 4.17 -26.09
C PRO B 260 -43.49 2.76 -25.69
N GLY B 261 -44.25 1.80 -26.20
CA GLY B 261 -44.00 0.40 -25.89
C GLY B 261 -42.67 -0.05 -26.48
N LEU B 262 -42.52 0.20 -27.78
CA LEU B 262 -41.28 -0.13 -28.46
C LEU B 262 -40.14 0.47 -27.67
N THR B 263 -40.11 1.80 -27.55
CA THR B 263 -39.04 2.47 -26.83
C THR B 263 -38.69 1.78 -25.52
N PHE B 264 -39.70 1.36 -24.78
CA PHE B 264 -39.48 0.71 -23.50
C PHE B 264 -38.75 -0.64 -23.63
N SER B 265 -39.22 -1.49 -24.53
CA SER B 265 -38.57 -2.78 -24.73
C SER B 265 -37.16 -2.51 -25.23
N ASN B 266 -37.06 -1.68 -26.26
CA ASN B 266 -35.78 -1.30 -26.86
C ASN B 266 -34.77 -0.75 -25.87
N GLU B 267 -35.24 -0.38 -24.68
CA GLU B 267 -34.39 0.17 -23.64
C GLU B 267 -33.84 -0.94 -22.77
N LEU B 268 -34.72 -1.84 -22.37
CA LEU B 268 -34.35 -2.97 -21.54
C LEU B 268 -33.38 -3.86 -22.30
N ILE B 269 -33.65 -4.07 -23.58
CA ILE B 269 -32.81 -4.91 -24.44
C ILE B 269 -31.41 -4.34 -24.53
N CYS B 270 -31.32 -3.07 -24.94
CA CYS B 270 -30.03 -2.39 -25.06
C CYS B 270 -29.32 -2.54 -23.73
N ARG B 271 -29.97 -2.13 -22.65
CA ARG B 271 -29.33 -2.27 -21.36
C ARG B 271 -28.65 -3.63 -21.26
N ASP B 272 -29.42 -4.67 -21.57
CA ASP B 272 -28.98 -6.05 -21.54
C ASP B 272 -27.75 -6.30 -22.39
N GLU B 273 -27.86 -6.09 -23.71
CA GLU B 273 -26.74 -6.32 -24.63
C GLU B 273 -25.51 -5.57 -24.21
N GLY B 274 -25.67 -4.60 -23.33
CA GLY B 274 -24.52 -3.87 -22.86
C GLY B 274 -23.90 -4.67 -21.74
N LEU B 275 -24.74 -5.07 -20.81
CA LEU B 275 -24.31 -5.87 -19.67
C LEU B 275 -23.47 -7.03 -20.24
N HIS B 276 -23.98 -7.58 -21.33
CA HIS B 276 -23.37 -8.68 -22.05
C HIS B 276 -22.01 -8.32 -22.66
N THR B 277 -21.95 -7.22 -23.41
CA THR B 277 -20.70 -6.78 -24.01
C THR B 277 -19.67 -6.54 -22.92
N ASP B 278 -19.99 -5.71 -21.94
CA ASP B 278 -19.08 -5.44 -20.84
C ASP B 278 -18.45 -6.74 -20.32
N PHE B 279 -19.28 -7.77 -20.14
CA PHE B 279 -18.81 -9.07 -19.64
C PHE B 279 -17.66 -9.64 -20.46
N ALA B 280 -17.78 -9.57 -21.79
CA ALA B 280 -16.72 -10.09 -22.66
C ALA B 280 -15.41 -9.42 -22.26
N CYS B 281 -15.48 -8.10 -22.15
CA CYS B 281 -14.32 -7.32 -21.79
C CYS B 281 -13.79 -7.88 -20.50
N LEU B 282 -14.63 -7.90 -19.50
CA LEU B 282 -14.22 -8.40 -18.21
C LEU B 282 -13.49 -9.73 -18.35
N LEU B 283 -14.02 -10.64 -19.16
CA LEU B 283 -13.40 -11.95 -19.33
C LEU B 283 -12.11 -11.88 -20.10
N PHE B 284 -12.02 -10.94 -21.04
CA PHE B 284 -10.82 -10.74 -21.83
C PHE B 284 -9.69 -10.46 -20.84
N ALA B 285 -9.98 -9.59 -19.89
CA ALA B 285 -9.07 -9.19 -18.84
C ALA B 285 -8.43 -10.34 -18.09
N HIS B 286 -9.18 -11.40 -17.86
CA HIS B 286 -8.66 -12.54 -17.12
C HIS B 286 -7.75 -13.40 -18.00
N LEU B 287 -7.85 -13.23 -19.31
CA LEU B 287 -7.00 -13.97 -20.24
C LEU B 287 -5.55 -13.59 -19.96
N LYS B 288 -4.65 -14.57 -20.07
CA LYS B 288 -3.21 -14.34 -19.85
C LYS B 288 -2.59 -14.09 -21.21
N ASN B 289 -2.95 -14.89 -22.19
CA ASN B 289 -2.43 -14.71 -23.54
C ASN B 289 -3.49 -13.99 -24.35
N LYS B 290 -3.45 -12.67 -24.36
CA LYS B 290 -4.42 -11.88 -25.12
C LYS B 290 -3.98 -11.78 -26.57
N PRO B 291 -4.92 -11.57 -27.48
CA PRO B 291 -4.62 -11.45 -28.91
C PRO B 291 -3.79 -10.22 -29.24
N ASP B 292 -3.22 -10.21 -30.44
CA ASP B 292 -2.42 -9.09 -30.92
C ASP B 292 -3.35 -7.90 -31.10
N PRO B 293 -3.08 -6.80 -30.40
CA PRO B 293 -3.89 -5.60 -30.49
C PRO B 293 -4.38 -5.30 -31.90
N ALA B 294 -3.57 -5.66 -32.89
CA ALA B 294 -3.93 -5.45 -34.29
C ALA B 294 -5.23 -6.17 -34.63
N ILE B 295 -5.36 -7.42 -34.16
CA ILE B 295 -6.55 -8.21 -34.44
C ILE B 295 -7.76 -7.61 -33.70
N VAL B 296 -7.60 -7.41 -32.41
CA VAL B 296 -8.64 -6.80 -31.61
C VAL B 296 -9.21 -5.59 -32.36
N GLU B 297 -8.34 -4.76 -32.93
CA GLU B 297 -8.75 -3.57 -33.66
C GLU B 297 -9.36 -3.89 -35.01
N LYS B 298 -8.82 -4.91 -35.68
CA LYS B 298 -9.30 -5.29 -37.00
C LYS B 298 -10.67 -5.96 -37.00
N ILE B 299 -10.96 -6.76 -35.98
CA ILE B 299 -12.26 -7.46 -35.89
C ILE B 299 -13.36 -6.45 -35.70
N VAL B 300 -13.15 -5.57 -34.72
CA VAL B 300 -14.10 -4.51 -34.38
C VAL B 300 -14.36 -3.65 -35.59
N THR B 301 -13.26 -3.21 -36.17
CA THR B 301 -13.26 -2.36 -37.32
C THR B 301 -14.05 -2.94 -38.48
N GLU B 302 -13.85 -4.21 -38.80
CA GLU B 302 -14.59 -4.78 -39.91
C GLU B 302 -16.08 -4.79 -39.59
N ALA B 303 -16.40 -4.91 -38.30
CA ALA B 303 -17.79 -4.93 -37.83
C ALA B 303 -18.43 -3.58 -38.14
N VAL B 304 -17.84 -2.55 -37.55
CA VAL B 304 -18.30 -1.16 -37.73
C VAL B 304 -18.66 -0.89 -39.18
N GLU B 305 -17.76 -1.25 -40.06
CA GLU B 305 -17.96 -1.00 -41.46
C GLU B 305 -19.16 -1.73 -42.01
N ILE B 306 -19.45 -2.93 -41.52
CA ILE B 306 -20.60 -3.65 -42.06
C ILE B 306 -21.83 -3.00 -41.47
N GLU B 307 -21.70 -2.55 -40.21
CA GLU B 307 -22.79 -1.87 -39.49
C GLU B 307 -23.18 -0.53 -40.11
N GLN B 308 -22.18 0.29 -40.46
CA GLN B 308 -22.43 1.59 -41.08
C GLN B 308 -23.09 1.34 -42.42
N ARG B 309 -22.57 0.35 -43.13
CA ARG B 309 -23.06 0.02 -44.44
C ARG B 309 -24.47 -0.52 -44.36
N TYR B 310 -24.94 -0.83 -43.15
CA TYR B 310 -26.31 -1.32 -42.99
C TYR B 310 -27.23 -0.15 -43.33
N PHE B 311 -26.82 1.04 -42.88
CA PHE B 311 -27.58 2.27 -43.06
C PHE B 311 -27.25 3.22 -44.20
N LEU B 312 -26.24 2.90 -45.00
CA LEU B 312 -25.89 3.75 -46.12
C LEU B 312 -26.21 2.95 -47.38
N ASP B 313 -26.91 1.83 -47.16
CA ASP B 313 -27.30 0.94 -48.25
C ASP B 313 -28.72 0.47 -48.09
N ALA B 314 -29.00 -0.24 -47.00
CA ALA B 314 -30.34 -0.77 -46.78
C ALA B 314 -31.32 0.23 -46.13
N LEU B 315 -31.08 0.57 -44.87
CA LEU B 315 -31.95 1.51 -44.15
C LEU B 315 -31.32 2.88 -43.92
N PRO B 316 -31.74 3.90 -44.66
CA PRO B 316 -31.16 5.23 -44.45
C PRO B 316 -31.77 5.90 -43.21
N VAL B 317 -30.96 6.29 -42.24
CA VAL B 317 -31.50 6.92 -41.03
C VAL B 317 -32.26 8.19 -41.35
N ALA B 318 -32.03 8.70 -42.56
CA ALA B 318 -32.73 9.89 -43.00
C ALA B 318 -34.22 9.61 -42.92
N LEU B 319 -34.60 8.41 -43.35
CA LEU B 319 -36.00 7.98 -43.35
C LEU B 319 -36.80 8.32 -42.10
N LEU B 320 -36.13 8.54 -40.99
CA LEU B 320 -36.83 8.87 -39.78
C LEU B 320 -36.21 10.12 -39.14
N GLY B 321 -35.74 11.00 -40.02
CA GLY B 321 -35.17 12.25 -39.61
C GLY B 321 -33.75 12.26 -39.06
N MET B 322 -32.98 11.21 -39.30
CA MET B 322 -31.63 11.21 -38.77
C MET B 322 -30.54 11.59 -39.76
N ASN B 323 -29.41 12.03 -39.23
CA ASN B 323 -28.29 12.42 -40.08
C ASN B 323 -27.27 11.31 -40.29
N ALA B 324 -27.29 10.69 -41.48
CA ALA B 324 -26.35 9.60 -41.79
C ALA B 324 -24.92 9.85 -41.32
N ASP B 325 -24.45 11.08 -41.42
CA ASP B 325 -23.10 11.40 -40.99
C ASP B 325 -22.92 11.18 -39.51
N LEU B 326 -23.94 11.52 -38.75
CA LEU B 326 -23.88 11.36 -37.31
C LEU B 326 -24.01 9.90 -36.91
N MET B 327 -24.84 9.15 -37.63
CA MET B 327 -25.01 7.74 -37.34
C MET B 327 -23.66 7.07 -37.52
N ASN B 328 -23.10 7.23 -38.71
CA ASN B 328 -21.80 6.66 -39.01
C ASN B 328 -20.88 7.00 -37.88
N GLN B 329 -20.94 8.25 -37.43
CA GLN B 329 -20.09 8.72 -36.34
C GLN B 329 -20.34 8.05 -35.00
N TYR B 330 -21.59 7.64 -34.76
CA TYR B 330 -21.92 6.98 -33.50
C TYR B 330 -21.32 5.58 -33.49
N VAL B 331 -21.62 4.81 -34.53
CA VAL B 331 -21.09 3.46 -34.61
C VAL B 331 -19.60 3.50 -34.34
N GLU B 332 -18.93 4.52 -34.88
CA GLU B 332 -17.49 4.68 -34.68
C GLU B 332 -17.22 4.96 -33.21
N PHE B 333 -18.04 5.81 -32.60
CA PHE B 333 -17.87 6.12 -31.18
C PHE B 333 -17.95 4.83 -30.38
N VAL B 334 -19.05 4.09 -30.60
CA VAL B 334 -19.34 2.83 -29.92
C VAL B 334 -18.18 1.82 -29.99
N ALA B 335 -17.64 1.63 -31.20
CA ALA B 335 -16.51 0.73 -31.38
C ALA B 335 -15.33 1.26 -30.59
N ASP B 336 -15.02 2.52 -30.81
CA ASP B 336 -13.93 3.22 -30.13
C ASP B 336 -13.99 2.89 -28.65
N ARG B 337 -15.18 3.09 -28.09
CA ARG B 337 -15.44 2.83 -26.67
C ARG B 337 -15.10 1.40 -26.28
N LEU B 338 -15.44 0.47 -27.15
CA LEU B 338 -15.18 -0.95 -26.91
C LEU B 338 -13.68 -1.21 -26.93
N LEU B 339 -13.00 -0.65 -27.93
CA LEU B 339 -11.57 -0.83 -28.04
C LEU B 339 -10.89 -0.51 -26.72
N VAL B 340 -11.17 0.66 -26.16
CA VAL B 340 -10.56 1.03 -24.89
C VAL B 340 -10.88 -0.01 -23.82
N ALA B 341 -12.09 -0.55 -23.89
CA ALA B 341 -12.54 -1.55 -22.92
C ALA B 341 -11.69 -2.79 -23.00
N PHE B 342 -11.17 -3.02 -24.20
CA PHE B 342 -10.33 -4.18 -24.49
C PHE B 342 -8.83 -3.94 -24.24
N GLY B 343 -8.45 -2.68 -24.07
CA GLY B 343 -7.05 -2.35 -23.85
C GLY B 343 -6.42 -1.59 -25.02
N ASN B 344 -6.93 -1.79 -26.23
CA ASN B 344 -6.41 -1.09 -27.41
C ASN B 344 -6.65 0.42 -27.25
N LYS B 345 -6.35 1.17 -28.29
CA LYS B 345 -6.48 2.63 -28.30
C LYS B 345 -7.54 3.08 -29.29
N LYS B 346 -8.27 4.15 -28.98
CA LYS B 346 -9.28 4.69 -29.89
C LYS B 346 -8.68 4.80 -31.30
N TYR B 347 -9.27 4.09 -32.25
CA TYR B 347 -8.78 4.17 -33.62
C TYR B 347 -9.56 5.25 -34.36
N TYR B 348 -10.82 5.41 -33.99
CA TYR B 348 -11.61 6.40 -34.75
C TYR B 348 -11.35 7.82 -34.30
N LYS B 349 -11.32 7.95 -32.99
CA LYS B 349 -11.10 9.17 -32.23
C LYS B 349 -12.22 10.21 -32.36
N VAL B 350 -13.30 9.73 -32.96
CA VAL B 350 -14.54 10.52 -33.03
C VAL B 350 -15.23 10.58 -31.63
N GLU B 351 -16.36 11.30 -31.53
CA GLU B 351 -17.10 11.42 -30.28
C GLU B 351 -18.60 11.19 -30.44
N ASN B 352 -19.26 11.03 -29.30
CA ASN B 352 -20.70 10.77 -29.22
C ASN B 352 -21.56 11.82 -29.89
N PRO B 353 -21.96 11.59 -31.15
CA PRO B 353 -22.78 12.56 -31.86
C PRO B 353 -24.22 12.62 -31.37
N PHE B 354 -24.53 11.85 -30.34
CA PHE B 354 -25.89 11.86 -29.82
C PHE B 354 -25.87 12.06 -28.30
N ASP B 355 -26.79 12.88 -27.81
CA ASP B 355 -26.87 13.14 -26.39
C ASP B 355 -27.91 12.22 -25.78
N PHE B 356 -28.90 11.81 -26.59
CA PHE B 356 -29.94 10.91 -26.08
C PHE B 356 -29.42 9.50 -25.82
N MET B 357 -28.19 9.23 -26.27
CA MET B 357 -27.57 7.94 -26.05
C MET B 357 -26.61 8.06 -24.88
N GLU B 358 -26.62 9.22 -24.23
CA GLU B 358 -25.76 9.46 -23.07
C GLU B 358 -26.15 8.47 -21.98
N ASN B 359 -27.46 8.21 -21.88
CA ASN B 359 -28.05 7.28 -20.91
C ASN B 359 -27.69 7.54 -19.44
N LEU C 26 -22.73 -42.70 17.86
CA LEU C 26 -21.54 -42.86 16.99
C LEU C 26 -21.77 -43.67 15.71
N ASN C 27 -20.68 -44.01 15.05
CA ASN C 27 -20.71 -44.79 13.82
C ASN C 27 -21.40 -46.10 14.14
N LYS C 28 -21.50 -46.37 15.44
CA LYS C 28 -22.12 -47.59 15.93
C LYS C 28 -23.53 -47.72 15.36
N GLU C 29 -24.39 -46.76 15.71
CA GLU C 29 -25.76 -46.78 15.23
C GLU C 29 -25.80 -46.83 13.72
N LEU C 30 -24.95 -46.01 13.11
CA LEU C 30 -24.88 -45.98 11.67
C LEU C 30 -24.69 -47.41 11.18
N GLU C 31 -23.78 -48.13 11.83
CA GLU C 31 -23.50 -49.51 11.47
C GLU C 31 -24.74 -50.38 11.65
N THR C 32 -25.40 -50.25 12.80
CA THR C 32 -26.59 -51.06 13.05
C THR C 32 -27.58 -50.81 11.91
N LEU C 33 -27.80 -49.53 11.62
CA LEU C 33 -28.71 -49.07 10.58
C LEU C 33 -28.39 -49.58 9.16
N ARG C 34 -27.12 -49.52 8.78
CA ARG C 34 -26.72 -50.01 7.47
C ARG C 34 -26.90 -51.51 7.50
N GLU C 35 -26.60 -52.11 8.66
CA GLU C 35 -26.73 -53.55 8.86
C GLU C 35 -28.15 -54.03 8.58
N GLU C 36 -29.14 -53.39 9.21
CA GLU C 36 -30.53 -53.77 9.00
C GLU C 36 -30.85 -53.81 7.51
N ASN C 37 -30.12 -53.01 6.75
CA ASN C 37 -30.32 -52.92 5.31
C ASN C 37 -29.04 -53.24 4.55
N ARG C 38 -28.33 -54.26 5.03
CA ARG C 38 -27.10 -54.69 4.38
C ARG C 38 -27.52 -55.74 3.38
N VAL C 39 -28.43 -56.59 3.79
CA VAL C 39 -28.93 -57.66 2.93
C VAL C 39 -29.60 -57.09 1.68
N LYS C 40 -30.60 -56.23 1.88
CA LYS C 40 -31.32 -55.62 0.78
C LYS C 40 -30.37 -54.82 -0.12
N SER C 41 -29.43 -54.11 0.49
CA SER C 41 -28.43 -53.30 -0.24
C SER C 41 -27.70 -54.16 -1.27
N ASP C 42 -27.01 -55.17 -0.77
CA ASP C 42 -26.24 -56.09 -1.61
C ASP C 42 -27.10 -56.77 -2.67
N MET C 43 -28.34 -57.08 -2.32
CA MET C 43 -29.25 -57.71 -3.27
C MET C 43 -29.21 -56.81 -4.49
N LEU C 44 -29.28 -55.50 -4.22
CA LEU C 44 -29.23 -54.51 -5.29
C LEU C 44 -27.85 -54.31 -5.88
N LYS C 45 -26.85 -54.14 -5.01
CA LYS C 45 -25.41 -54.00 -5.28
C LYS C 45 -24.94 -55.08 -6.25
N GLU C 46 -25.56 -56.28 -6.11
CA GLU C 46 -25.37 -57.38 -7.04
C GLU C 46 -26.25 -57.34 -8.29
N LYS C 47 -27.49 -56.89 -8.14
CA LYS C 47 -28.45 -56.73 -9.23
C LYS C 47 -28.15 -55.61 -10.23
N LEU C 48 -27.19 -54.75 -9.87
CA LEU C 48 -26.67 -53.81 -10.82
C LEU C 48 -25.45 -54.27 -11.66
N SER C 49 -24.50 -54.94 -10.97
CA SER C 49 -23.17 -55.25 -11.49
C SER C 49 -23.12 -55.95 -12.81
N LYS C 50 -23.99 -56.93 -12.91
CA LYS C 50 -24.16 -57.67 -14.17
C LYS C 50 -25.11 -56.90 -15.13
N ASP C 51 -25.03 -55.61 -15.01
CA ASP C 51 -25.73 -54.73 -15.96
C ASP C 51 -24.72 -54.10 -16.94
N ALA C 52 -23.46 -54.01 -16.50
CA ALA C 52 -22.39 -53.43 -17.33
C ALA C 52 -22.13 -54.44 -18.43
N GLU C 53 -22.43 -55.70 -18.13
CA GLU C 53 -22.25 -56.77 -19.09
C GLU C 53 -23.53 -56.97 -19.89
N ASN C 54 -24.64 -57.25 -19.20
CA ASN C 54 -25.92 -57.44 -19.87
C ASN C 54 -26.12 -56.40 -20.97
N HIS C 55 -25.45 -55.25 -20.80
CA HIS C 55 -25.53 -54.18 -21.77
C HIS C 55 -24.64 -54.52 -22.97
N LYS C 56 -23.35 -54.70 -22.73
CA LYS C 56 -22.44 -55.06 -23.81
C LYS C 56 -23.11 -56.14 -24.64
N ALA C 57 -23.69 -57.12 -23.95
CA ALA C 57 -24.38 -58.24 -24.58
C ALA C 57 -25.45 -57.74 -25.56
N LEU C 69 -32.28 -47.13 -36.48
CA LEU C 69 -32.96 -46.13 -35.66
C LEU C 69 -32.16 -44.83 -35.65
N LYS C 70 -30.93 -44.89 -35.15
CA LYS C 70 -30.05 -43.72 -35.08
C LYS C 70 -29.91 -43.03 -36.44
N GLU C 71 -30.19 -43.78 -37.51
CA GLU C 71 -30.10 -43.21 -38.85
C GLU C 71 -31.40 -42.51 -39.18
N MET C 72 -32.52 -43.06 -38.70
CA MET C 72 -33.82 -42.45 -38.92
C MET C 72 -33.97 -41.26 -38.00
N GLU C 73 -33.14 -41.24 -36.95
CA GLU C 73 -33.14 -40.17 -35.98
C GLU C 73 -33.12 -38.84 -36.74
N LYS C 74 -32.33 -38.80 -37.80
CA LYS C 74 -32.20 -37.61 -38.64
C LYS C 74 -33.53 -37.18 -39.27
N GLU C 75 -34.60 -37.88 -38.92
CA GLU C 75 -35.91 -37.55 -39.47
C GLU C 75 -37.03 -37.27 -38.44
N GLU C 76 -36.62 -37.12 -37.18
CA GLU C 76 -37.57 -36.79 -36.13
C GLU C 76 -37.76 -35.29 -36.24
N PRO C 77 -39.02 -34.83 -36.38
CA PRO C 77 -39.25 -33.39 -36.50
C PRO C 77 -38.53 -32.61 -35.41
N LEU C 78 -38.64 -33.08 -34.17
CA LEU C 78 -38.01 -32.39 -33.06
C LEU C 78 -36.53 -32.20 -33.27
N LEU C 79 -35.96 -32.90 -34.25
CA LEU C 79 -34.53 -32.78 -34.47
C LEU C 79 -34.06 -32.10 -35.76
N ASN C 80 -34.98 -31.49 -36.51
CA ASN C 80 -34.58 -30.82 -37.74
C ASN C 80 -35.19 -29.44 -37.95
N GLU C 81 -34.32 -28.48 -38.28
CA GLU C 81 -34.69 -27.08 -38.51
C GLU C 81 -35.76 -26.93 -39.58
N ASP C 82 -36.79 -26.15 -39.26
CA ASP C 82 -37.85 -25.89 -40.22
C ASP C 82 -37.61 -24.52 -40.85
N LYS C 83 -36.56 -24.43 -41.66
CA LYS C 83 -36.18 -23.18 -42.31
C LYS C 83 -37.28 -22.36 -42.97
N GLU C 84 -38.50 -22.90 -42.98
CA GLU C 84 -39.66 -22.21 -43.53
C GLU C 84 -40.20 -21.37 -42.37
N ARG C 85 -39.33 -21.05 -41.42
CA ARG C 85 -39.76 -20.31 -40.26
C ARG C 85 -38.70 -19.38 -39.67
N THR C 86 -39.02 -18.09 -39.57
CA THR C 86 -38.09 -17.17 -38.88
C THR C 86 -38.94 -16.33 -37.89
N VAL C 87 -40.17 -16.07 -38.34
CA VAL C 87 -41.29 -15.37 -37.66
C VAL C 87 -41.22 -15.46 -36.15
N LEU C 88 -40.87 -16.69 -35.76
CA LEU C 88 -40.33 -17.00 -34.43
C LEU C 88 -41.34 -16.77 -33.35
N PHE C 89 -42.56 -16.74 -33.88
CA PHE C 89 -43.76 -16.73 -33.05
C PHE C 89 -44.84 -17.69 -33.52
N PRO C 90 -45.63 -17.31 -34.64
CA PRO C 90 -46.64 -18.33 -34.86
C PRO C 90 -46.43 -19.62 -34.10
N ILE C 91 -47.21 -19.75 -33.03
CA ILE C 91 -46.87 -20.86 -32.11
C ILE C 91 -47.29 -22.14 -32.79
N LYS C 92 -46.31 -22.99 -33.07
CA LYS C 92 -46.63 -24.25 -33.74
C LYS C 92 -46.77 -25.33 -32.66
N TYR C 93 -45.86 -25.31 -31.69
CA TYR C 93 -45.87 -26.29 -30.61
C TYR C 93 -46.41 -25.71 -29.30
N HIS C 94 -47.72 -25.48 -29.24
CA HIS C 94 -48.35 -24.90 -28.06
C HIS C 94 -48.06 -25.66 -26.79
N GLU C 95 -48.17 -26.99 -26.86
CA GLU C 95 -47.96 -27.84 -25.71
C GLU C 95 -46.58 -27.55 -25.08
N ILE C 96 -45.55 -27.45 -25.91
CA ILE C 96 -44.22 -27.14 -25.45
C ILE C 96 -44.22 -25.73 -24.89
N TRP C 97 -44.48 -24.76 -25.75
CA TRP C 97 -44.52 -23.36 -25.34
C TRP C 97 -45.12 -23.25 -23.95
N GLN C 98 -46.36 -23.70 -23.86
CA GLN C 98 -47.10 -23.67 -22.61
C GLN C 98 -46.18 -24.09 -21.47
N ALA C 99 -45.29 -25.03 -21.74
CA ALA C 99 -44.38 -25.51 -20.72
C ALA C 99 -43.37 -24.45 -20.42
N TYR C 100 -42.96 -23.72 -21.45
CA TYR C 100 -41.97 -22.66 -21.24
C TYR C 100 -42.55 -21.58 -20.34
N LYS C 101 -43.73 -21.06 -20.73
CA LYS C 101 -44.41 -20.01 -19.98
C LYS C 101 -44.70 -20.43 -18.55
N ARG C 102 -45.21 -21.65 -18.39
CA ARG C 102 -45.50 -22.15 -17.06
C ARG C 102 -44.24 -22.08 -16.19
N ALA C 103 -43.07 -22.18 -16.82
CA ALA C 103 -41.80 -22.15 -16.08
C ALA C 103 -41.09 -20.80 -16.08
N GLU C 104 -41.44 -19.94 -17.02
CA GLU C 104 -40.85 -18.61 -17.09
C GLU C 104 -41.52 -17.80 -16.00
N ALA C 105 -42.78 -18.14 -15.75
CA ALA C 105 -43.58 -17.48 -14.76
C ALA C 105 -43.23 -17.89 -13.33
N SER C 106 -42.34 -18.86 -13.19
CA SER C 106 -41.97 -19.34 -11.86
C SER C 106 -40.61 -18.89 -11.39
N PHE C 107 -39.95 -18.04 -12.16
CA PHE C 107 -38.63 -17.55 -11.80
C PHE C 107 -38.48 -17.23 -10.30
N TRP C 108 -37.33 -17.53 -9.72
CA TRP C 108 -37.09 -17.25 -8.32
C TRP C 108 -35.60 -17.28 -8.08
N THR C 109 -35.14 -16.51 -7.10
CA THR C 109 -33.71 -16.45 -6.82
C THR C 109 -33.40 -16.97 -5.44
N ALA C 110 -32.12 -17.22 -5.17
CA ALA C 110 -31.72 -17.74 -3.88
C ALA C 110 -31.95 -16.72 -2.80
N GLU C 111 -31.99 -15.45 -3.17
CA GLU C 111 -32.17 -14.39 -2.19
C GLU C 111 -33.60 -14.13 -1.69
N GLU C 112 -34.52 -15.06 -1.96
CA GLU C 112 -35.90 -14.94 -1.52
C GLU C 112 -36.05 -15.94 -0.39
N ILE C 113 -34.99 -16.71 -0.18
CA ILE C 113 -35.00 -17.73 0.86
C ILE C 113 -34.62 -17.16 2.23
N ASP C 114 -35.61 -17.13 3.14
CA ASP C 114 -35.35 -16.63 4.48
C ASP C 114 -34.67 -17.75 5.26
N LEU C 115 -33.42 -17.53 5.65
CA LEU C 115 -32.63 -18.54 6.37
C LEU C 115 -32.36 -18.09 7.83
N SER C 116 -33.42 -17.65 8.48
CA SER C 116 -33.13 -17.19 9.84
C SER C 116 -33.38 -18.24 10.92
N LYS C 117 -34.62 -18.67 10.95
CA LYS C 117 -35.19 -19.63 11.95
C LYS C 117 -34.48 -20.95 11.86
N ASP C 118 -34.04 -21.19 10.62
CA ASP C 118 -33.18 -22.27 10.21
C ASP C 118 -31.92 -22.43 11.07
N ILE C 119 -31.03 -21.43 11.09
CA ILE C 119 -29.81 -21.52 11.91
C ILE C 119 -30.16 -21.91 13.34
N HIS C 120 -31.27 -21.37 13.84
CA HIS C 120 -31.71 -21.68 15.20
C HIS C 120 -32.06 -23.17 15.34
N ASP C 121 -33.01 -23.63 14.51
CA ASP C 121 -33.44 -25.02 14.57
C ASP C 121 -32.32 -26.02 14.34
N TRP C 122 -31.25 -25.58 13.69
CA TRP C 122 -30.12 -26.46 13.40
C TRP C 122 -29.35 -26.82 14.66
N ASN C 123 -29.42 -25.98 15.68
CA ASN C 123 -28.70 -26.25 16.90
C ASN C 123 -29.59 -26.60 18.11
N ASN C 124 -30.76 -25.96 18.19
CA ASN C 124 -31.64 -26.19 19.34
C ASN C 124 -32.92 -27.00 19.11
N ARG C 125 -33.01 -27.70 17.99
CA ARG C 125 -34.21 -28.48 17.73
C ARG C 125 -33.90 -29.79 17.03
N MET C 126 -32.89 -29.74 16.17
CA MET C 126 -32.47 -30.94 15.44
C MET C 126 -31.43 -31.67 16.27
N ASN C 127 -31.61 -32.98 16.41
CA ASN C 127 -30.68 -33.77 17.20
C ASN C 127 -29.42 -34.05 16.40
N GLU C 128 -28.56 -34.91 16.94
CA GLU C 128 -27.31 -35.26 16.30
C GLU C 128 -27.56 -36.05 15.01
N ASN C 129 -28.49 -37.00 15.08
CA ASN C 129 -28.84 -37.84 13.93
C ASN C 129 -29.34 -37.01 12.75
N GLU C 130 -30.15 -36.00 13.05
CA GLU C 130 -30.75 -35.11 12.04
C GLU C 130 -29.75 -34.16 11.42
N ARG C 131 -28.92 -33.53 12.26
CA ARG C 131 -27.87 -32.64 11.71
C ARG C 131 -26.99 -33.44 10.72
N PHE C 132 -26.79 -34.70 11.06
CA PHE C 132 -26.08 -35.51 10.10
C PHE C 132 -26.82 -35.77 8.78
N PHE C 133 -28.00 -36.37 8.86
CA PHE C 133 -28.61 -36.84 7.58
C PHE C 133 -28.77 -35.70 6.63
N ILE C 134 -29.19 -34.58 7.20
CA ILE C 134 -29.44 -33.43 6.32
C ILE C 134 -28.14 -32.92 5.75
N SER C 135 -27.11 -32.84 6.57
CA SER C 135 -25.82 -32.30 6.10
C SER C 135 -25.39 -33.04 4.85
N ARG C 136 -25.35 -34.35 5.00
CA ARG C 136 -24.96 -35.21 3.91
C ARG C 136 -25.86 -35.04 2.69
N VAL C 137 -27.18 -34.95 2.91
CA VAL C 137 -28.08 -34.80 1.78
C VAL C 137 -27.88 -33.45 1.08
N LEU C 138 -27.27 -32.49 1.77
CA LEU C 138 -27.00 -31.26 1.06
C LEU C 138 -25.78 -31.46 0.18
N ALA C 139 -24.76 -32.04 0.79
CA ALA C 139 -23.47 -32.33 0.12
C ALA C 139 -23.70 -33.15 -1.15
N PHE C 140 -24.63 -34.11 -1.08
CA PHE C 140 -25.14 -34.82 -2.25
C PHE C 140 -25.57 -33.75 -3.33
N PHE C 141 -26.56 -32.90 -2.99
CA PHE C 141 -27.12 -32.03 -4.02
C PHE C 141 -26.06 -31.22 -4.67
N ALA C 142 -25.15 -30.77 -3.84
CA ALA C 142 -24.07 -29.90 -4.30
C ALA C 142 -22.86 -30.66 -4.86
N ALA C 143 -23.22 -31.54 -5.77
CA ALA C 143 -22.14 -32.29 -6.48
C ALA C 143 -22.55 -32.49 -7.94
N SER C 144 -23.71 -33.12 -8.08
CA SER C 144 -24.32 -33.41 -9.38
C SER C 144 -25.00 -32.13 -9.84
N GLU C 150 -23.57 -29.97 -18.47
CA GLU C 150 -23.07 -30.58 -19.69
C GLU C 150 -24.14 -31.35 -20.47
N ASN C 151 -24.92 -32.17 -19.78
CA ASN C 151 -25.97 -32.91 -20.51
C ASN C 151 -27.06 -32.04 -21.02
N LEU C 152 -27.60 -31.18 -20.16
CA LEU C 152 -28.76 -30.41 -20.54
C LEU C 152 -28.45 -29.51 -21.73
N VAL C 153 -27.17 -29.12 -21.83
CA VAL C 153 -26.88 -28.23 -22.92
C VAL C 153 -26.38 -28.87 -24.21
N GLU C 154 -25.28 -29.58 -23.98
CA GLU C 154 -24.31 -30.10 -24.94
C GLU C 154 -24.87 -31.24 -25.67
N ASN C 155 -25.75 -31.95 -24.96
CA ASN C 155 -26.38 -33.06 -25.64
C ASN C 155 -27.81 -32.78 -26.10
N PHE C 156 -28.47 -31.83 -25.42
CA PHE C 156 -29.89 -31.62 -25.66
C PHE C 156 -30.26 -30.25 -26.20
N SER C 157 -29.90 -29.22 -25.44
CA SER C 157 -30.26 -27.83 -25.80
C SER C 157 -29.72 -27.56 -27.20
N THR C 158 -28.53 -28.09 -27.47
CA THR C 158 -27.96 -28.09 -28.82
C THR C 158 -28.89 -28.84 -29.82
N GLU C 159 -29.19 -30.12 -29.59
CA GLU C 159 -30.12 -30.86 -30.45
C GLU C 159 -31.47 -30.20 -30.19
N VAL C 160 -32.53 -30.69 -30.84
CA VAL C 160 -33.87 -30.13 -30.70
C VAL C 160 -33.89 -28.77 -31.44
N GLN C 161 -34.45 -28.85 -32.63
CA GLN C 161 -34.54 -27.78 -33.60
C GLN C 161 -35.90 -27.00 -33.55
N ILE C 162 -36.53 -26.96 -32.42
CA ILE C 162 -37.79 -26.19 -32.35
C ILE C 162 -37.55 -25.11 -31.28
N PRO C 163 -37.78 -23.84 -31.66
CA PRO C 163 -37.61 -22.70 -30.76
C PRO C 163 -38.37 -22.83 -29.46
N GLU C 164 -39.60 -23.33 -29.56
CA GLU C 164 -40.42 -23.50 -28.39
C GLU C 164 -39.66 -24.27 -27.33
N ALA C 165 -38.99 -25.35 -27.73
CA ALA C 165 -38.25 -26.17 -26.78
C ALA C 165 -36.96 -25.54 -26.31
N LYS C 166 -36.22 -24.92 -27.23
CA LYS C 166 -34.96 -24.27 -26.87
C LYS C 166 -35.22 -23.25 -25.78
N SER C 167 -36.34 -22.54 -25.86
CA SER C 167 -36.66 -21.58 -24.84
C SER C 167 -36.76 -22.31 -23.51
N PHE C 168 -37.56 -23.38 -23.48
CA PHE C 168 -37.70 -24.11 -22.24
C PHE C 168 -36.37 -24.56 -21.66
N TYR C 169 -35.51 -25.09 -22.52
CA TYR C 169 -34.20 -25.59 -22.09
C TYR C 169 -33.28 -24.50 -21.60
N GLY C 170 -33.33 -23.37 -22.28
CA GLY C 170 -32.50 -22.26 -21.91
C GLY C 170 -32.81 -21.94 -20.48
N PHE C 171 -34.09 -21.69 -20.21
CA PHE C 171 -34.57 -21.37 -18.88
C PHE C 171 -34.25 -22.50 -17.89
N GLN C 172 -34.29 -23.73 -18.39
CA GLN C 172 -33.99 -24.88 -17.55
C GLN C 172 -32.57 -24.82 -17.07
N ILE C 173 -31.66 -24.51 -18.00
CA ILE C 173 -30.25 -24.43 -17.65
C ILE C 173 -30.00 -23.30 -16.66
N MET C 174 -30.64 -22.16 -16.90
CA MET C 174 -30.54 -20.96 -16.09
C MET C 174 -31.11 -21.19 -14.70
N ILE C 175 -32.28 -21.81 -14.64
CA ILE C 175 -32.90 -22.04 -13.35
C ILE C 175 -32.18 -23.10 -12.53
N GLU C 176 -31.49 -24.02 -13.20
CA GLU C 176 -30.75 -25.07 -12.52
C GLU C 176 -29.49 -24.48 -11.91
N ASN C 177 -29.00 -23.37 -12.46
CA ASN C 177 -27.80 -22.75 -11.92
C ASN C 177 -28.11 -22.03 -10.62
N ILE C 178 -29.37 -21.64 -10.46
CA ILE C 178 -29.81 -20.97 -9.24
C ILE C 178 -29.96 -22.05 -8.17
N HIS C 179 -30.39 -23.25 -8.58
CA HIS C 179 -30.47 -24.39 -7.65
C HIS C 179 -29.07 -24.60 -7.06
N SER C 180 -28.09 -24.79 -7.94
CA SER C 180 -26.71 -25.00 -7.51
C SER C 180 -26.25 -23.95 -6.49
N GLU C 181 -26.51 -22.68 -6.77
CA GLU C 181 -26.15 -21.60 -5.84
C GLU C 181 -26.81 -21.86 -4.48
N THR C 182 -28.10 -22.14 -4.53
CA THR C 182 -28.91 -22.40 -3.35
C THR C 182 -28.33 -23.46 -2.42
N TYR C 183 -28.09 -24.66 -2.94
CA TYR C 183 -27.54 -25.73 -2.13
C TYR C 183 -26.23 -25.33 -1.44
N SER C 184 -25.41 -24.52 -2.11
CA SER C 184 -24.15 -24.13 -1.49
C SER C 184 -24.40 -23.07 -0.46
N LEU C 185 -25.29 -22.13 -0.76
CA LEU C 185 -25.65 -21.09 0.19
C LEU C 185 -26.02 -21.83 1.46
N LEU C 186 -26.99 -22.74 1.33
CA LEU C 186 -27.50 -23.56 2.42
C LEU C 186 -26.37 -24.26 3.17
N ILE C 187 -25.59 -25.07 2.47
CA ILE C 187 -24.44 -25.76 3.07
C ILE C 187 -23.64 -24.74 3.86
N ASP C 188 -23.32 -23.63 3.20
CA ASP C 188 -22.54 -22.51 3.75
C ASP C 188 -23.18 -21.74 4.91
N THR C 189 -24.47 -21.93 5.12
CA THR C 189 -25.17 -21.24 6.21
C THR C 189 -25.21 -22.09 7.47
N TYR C 190 -25.52 -23.37 7.30
CA TYR C 190 -25.63 -24.30 8.41
C TYR C 190 -24.28 -24.76 8.93
N ILE C 191 -23.35 -25.04 8.02
CA ILE C 191 -22.02 -25.49 8.42
C ILE C 191 -21.06 -24.31 8.30
N LYS C 192 -20.67 -23.75 9.43
CA LYS C 192 -19.77 -22.58 9.42
C LYS C 192 -18.32 -22.91 9.66
N ASP C 193 -18.01 -24.16 10.01
CA ASP C 193 -16.62 -24.53 10.22
C ASP C 193 -16.09 -25.33 9.04
N PRO C 194 -15.50 -24.64 8.04
CA PRO C 194 -14.96 -25.32 6.86
C PRO C 194 -14.14 -26.54 7.22
N LYS C 195 -13.64 -26.56 8.47
CA LYS C 195 -12.88 -27.69 8.94
C LYS C 195 -13.78 -28.91 8.71
N GLU C 196 -15.05 -28.79 9.09
CA GLU C 196 -16.02 -29.87 8.90
C GLU C 196 -16.37 -29.98 7.44
N SER C 197 -16.84 -28.86 6.88
CA SER C 197 -17.22 -28.79 5.48
C SER C 197 -16.27 -29.59 4.62
N GLU C 198 -15.01 -29.65 5.04
CA GLU C 198 -13.99 -30.39 4.31
C GLU C 198 -14.13 -31.90 4.54
N PHE C 199 -14.13 -32.34 5.80
CA PHE C 199 -14.29 -33.78 6.08
C PHE C 199 -15.51 -34.21 5.28
N LEU C 200 -16.59 -33.44 5.47
CA LEU C 200 -17.88 -33.66 4.84
C LEU C 200 -17.77 -34.04 3.37
N PHE C 201 -17.08 -33.20 2.61
CA PHE C 201 -16.90 -33.45 1.18
C PHE C 201 -15.91 -34.55 0.83
N ASN C 202 -15.10 -34.95 1.80
CA ASN C 202 -14.13 -36.00 1.57
C ASN C 202 -14.83 -37.34 1.77
N ALA C 203 -15.60 -37.44 2.84
CA ALA C 203 -16.32 -38.66 3.14
C ALA C 203 -17.61 -38.69 2.35
N ILE C 204 -17.61 -38.03 1.19
CA ILE C 204 -18.79 -38.00 0.34
C ILE C 204 -18.46 -38.52 -1.06
N HIS C 205 -17.16 -38.59 -1.36
CA HIS C 205 -16.71 -39.07 -2.67
C HIS C 205 -16.12 -40.48 -2.55
N THR C 206 -16.65 -41.22 -1.57
CA THR C 206 -16.23 -42.59 -1.31
C THR C 206 -17.52 -43.42 -1.33
N ILE C 207 -18.62 -42.74 -1.60
CA ILE C 207 -19.93 -43.35 -1.65
C ILE C 207 -20.03 -44.14 -2.96
N PRO C 208 -20.09 -45.47 -2.86
CA PRO C 208 -20.20 -46.34 -4.03
C PRO C 208 -21.35 -45.98 -4.98
N GLU C 209 -22.30 -45.20 -4.49
CA GLU C 209 -23.43 -44.82 -5.32
C GLU C 209 -23.01 -43.88 -6.44
N ILE C 210 -22.13 -42.93 -6.12
CA ILE C 210 -21.65 -41.96 -7.12
C ILE C 210 -21.08 -42.74 -8.30
N GLY C 211 -20.20 -43.68 -7.98
CA GLY C 211 -19.58 -44.49 -9.02
C GLY C 211 -20.64 -45.21 -9.82
N GLU C 212 -21.54 -45.87 -9.11
CA GLU C 212 -22.61 -46.63 -9.75
C GLU C 212 -23.51 -45.74 -10.60
N LYS C 213 -23.83 -44.56 -10.08
CA LYS C 213 -24.66 -43.63 -10.82
C LYS C 213 -23.89 -43.31 -12.10
N ALA C 214 -22.60 -43.07 -11.91
CA ALA C 214 -21.70 -42.76 -13.01
C ALA C 214 -21.82 -43.79 -14.14
N GLU C 215 -21.60 -45.06 -13.80
CA GLU C 215 -21.68 -46.16 -14.75
C GLU C 215 -23.07 -46.24 -15.38
N TRP C 216 -24.10 -45.91 -14.61
CA TRP C 216 -25.47 -45.94 -15.12
C TRP C 216 -25.58 -44.97 -16.29
N ALA C 217 -24.89 -43.84 -16.16
CA ALA C 217 -24.88 -42.77 -17.16
C ALA C 217 -24.07 -43.04 -18.41
N LEU C 218 -22.84 -43.53 -18.23
CA LEU C 218 -21.97 -43.84 -19.37
C LEU C 218 -22.69 -44.88 -20.26
N ARG C 219 -23.57 -45.62 -19.61
CA ARG C 219 -24.37 -46.67 -20.22
C ARG C 219 -25.42 -46.15 -21.22
N TRP C 220 -26.35 -45.32 -20.75
CA TRP C 220 -27.41 -44.80 -21.61
C TRP C 220 -27.18 -43.40 -22.20
N ILE C 221 -26.31 -42.62 -21.58
CA ILE C 221 -26.09 -41.26 -22.06
C ILE C 221 -24.78 -40.90 -22.74
N GLN C 222 -23.66 -41.06 -22.03
CA GLN C 222 -22.33 -40.72 -22.56
C GLN C 222 -21.79 -41.56 -23.70
N ASP C 223 -22.38 -42.74 -23.90
CA ASP C 223 -21.98 -43.64 -24.97
C ASP C 223 -22.63 -43.16 -26.28
N ALA C 224 -21.88 -43.15 -27.37
CA ALA C 224 -22.44 -42.74 -28.65
C ALA C 224 -23.40 -43.83 -29.11
N ASP C 225 -23.96 -43.67 -30.31
CA ASP C 225 -24.91 -44.67 -30.82
C ASP C 225 -26.00 -44.89 -29.77
N ALA C 226 -26.30 -43.83 -29.03
CA ALA C 226 -27.31 -43.89 -27.98
C ALA C 226 -28.49 -43.01 -28.37
N LEU C 227 -29.47 -43.63 -29.01
CA LEU C 227 -30.68 -42.94 -29.47
C LEU C 227 -31.20 -41.84 -28.54
N PHE C 228 -31.65 -40.75 -29.17
CA PHE C 228 -32.17 -39.58 -28.47
C PHE C 228 -33.25 -39.97 -27.47
N GLY C 229 -34.24 -40.71 -27.93
CA GLY C 229 -35.33 -41.13 -27.07
C GLY C 229 -34.89 -41.87 -25.81
N GLU C 230 -33.77 -42.56 -25.89
CA GLU C 230 -33.29 -43.29 -24.74
C GLU C 230 -32.65 -42.32 -23.77
N ARG C 231 -31.96 -41.31 -24.30
CA ARG C 231 -31.32 -40.32 -23.44
C ARG C 231 -32.40 -39.47 -22.77
N LEU C 232 -33.58 -39.38 -23.39
CA LEU C 232 -34.64 -38.60 -22.77
C LEU C 232 -35.11 -39.34 -21.55
N VAL C 233 -35.23 -40.65 -21.67
CA VAL C 233 -35.69 -41.44 -20.54
C VAL C 233 -34.66 -41.39 -19.43
N ALA C 234 -33.39 -41.39 -19.81
CA ALA C 234 -32.35 -41.35 -18.81
C ALA C 234 -32.27 -39.97 -18.17
N PHE C 235 -32.57 -38.92 -18.94
CA PHE C 235 -32.53 -37.57 -18.40
C PHE C 235 -33.69 -37.33 -17.45
N ALA C 236 -34.91 -37.69 -17.87
CA ALA C 236 -36.09 -37.55 -17.03
C ALA C 236 -35.86 -38.33 -15.74
N SER C 237 -35.12 -39.44 -15.84
CA SER C 237 -34.83 -40.25 -14.66
C SER C 237 -33.89 -39.52 -13.72
N ILE C 238 -33.14 -38.55 -14.24
CA ILE C 238 -32.19 -37.79 -13.43
C ILE C 238 -32.84 -36.65 -12.68
N GLU C 239 -33.95 -36.15 -13.23
CA GLU C 239 -34.70 -35.05 -12.63
C GLU C 239 -35.88 -35.62 -11.84
N GLY C 240 -36.48 -36.70 -12.33
CA GLY C 240 -37.63 -37.28 -11.66
C GLY C 240 -37.46 -38.47 -10.71
N VAL C 241 -36.35 -39.20 -10.82
CA VAL C 241 -36.12 -40.35 -9.96
C VAL C 241 -34.84 -40.30 -9.16
N PHE C 242 -33.76 -39.86 -9.79
CA PHE C 242 -32.48 -39.83 -9.10
C PHE C 242 -32.33 -38.88 -7.94
N PHE C 243 -33.41 -38.34 -7.44
CA PHE C 243 -33.26 -37.43 -6.33
C PHE C 243 -34.60 -37.21 -5.63
N SER C 244 -35.57 -38.06 -5.97
CA SER C 244 -36.88 -37.99 -5.36
C SER C 244 -36.74 -38.37 -3.89
N GLY C 245 -35.75 -39.21 -3.60
CA GLY C 245 -35.50 -39.64 -2.24
C GLY C 245 -35.10 -38.54 -1.26
N SER C 246 -34.33 -37.56 -1.73
CA SER C 246 -33.90 -36.46 -0.86
C SER C 246 -35.02 -35.42 -0.71
N PHE C 247 -35.75 -35.17 -1.79
CA PHE C 247 -36.82 -34.19 -1.76
C PHE C 247 -37.81 -34.55 -0.66
N ALA C 248 -38.31 -35.79 -0.71
CA ALA C 248 -39.26 -36.27 0.27
C ALA C 248 -38.66 -36.23 1.67
N SER C 249 -37.44 -36.74 1.82
CA SER C 249 -36.79 -36.74 3.11
C SER C 249 -36.82 -35.35 3.74
N ILE C 250 -36.78 -34.31 2.91
CA ILE C 250 -36.79 -32.93 3.40
C ILE C 250 -38.21 -32.43 3.60
N PHE C 251 -39.18 -33.03 2.92
CA PHE C 251 -40.57 -32.62 3.12
C PHE C 251 -41.01 -33.18 4.48
N TRP C 252 -40.27 -34.20 4.93
CA TRP C 252 -40.54 -34.85 6.21
C TRP C 252 -40.19 -33.90 7.36
N LEU C 253 -39.20 -33.05 7.15
CA LEU C 253 -38.80 -32.09 8.15
C LEU C 253 -39.83 -30.98 8.22
N LYS C 254 -40.62 -30.85 7.16
CA LYS C 254 -41.65 -29.82 7.10
C LYS C 254 -42.74 -30.23 8.08
N LYS C 255 -43.12 -31.50 8.00
CA LYS C 255 -44.14 -32.08 8.87
C LYS C 255 -43.86 -31.69 10.33
N ARG C 256 -42.68 -32.07 10.83
CA ARG C 256 -42.28 -31.76 12.21
C ARG C 256 -41.79 -30.31 12.30
N GLY C 257 -42.41 -29.44 11.51
CA GLY C 257 -42.07 -28.03 11.49
C GLY C 257 -40.67 -27.62 11.91
N MET C 258 -39.71 -27.67 10.97
CA MET C 258 -38.32 -27.28 11.26
C MET C 258 -37.70 -26.76 9.97
N MET C 259 -36.45 -26.31 10.07
CA MET C 259 -35.69 -25.81 8.92
C MET C 259 -36.62 -25.19 7.89
N PRO C 260 -37.41 -24.18 8.31
CA PRO C 260 -38.36 -23.46 7.48
C PRO C 260 -37.77 -22.95 6.18
N GLY C 261 -36.54 -22.42 6.25
CA GLY C 261 -35.88 -21.91 5.06
C GLY C 261 -35.57 -23.04 4.10
N LEU C 262 -34.93 -24.08 4.62
CA LEU C 262 -34.62 -25.23 3.81
C LEU C 262 -35.90 -25.73 3.16
N THR C 263 -36.88 -26.12 3.96
CA THR C 263 -38.14 -26.63 3.41
C THR C 263 -38.66 -25.79 2.27
N PHE C 264 -38.59 -24.47 2.41
CA PHE C 264 -39.07 -23.58 1.36
C PHE C 264 -38.27 -23.70 0.06
N SER C 265 -36.95 -23.65 0.15
CA SER C 265 -36.13 -23.78 -1.04
C SER C 265 -36.39 -25.16 -1.64
N ASN C 266 -36.31 -26.18 -0.78
CA ASN C 266 -36.52 -27.57 -1.16
C ASN C 266 -37.86 -27.82 -1.85
N GLU C 267 -38.77 -26.86 -1.72
CA GLU C 267 -40.11 -26.94 -2.31
C GLU C 267 -40.09 -26.39 -3.72
N LEU C 268 -39.49 -25.22 -3.86
CA LEU C 268 -39.38 -24.55 -5.15
C LEU C 268 -38.56 -25.38 -6.11
N ILE C 269 -37.48 -25.96 -5.59
CA ILE C 269 -36.58 -26.79 -6.38
C ILE C 269 -37.31 -28.03 -6.91
N CYS C 270 -37.93 -28.76 -6.01
CA CYS C 270 -38.67 -29.95 -6.38
C CYS C 270 -39.67 -29.53 -7.43
N ARG C 271 -40.49 -28.53 -7.12
CA ARG C 271 -41.47 -28.09 -8.09
C ARG C 271 -40.83 -28.02 -9.48
N ASP C 272 -39.68 -27.35 -9.53
CA ASP C 272 -38.91 -27.15 -10.75
C ASP C 272 -38.53 -28.45 -11.43
N GLU C 273 -37.77 -29.30 -10.74
CA GLU C 273 -37.30 -30.57 -11.31
C GLU C 273 -38.46 -31.41 -11.81
N GLY C 274 -39.66 -31.08 -11.37
CA GLY C 274 -40.81 -31.82 -11.82
C GLY C 274 -41.18 -31.24 -13.15
N LEU C 275 -41.26 -29.91 -13.20
CA LEU C 275 -41.62 -29.20 -14.41
C LEU C 275 -40.72 -29.74 -15.52
N HIS C 276 -39.46 -29.91 -15.14
CA HIS C 276 -38.42 -30.40 -16.03
C HIS C 276 -38.65 -31.84 -16.47
N THR C 277 -38.92 -32.74 -15.52
CA THR C 277 -39.18 -34.14 -15.86
C THR C 277 -40.38 -34.21 -16.80
N ASP C 278 -41.50 -33.66 -16.37
CA ASP C 278 -42.70 -33.66 -17.22
C ASP C 278 -42.34 -33.32 -18.66
N PHE C 279 -41.53 -32.29 -18.85
CA PHE C 279 -41.12 -31.83 -20.17
C PHE C 279 -40.52 -32.94 -21.03
N ALA C 280 -39.65 -33.76 -20.42
CA ALA C 280 -39.02 -34.85 -21.15
C ALA C 280 -40.12 -35.73 -21.75
N CYS C 281 -41.05 -36.10 -20.88
CA CYS C 281 -42.17 -36.91 -21.28
C CYS C 281 -42.83 -36.23 -22.46
N LEU C 282 -43.25 -34.99 -22.27
CA LEU C 282 -43.90 -34.26 -23.34
C LEU C 282 -43.11 -34.41 -24.64
N LEU C 283 -41.79 -34.24 -24.58
CA LEU C 283 -40.99 -34.35 -25.79
C LEU C 283 -40.90 -35.76 -26.33
N PHE C 284 -40.91 -36.73 -25.42
CA PHE C 284 -40.87 -38.14 -25.81
C PHE C 284 -42.06 -38.37 -26.74
N ALA C 285 -43.20 -37.86 -26.32
CA ALA C 285 -44.46 -37.96 -27.06
C ALA C 285 -44.37 -37.51 -28.50
N HIS C 286 -43.59 -36.46 -28.77
CA HIS C 286 -43.47 -35.96 -30.14
C HIS C 286 -42.57 -36.86 -30.99
N LEU C 287 -41.79 -37.70 -30.34
CA LEU C 287 -40.91 -38.61 -31.04
C LEU C 287 -41.76 -39.56 -31.88
N LYS C 288 -41.31 -39.89 -33.08
CA LYS C 288 -42.02 -40.80 -33.96
C LYS C 288 -41.47 -42.20 -33.73
N ASN C 289 -40.14 -42.33 -33.66
CA ASN C 289 -39.51 -43.62 -33.40
C ASN C 289 -39.13 -43.65 -31.93
N LYS C 290 -40.03 -44.15 -31.10
CA LYS C 290 -39.76 -44.24 -29.66
C LYS C 290 -38.96 -45.51 -29.38
N PRO C 291 -38.22 -45.53 -28.26
CA PRO C 291 -37.43 -46.69 -27.87
C PRO C 291 -38.28 -47.89 -27.52
N ASP C 292 -37.65 -49.06 -27.45
CA ASP C 292 -38.33 -50.29 -27.09
C ASP C 292 -38.74 -50.18 -25.62
N PRO C 293 -40.04 -50.31 -25.34
CA PRO C 293 -40.56 -50.22 -23.97
C PRO C 293 -39.66 -50.90 -22.94
N ALA C 294 -38.97 -51.95 -23.37
CA ALA C 294 -38.08 -52.69 -22.49
C ALA C 294 -36.98 -51.78 -21.95
N ILE C 295 -36.40 -50.96 -22.84
CA ILE C 295 -35.33 -50.03 -22.46
C ILE C 295 -35.89 -48.96 -21.51
N VAL C 296 -36.95 -48.31 -21.96
CA VAL C 296 -37.60 -47.29 -21.16
C VAL C 296 -37.73 -47.79 -19.74
N GLU C 297 -38.17 -49.05 -19.59
CA GLU C 297 -38.37 -49.64 -18.27
C GLU C 297 -37.05 -49.98 -17.59
N LYS C 298 -36.07 -50.42 -18.36
CA LYS C 298 -34.79 -50.82 -17.81
C LYS C 298 -33.94 -49.64 -17.34
N ILE C 299 -34.01 -48.50 -18.04
CA ILE C 299 -33.20 -47.34 -17.65
C ILE C 299 -33.69 -46.80 -16.32
N VAL C 300 -35.01 -46.64 -16.25
CA VAL C 300 -35.67 -46.14 -15.06
C VAL C 300 -35.35 -47.02 -13.89
N THR C 301 -35.60 -48.30 -14.12
CA THR C 301 -35.39 -49.33 -13.15
C THR C 301 -33.98 -49.34 -12.57
N GLU C 302 -32.96 -49.24 -13.41
CA GLU C 302 -31.59 -49.25 -12.88
C GLU C 302 -31.35 -48.03 -12.02
N ALA C 303 -32.05 -46.94 -12.35
CA ALA C 303 -31.96 -45.68 -11.60
C ALA C 303 -32.48 -45.91 -10.19
N VAL C 304 -33.74 -46.28 -10.12
CA VAL C 304 -34.43 -46.56 -8.86
C VAL C 304 -33.55 -47.34 -7.91
N GLU C 305 -32.97 -48.40 -8.43
CA GLU C 305 -32.12 -49.26 -7.63
C GLU C 305 -30.89 -48.55 -7.09
N ILE C 306 -30.32 -47.63 -7.87
CA ILE C 306 -29.15 -46.93 -7.37
C ILE C 306 -29.64 -45.93 -6.34
N GLU C 307 -30.82 -45.36 -6.58
CA GLU C 307 -31.43 -44.38 -5.69
C GLU C 307 -31.81 -44.98 -4.32
N GLN C 308 -32.41 -46.17 -4.32
CA GLN C 308 -32.81 -46.85 -3.08
C GLN C 308 -31.54 -47.18 -2.32
N ARG C 309 -30.56 -47.64 -3.08
CA ARG C 309 -29.26 -48.03 -2.54
C ARG C 309 -28.51 -46.85 -1.95
N TYR C 310 -28.90 -45.64 -2.35
CA TYR C 310 -28.36 -44.46 -1.70
C TYR C 310 -28.65 -44.44 -0.17
N PHE C 311 -29.86 -44.88 0.18
CA PHE C 311 -30.41 -44.85 1.52
C PHE C 311 -30.38 -46.14 2.32
N LEU C 312 -29.95 -47.21 1.69
CA LEU C 312 -29.86 -48.47 2.44
C LEU C 312 -28.37 -48.79 2.59
N ASP C 313 -27.55 -47.79 2.25
CA ASP C 313 -26.11 -47.92 2.33
C ASP C 313 -25.47 -46.68 2.93
N ALA C 314 -25.66 -45.53 2.26
CA ALA C 314 -25.07 -44.28 2.73
C ALA C 314 -25.89 -43.55 3.79
N LEU C 315 -27.05 -43.02 3.39
CA LEU C 315 -27.90 -42.29 4.32
C LEU C 315 -29.17 -43.04 4.70
N PRO C 316 -29.23 -43.56 5.93
CA PRO C 316 -30.44 -44.28 6.32
C PRO C 316 -31.54 -43.28 6.71
N VAL C 317 -32.70 -43.36 6.08
CA VAL C 317 -33.78 -42.44 6.41
C VAL C 317 -34.19 -42.56 7.87
N ALA C 318 -33.80 -43.67 8.49
CA ALA C 318 -34.11 -43.90 9.88
C ALA C 318 -33.53 -42.73 10.67
N LEU C 319 -32.32 -42.32 10.29
CA LEU C 319 -31.61 -41.23 10.94
C LEU C 319 -32.44 -39.99 11.25
N LEU C 320 -33.54 -39.81 10.53
CA LEU C 320 -34.39 -38.66 10.80
C LEU C 320 -35.84 -39.11 10.96
N GLY C 321 -35.98 -40.29 11.55
CA GLY C 321 -37.29 -40.86 11.83
C GLY C 321 -38.08 -41.47 10.68
N MET C 322 -37.42 -41.81 9.58
CA MET C 322 -38.18 -42.38 8.48
C MET C 322 -38.07 -43.89 8.36
N ASN C 323 -39.06 -44.48 7.70
CA ASN C 323 -39.08 -45.92 7.50
C ASN C 323 -38.50 -46.38 6.17
N ALA C 324 -37.28 -46.91 6.21
CA ALA C 324 -36.61 -47.38 5.00
C ALA C 324 -37.51 -48.14 4.04
N ASP C 325 -38.43 -48.93 4.58
CA ASP C 325 -39.31 -49.70 3.71
C ASP C 325 -40.22 -48.80 2.90
N LEU C 326 -40.66 -47.72 3.55
CA LEU C 326 -41.55 -46.78 2.88
C LEU C 326 -40.79 -45.95 1.87
N MET C 327 -39.55 -45.58 2.20
CA MET C 327 -38.75 -44.79 1.29
C MET C 327 -38.58 -45.59 0.02
N ASN C 328 -38.05 -46.81 0.18
CA ASN C 328 -37.83 -47.70 -0.95
C ASN C 328 -39.11 -47.72 -1.76
N GLN C 329 -40.23 -47.81 -1.06
CA GLN C 329 -41.53 -47.85 -1.71
C GLN C 329 -41.90 -46.57 -2.47
N TYR C 330 -41.42 -45.42 -1.98
CA TYR C 330 -41.73 -44.16 -2.65
C TYR C 330 -40.98 -44.09 -3.97
N VAL C 331 -39.66 -44.29 -3.91
CA VAL C 331 -38.84 -44.24 -5.09
C VAL C 331 -39.47 -45.09 -6.18
N GLU C 332 -40.01 -46.23 -5.76
CA GLU C 332 -40.68 -47.15 -6.69
C GLU C 332 -41.93 -46.48 -7.21
N PHE C 333 -42.67 -45.81 -6.32
CA PHE C 333 -43.88 -45.14 -6.75
C PHE C 333 -43.53 -44.12 -7.84
N VAL C 334 -42.55 -43.26 -7.50
CA VAL C 334 -42.07 -42.19 -8.38
C VAL C 334 -41.71 -42.68 -9.76
N ALA C 335 -40.93 -43.77 -9.83
CA ALA C 335 -40.53 -44.36 -11.11
C ALA C 335 -41.76 -44.85 -11.87
N ASP C 336 -42.58 -45.60 -11.15
CA ASP C 336 -43.81 -46.16 -11.66
C ASP C 336 -44.56 -45.04 -12.36
N ARG C 337 -44.73 -43.94 -11.64
CA ARG C 337 -45.44 -42.77 -12.15
C ARG C 337 -44.83 -42.27 -13.46
N LEU C 338 -43.51 -42.26 -13.52
CA LEU C 338 -42.79 -41.80 -14.70
C LEU C 338 -43.03 -42.74 -15.87
N LEU C 339 -42.96 -44.05 -15.59
CA LEU C 339 -43.17 -45.05 -16.64
C LEU C 339 -44.48 -44.77 -17.37
N VAL C 340 -45.56 -44.60 -16.61
CA VAL C 340 -46.86 -44.34 -17.23
C VAL C 340 -46.79 -43.07 -18.09
N ALA C 341 -46.04 -42.08 -17.61
CA ALA C 341 -45.89 -40.81 -18.31
C ALA C 341 -45.22 -41.05 -19.64
N PHE C 342 -44.40 -42.08 -19.71
CA PHE C 342 -43.66 -42.44 -20.91
C PHE C 342 -44.44 -43.38 -21.84
N GLY C 343 -45.50 -43.98 -21.32
CA GLY C 343 -46.28 -44.90 -22.13
C GLY C 343 -46.22 -46.33 -21.65
N ASN C 344 -45.11 -46.69 -21.00
CA ASN C 344 -44.96 -48.04 -20.47
C ASN C 344 -46.02 -48.31 -19.40
N LYS C 345 -45.91 -49.46 -18.73
CA LYS C 345 -46.85 -49.87 -17.68
C LYS C 345 -46.17 -49.95 -16.32
N LYS C 346 -46.89 -49.63 -15.26
CA LYS C 346 -46.34 -49.70 -13.91
C LYS C 346 -45.65 -51.04 -13.70
N TYR C 347 -44.35 -51.01 -13.45
CA TYR C 347 -43.61 -52.24 -13.24
C TYR C 347 -43.60 -52.56 -11.75
N TYR C 348 -43.64 -51.54 -10.92
CA TYR C 348 -43.57 -51.90 -9.52
C TYR C 348 -44.91 -52.33 -8.93
N LYS C 349 -45.88 -51.51 -9.30
CA LYS C 349 -47.27 -51.56 -8.92
C LYS C 349 -47.52 -51.25 -7.42
N VAL C 350 -46.49 -50.66 -6.81
CA VAL C 350 -46.61 -50.12 -5.47
C VAL C 350 -47.39 -48.77 -5.44
N GLU C 351 -47.60 -48.18 -4.27
CA GLU C 351 -48.32 -46.90 -4.16
C GLU C 351 -47.61 -45.91 -3.24
N ASN C 352 -48.07 -44.66 -3.32
CA ASN C 352 -47.53 -43.54 -2.57
C ASN C 352 -47.56 -43.76 -1.05
N PRO C 353 -46.44 -44.22 -0.48
CA PRO C 353 -46.38 -44.46 0.95
C PRO C 353 -46.30 -43.17 1.78
N PHE C 354 -46.38 -42.03 1.11
CA PHE C 354 -46.34 -40.76 1.83
C PHE C 354 -47.51 -39.87 1.41
N ASP C 355 -48.13 -39.21 2.37
CA ASP C 355 -49.24 -38.32 2.09
C ASP C 355 -48.71 -36.90 1.95
N PHE C 356 -47.61 -36.59 2.64
CA PHE C 356 -47.03 -35.24 2.58
C PHE C 356 -46.41 -34.95 1.21
N MET C 357 -46.28 -35.98 0.39
CA MET C 357 -45.73 -35.84 -0.94
C MET C 357 -46.90 -35.78 -1.93
N GLU C 358 -48.12 -35.76 -1.42
CA GLU C 358 -49.31 -35.70 -2.27
C GLU C 358 -49.23 -34.39 -3.04
N ASN C 359 -48.60 -33.41 -2.38
CA ASN C 359 -48.38 -32.08 -2.91
C ASN C 359 -49.69 -31.39 -3.29
N LEU D 26 29.35 36.85 -21.03
CA LEU D 26 29.89 35.46 -20.99
C LEU D 26 31.21 35.31 -20.23
N ASN D 27 31.81 34.13 -20.38
CA ASN D 27 33.09 33.82 -19.74
C ASN D 27 34.09 34.85 -20.22
N LYS D 28 33.73 35.54 -21.29
CA LYS D 28 34.55 36.57 -21.88
C LYS D 28 34.96 37.59 -20.82
N GLU D 29 33.96 38.29 -20.29
CA GLU D 29 34.21 39.30 -19.27
C GLU D 29 34.98 38.70 -18.12
N LEU D 30 34.53 37.53 -17.69
CA LEU D 30 35.19 36.85 -16.60
C LEU D 30 36.68 36.80 -16.91
N GLU D 31 36.99 36.42 -18.16
CA GLU D 31 38.38 36.33 -18.59
C GLU D 31 39.07 37.68 -18.50
N THR D 32 38.42 38.72 -19.03
CA THR D 32 39.01 40.05 -18.99
C THR D 32 39.35 40.37 -17.54
N LEU D 33 38.36 40.16 -16.67
CA LEU D 33 38.46 40.42 -15.24
C LEU D 33 39.58 39.67 -14.52
N ARG D 34 39.70 38.37 -14.80
CA ARG D 34 40.74 37.58 -14.18
C ARG D 34 42.05 38.08 -14.74
N GLU D 35 42.02 38.44 -16.02
CA GLU D 35 43.19 38.95 -16.73
C GLU D 35 43.76 40.20 -16.06
N GLU D 36 42.91 41.17 -15.79
CA GLU D 36 43.35 42.41 -15.13
C GLU D 36 44.10 42.06 -13.86
N ASN D 37 43.75 40.94 -13.27
CA ASN D 37 44.36 40.48 -12.03
C ASN D 37 44.98 39.11 -12.18
N ARG D 38 45.65 38.90 -13.31
CA ARG D 38 46.32 37.64 -13.58
C ARG D 38 47.74 37.81 -13.05
N VAL D 39 48.30 38.99 -13.29
CA VAL D 39 49.64 39.30 -12.85
C VAL D 39 49.74 39.23 -11.33
N LYS D 40 48.90 40.01 -10.65
CA LYS D 40 48.90 40.04 -9.18
C LYS D 40 48.61 38.65 -8.61
N SER D 41 47.68 37.92 -9.23
CA SER D 41 47.32 36.58 -8.80
C SER D 41 48.56 35.69 -8.70
N ASP D 42 49.21 35.49 -9.85
CA ASP D 42 50.40 34.67 -9.95
C ASP D 42 51.51 35.13 -9.01
N MET D 43 51.62 36.43 -8.82
CA MET D 43 52.63 36.97 -7.91
C MET D 43 52.43 36.24 -6.61
N LEU D 44 51.16 36.11 -6.23
CA LEU D 44 50.81 35.38 -5.02
C LEU D 44 50.91 33.86 -5.16
N LYS D 45 50.32 33.35 -6.25
CA LYS D 45 50.27 31.94 -6.66
C LYS D 45 51.67 31.35 -6.62
N GLU D 46 52.67 32.18 -6.96
CA GLU D 46 54.04 31.79 -6.75
C GLU D 46 54.52 31.97 -5.30
N LYS D 47 54.18 33.11 -4.70
CA LYS D 47 54.54 33.47 -3.33
C LYS D 47 53.96 32.55 -2.28
N LEU D 48 53.09 31.64 -2.70
CA LEU D 48 52.71 30.61 -1.74
C LEU D 48 53.58 29.32 -1.86
N SER D 49 53.75 28.89 -3.12
CA SER D 49 54.30 27.57 -3.48
C SER D 49 55.52 27.19 -2.66
N LYS D 50 56.50 28.09 -2.69
CA LYS D 50 57.72 27.84 -1.94
C LYS D 50 57.54 28.09 -0.44
N ASP D 51 56.37 27.70 0.06
CA ASP D 51 56.04 27.84 1.47
C ASP D 51 55.91 26.43 2.01
N ALA D 52 55.62 25.49 1.12
CA ALA D 52 55.49 24.08 1.49
C ALA D 52 56.91 23.61 1.79
N GLU D 53 57.88 24.28 1.17
CA GLU D 53 59.28 23.95 1.37
C GLU D 53 59.85 24.79 2.52
N ASN D 54 59.77 26.11 2.40
CA ASN D 54 60.26 27.00 3.43
C ASN D 54 59.87 26.48 4.82
N HIS D 55 58.78 25.71 4.85
CA HIS D 55 58.30 25.13 6.10
C HIS D 55 59.16 23.93 6.45
N LYS D 56 59.19 22.93 5.57
CA LYS D 56 60.01 21.74 5.83
C LYS D 56 61.36 22.23 6.34
N ALA D 57 61.90 23.25 5.65
CA ALA D 57 63.19 23.83 6.02
C ALA D 57 63.23 24.25 7.48
N LEU D 69 59.13 23.34 23.65
CA LEU D 69 57.87 24.07 23.75
C LEU D 69 56.72 23.09 23.91
N LYS D 70 56.52 22.22 22.90
CA LYS D 70 55.45 21.21 22.93
C LYS D 70 55.49 20.38 24.20
N GLU D 71 56.64 20.33 24.85
CA GLU D 71 56.79 19.56 26.08
C GLU D 71 56.34 20.41 27.26
N MET D 72 56.61 21.72 27.18
CA MET D 72 56.19 22.64 28.22
C MET D 72 54.70 22.90 28.08
N GLU D 73 54.18 22.61 26.89
CA GLU D 73 52.77 22.78 26.59
C GLU D 73 51.97 22.15 27.73
N LYS D 74 52.42 20.99 28.19
CA LYS D 74 51.77 20.27 29.27
C LYS D 74 51.70 21.07 30.57
N GLU D 75 52.16 22.33 30.52
CA GLU D 75 52.17 23.19 31.70
C GLU D 75 51.42 24.52 31.56
N GLU D 76 50.69 24.67 30.45
CA GLU D 76 49.90 25.88 30.24
C GLU D 76 48.64 25.67 31.03
N PRO D 77 48.31 26.61 31.94
CA PRO D 77 47.11 26.45 32.74
C PRO D 77 45.89 26.10 31.89
N LEU D 78 45.71 26.83 30.80
CA LEU D 78 44.59 26.60 29.92
C LEU D 78 44.51 25.15 29.46
N LEU D 79 45.57 24.40 29.65
CA LEU D 79 45.58 23.01 29.20
C LEU D 79 45.57 21.91 30.26
N ASN D 80 45.41 22.27 31.52
CA ASN D 80 45.40 21.25 32.58
C ASN D 80 44.29 21.39 33.61
N GLU D 81 43.59 20.27 33.85
CA GLU D 81 42.48 20.23 34.79
C GLU D 81 42.85 20.65 36.19
N ASP D 82 42.02 21.53 36.77
CA ASP D 82 42.26 22.01 38.12
C ASP D 82 41.36 21.23 39.06
N LYS D 83 41.65 19.94 39.24
CA LYS D 83 40.85 19.05 40.08
C LYS D 83 40.45 19.58 41.46
N GLU D 84 40.96 20.75 41.82
CA GLU D 84 40.62 21.40 43.08
C GLU D 84 39.31 22.18 42.81
N ARG D 85 38.60 21.75 41.78
CA ARG D 85 37.38 22.44 41.37
C ARG D 85 36.30 21.53 40.77
N THR D 86 35.09 21.65 41.30
CA THR D 86 33.91 20.87 40.85
C THR D 86 32.66 21.75 40.95
N VAL D 87 32.72 22.66 41.94
CA VAL D 87 31.79 23.75 42.17
C VAL D 87 31.29 24.31 40.84
N LEU D 88 32.15 24.47 39.84
CA LEU D 88 31.65 24.63 38.47
C LEU D 88 30.86 25.91 38.22
N PHE D 89 31.04 26.72 39.26
CA PHE D 89 30.80 28.11 39.24
C PHE D 89 31.91 29.05 39.71
N PRO D 90 32.16 29.19 41.08
CA PRO D 90 33.22 30.19 41.28
C PRO D 90 33.93 30.64 40.03
N ILE D 91 33.65 31.89 39.66
CA ILE D 91 34.12 32.36 38.35
C ILE D 91 35.52 32.83 38.46
N LYS D 92 36.36 31.88 38.07
CA LYS D 92 37.78 32.15 38.06
C LYS D 92 38.17 33.02 36.83
N TYR D 93 37.70 32.61 35.64
CA TYR D 93 38.06 33.21 34.36
C TYR D 93 36.96 34.12 33.82
N HIS D 94 36.77 35.21 34.50
CA HIS D 94 35.70 36.14 34.12
C HIS D 94 35.75 36.59 32.69
N GLU D 95 36.95 36.95 32.24
CA GLU D 95 37.18 37.41 30.87
C GLU D 95 36.57 36.43 29.87
N ILE D 96 36.89 35.15 30.08
CA ILE D 96 36.39 34.10 29.20
C ILE D 96 34.88 34.03 29.37
N TRP D 97 34.45 33.68 30.57
CA TRP D 97 33.02 33.58 30.85
C TRP D 97 32.27 34.67 30.11
N GLN D 98 32.63 35.91 30.43
CA GLN D 98 32.01 37.07 29.84
C GLN D 98 31.83 36.85 28.35
N ALA D 99 32.78 36.16 27.73
CA ALA D 99 32.72 35.87 26.31
C ALA D 99 31.63 34.88 26.04
N TYR D 100 31.47 33.92 26.95
CA TYR D 100 30.44 32.91 26.77
C TYR D 100 29.06 33.55 26.81
N LYS D 101 28.79 34.32 27.88
CA LYS D 101 27.52 35.01 28.07
C LYS D 101 27.22 35.95 26.93
N ARG D 102 28.21 36.73 26.54
CA ARG D 102 28.02 37.66 25.44
C ARG D 102 27.53 36.90 24.19
N ALA D 103 27.92 35.63 24.07
CA ALA D 103 27.53 34.81 22.92
C ALA D 103 26.34 33.90 23.15
N GLU D 104 26.03 33.63 24.41
CA GLU D 104 24.89 32.77 24.75
C GLU D 104 23.67 33.65 24.55
N ALA D 105 23.87 34.93 24.79
CA ALA D 105 22.80 35.92 24.70
C ALA D 105 22.49 36.30 23.27
N SER D 106 23.27 35.79 22.32
CA SER D 106 23.06 36.12 20.92
C SER D 106 22.44 35.02 20.09
N PHE D 107 22.04 33.94 20.74
CA PHE D 107 21.42 32.81 20.05
C PHE D 107 20.44 33.25 18.94
N TRP D 108 20.41 32.54 17.82
CA TRP D 108 19.49 32.86 16.75
C TRP D 108 19.40 31.66 15.85
N THR D 109 18.26 31.47 15.20
CA THR D 109 18.06 30.34 14.31
C THR D 109 17.87 30.76 12.87
N ALA D 110 17.93 29.80 11.97
CA ALA D 110 17.78 30.12 10.56
C ALA D 110 16.37 30.56 10.25
N GLU D 111 15.42 30.15 11.10
CA GLU D 111 14.03 30.49 10.87
C GLU D 111 13.58 31.89 11.28
N GLU D 112 14.54 32.79 11.53
CA GLU D 112 14.24 34.17 11.90
C GLU D 112 14.58 35.00 10.69
N ILE D 113 15.14 34.34 9.68
CA ILE D 113 15.55 34.98 8.44
C ILE D 113 14.38 35.12 7.47
N ASP D 114 13.94 36.35 7.24
CA ASP D 114 12.86 36.59 6.29
C ASP D 114 13.46 36.56 4.89
N LEU D 115 13.07 35.57 4.11
CA LEU D 115 13.59 35.43 2.75
C LEU D 115 12.48 35.63 1.73
N SER D 116 11.82 36.78 1.77
CA SER D 116 10.74 37.05 0.82
C SER D 116 11.14 38.04 -0.25
N LYS D 117 11.40 39.29 0.14
CA LYS D 117 11.79 40.25 -0.87
C LYS D 117 13.05 39.77 -1.61
N ASP D 118 13.79 38.86 -0.97
CA ASP D 118 15.00 38.29 -1.57
C ASP D 118 14.76 37.63 -2.92
N ILE D 119 13.91 36.60 -2.92
CA ILE D 119 13.62 35.90 -4.16
C ILE D 119 13.27 36.90 -5.25
N HIS D 120 12.56 37.97 -4.88
CA HIS D 120 12.18 39.00 -5.85
C HIS D 120 13.43 39.69 -6.40
N ASP D 121 14.23 40.28 -5.53
CA ASP D 121 15.44 41.00 -5.95
C ASP D 121 16.41 40.13 -6.72
N TRP D 122 16.33 38.82 -6.53
CA TRP D 122 17.23 37.90 -7.23
C TRP D 122 16.95 37.83 -8.72
N ASN D 123 15.72 38.14 -9.11
CA ASN D 123 15.37 38.07 -10.52
C ASN D 123 15.11 39.44 -11.17
N ASN D 124 14.53 40.37 -10.42
CA ASN D 124 14.19 41.68 -10.97
C ASN D 124 15.01 42.88 -10.53
N ARG D 125 16.17 42.64 -9.92
CA ARG D 125 16.99 43.77 -9.48
C ARG D 125 18.46 43.48 -9.64
N MET D 126 18.83 42.22 -9.43
CA MET D 126 20.22 41.81 -9.58
C MET D 126 20.46 41.40 -11.02
N ASN D 127 21.55 41.90 -11.60
CA ASN D 127 21.85 41.59 -12.98
C ASN D 127 22.47 40.21 -13.07
N GLU D 128 22.96 39.87 -14.27
CA GLU D 128 23.58 38.56 -14.51
C GLU D 128 24.88 38.42 -13.74
N ASN D 129 25.70 39.48 -13.75
CA ASN D 129 26.98 39.49 -13.03
C ASN D 129 26.82 39.26 -11.53
N GLU D 130 25.79 39.88 -10.95
CA GLU D 130 25.46 39.79 -9.51
C GLU D 130 24.91 38.43 -9.12
N ARG D 131 23.97 37.90 -9.92
CA ARG D 131 23.46 36.56 -9.62
C ARG D 131 24.63 35.58 -9.60
N PHE D 132 25.59 35.79 -10.49
CA PHE D 132 26.78 34.95 -10.43
C PHE D 132 27.63 35.13 -9.14
N PHE D 133 28.12 36.34 -8.90
CA PHE D 133 29.15 36.43 -7.83
C PHE D 133 28.57 35.90 -6.53
N ILE D 134 27.32 36.26 -6.30
CA ILE D 134 26.72 35.84 -5.03
C ILE D 134 26.51 34.34 -5.01
N SER D 135 26.04 33.77 -6.10
CA SER D 135 25.80 32.32 -6.09
C SER D 135 27.05 31.58 -5.64
N ARG D 136 28.13 31.90 -6.32
CA ARG D 136 29.41 31.29 -6.03
C ARG D 136 29.84 31.52 -4.58
N VAL D 137 29.68 32.75 -4.10
CA VAL D 137 30.05 33.06 -2.72
C VAL D 137 29.23 32.26 -1.71
N LEU D 138 28.04 31.81 -2.13
CA LEU D 138 27.29 31.02 -1.19
C LEU D 138 27.88 29.61 -1.17
N ALA D 139 28.08 29.09 -2.38
CA ALA D 139 28.64 27.73 -2.62
C ALA D 139 29.96 27.54 -1.85
N PHE D 140 30.79 28.59 -1.88
CA PHE D 140 31.94 28.64 -1.01
C PHE D 140 31.52 28.45 0.48
N PHE D 141 30.62 29.27 0.98
CA PHE D 141 30.33 29.14 2.42
C PHE D 141 29.93 27.76 2.82
N ALA D 142 29.09 27.22 1.95
CA ALA D 142 28.60 25.87 2.13
C ALA D 142 29.60 24.77 1.67
N ALA D 143 30.75 24.76 2.26
CA ALA D 143 31.77 23.74 1.91
C ALA D 143 32.67 23.61 3.13
N SER D 144 33.30 24.72 3.53
CA SER D 144 34.15 24.74 4.69
C SER D 144 33.23 24.87 5.91
N GLU D 150 35.41 19.49 12.81
CA GLU D 150 36.52 18.67 13.26
C GLU D 150 37.57 19.45 14.05
N ASN D 151 37.98 20.60 13.54
CA ASN D 151 39.01 21.36 14.26
C ASN D 151 38.49 21.90 15.53
N LEU D 152 37.33 22.56 15.47
CA LEU D 152 36.94 23.22 16.68
C LEU D 152 36.88 22.22 17.82
N VAL D 153 36.39 21.03 17.49
CA VAL D 153 36.11 20.19 18.62
C VAL D 153 37.27 19.31 19.06
N GLU D 154 37.77 18.66 18.00
CA GLU D 154 38.69 17.51 18.07
C GLU D 154 40.01 17.97 18.54
N ASN D 155 40.36 19.13 17.99
CA ASN D 155 41.61 19.68 18.39
C ASN D 155 41.43 20.58 19.63
N PHE D 156 40.32 21.29 19.70
CA PHE D 156 40.31 22.38 20.71
C PHE D 156 39.36 22.19 21.86
N SER D 157 38.08 22.10 21.53
CA SER D 157 37.08 21.89 22.57
C SER D 157 37.54 20.76 23.49
N THR D 158 38.20 19.76 22.89
CA THR D 158 38.79 18.59 23.60
C THR D 158 39.95 19.01 24.50
N GLU D 159 40.93 19.73 23.94
CA GLU D 159 41.93 20.41 24.77
C GLU D 159 41.21 21.57 25.50
N VAL D 160 41.93 22.37 26.26
CA VAL D 160 41.39 23.48 27.06
C VAL D 160 40.45 22.94 28.14
N GLN D 161 41.13 22.88 29.29
CA GLN D 161 40.71 22.36 30.56
C GLN D 161 40.03 23.31 31.55
N ILE D 162 39.59 24.39 30.96
CA ILE D 162 38.77 25.33 31.72
C ILE D 162 37.30 25.29 31.31
N PRO D 163 36.46 25.13 32.42
CA PRO D 163 35.07 25.08 32.00
C PRO D 163 34.59 26.30 31.29
N GLU D 164 34.95 27.48 31.81
CA GLU D 164 34.56 28.74 31.21
C GLU D 164 34.73 28.67 29.70
N ALA D 165 35.86 28.14 29.24
CA ALA D 165 36.13 28.08 27.81
C ALA D 165 35.34 26.99 27.09
N LYS D 166 35.23 25.82 27.72
CA LYS D 166 34.47 24.72 27.13
C LYS D 166 33.05 25.19 26.82
N SER D 167 32.49 25.98 27.72
CA SER D 167 31.16 26.48 27.49
C SER D 167 31.17 27.29 26.20
N PHE D 168 32.10 28.23 26.09
CA PHE D 168 32.16 29.05 24.90
C PHE D 168 32.27 28.22 23.63
N TYR D 169 33.14 27.22 23.66
CA TYR D 169 33.35 26.37 22.50
C TYR D 169 32.15 25.52 22.14
N GLY D 170 31.48 25.02 23.17
CA GLY D 170 30.32 24.19 22.96
C GLY D 170 29.37 25.01 22.13
N PHE D 171 29.03 26.18 22.64
CA PHE D 171 28.12 27.11 21.98
C PHE D 171 28.65 27.48 20.59
N GLN D 172 29.97 27.58 20.47
CA GLN D 172 30.58 27.93 19.19
C GLN D 172 30.29 26.86 18.17
N ILE D 173 30.44 25.61 18.58
CA ILE D 173 30.20 24.50 17.67
C ILE D 173 28.73 24.43 17.26
N MET D 174 27.85 24.65 18.24
CA MET D 174 26.40 24.65 18.08
C MET D 174 25.95 25.78 17.19
N ILE D 175 26.48 26.97 17.42
CA ILE D 175 26.07 28.10 16.63
C ILE D 175 26.60 28.06 15.20
N GLU D 176 27.73 27.36 15.00
CA GLU D 176 28.33 27.24 13.68
C GLU D 176 27.50 26.26 12.86
N ASN D 177 26.80 25.35 13.53
CA ASN D 177 25.97 24.38 12.81
C ASN D 177 24.74 25.05 12.23
N ILE D 178 24.31 26.14 12.89
CA ILE D 178 23.15 26.89 12.43
C ILE D 178 23.60 27.71 11.22
N HIS D 179 24.86 28.18 11.24
CA HIS D 179 25.41 28.89 10.07
C HIS D 179 25.30 27.95 8.87
N SER D 180 25.88 26.75 9.01
CA SER D 180 25.85 25.76 7.93
C SER D 180 24.45 25.57 7.36
N GLU D 181 23.46 25.39 8.24
CA GLU D 181 22.07 25.23 7.80
C GLU D 181 21.65 26.44 6.95
N THR D 182 21.93 27.61 7.49
CA THR D 182 21.60 28.88 6.86
C THR D 182 22.09 29.00 5.41
N TYR D 183 23.39 28.84 5.20
CA TYR D 183 23.93 28.92 3.86
C TYR D 183 23.26 27.98 2.86
N SER D 184 22.84 26.81 3.34
CA SER D 184 22.21 25.86 2.43
C SER D 184 20.79 26.29 2.20
N LEU D 185 20.11 26.75 3.24
CA LEU D 185 18.74 27.22 3.11
C LEU D 185 18.79 28.25 2.00
N LEU D 186 19.67 29.24 2.19
CA LEU D 186 19.88 30.33 1.23
C LEU D 186 20.12 29.80 -0.19
N ILE D 187 21.16 29.00 -0.35
CA ILE D 187 21.47 28.40 -1.64
C ILE D 187 20.20 27.79 -2.20
N ASP D 188 19.52 27.01 -1.38
CA ASP D 188 18.29 26.29 -1.70
C ASP D 188 17.06 27.18 -1.97
N THR D 189 17.14 28.45 -1.60
CA THR D 189 16.02 29.37 -1.82
C THR D 189 16.17 30.13 -3.12
N TYR D 190 17.38 30.61 -3.38
CA TYR D 190 17.67 31.36 -4.58
C TYR D 190 17.81 30.50 -5.83
N ILE D 191 18.48 29.36 -5.69
CA ILE D 191 18.68 28.46 -6.81
C ILE D 191 17.70 27.29 -6.68
N LYS D 192 16.66 27.31 -7.49
CA LYS D 192 15.63 26.27 -7.42
C LYS D 192 15.80 25.15 -8.44
N ASP D 193 16.73 25.31 -9.38
CA ASP D 193 16.94 24.25 -10.37
C ASP D 193 18.20 23.47 -10.05
N PRO D 194 18.07 22.38 -9.26
CA PRO D 194 19.21 21.55 -8.88
C PRO D 194 20.11 21.26 -10.08
N LYS D 195 19.53 21.34 -11.28
CA LYS D 195 20.31 21.09 -12.47
C LYS D 195 21.49 22.08 -12.41
N GLU D 196 21.21 23.33 -12.04
CA GLU D 196 22.26 24.35 -11.88
C GLU D 196 23.05 24.05 -10.63
N SER D 197 22.34 23.98 -9.51
CA SER D 197 22.94 23.73 -8.21
C SER D 197 24.05 22.69 -8.34
N GLU D 198 23.89 21.77 -9.29
CA GLU D 198 24.90 20.74 -9.51
C GLU D 198 26.10 21.29 -10.27
N PHE D 199 25.90 21.92 -11.42
CA PHE D 199 27.02 22.48 -12.17
C PHE D 199 27.79 23.33 -11.15
N LEU D 200 27.03 24.19 -10.47
CA LEU D 200 27.54 25.11 -9.46
C LEU D 200 28.57 24.47 -8.54
N PHE D 201 28.20 23.36 -7.91
CA PHE D 201 29.10 22.67 -7.00
C PHE D 201 30.22 21.88 -7.67
N ASN D 202 30.10 21.66 -8.98
CA ASN D 202 31.13 20.94 -9.70
C ASN D 202 32.22 21.93 -10.08
N ALA D 203 31.80 23.08 -10.58
CA ALA D 203 32.73 24.12 -10.99
C ALA D 203 33.14 24.92 -9.77
N ILE D 204 33.11 24.30 -8.60
CA ILE D 204 33.50 24.97 -7.37
C ILE D 204 34.62 24.19 -6.67
N HIS D 205 34.82 22.94 -7.07
CA HIS D 205 35.86 22.10 -6.48
C HIS D 205 37.04 21.94 -7.45
N THR D 206 37.23 22.97 -8.26
CA THR D 206 38.30 23.03 -9.24
C THR D 206 39.06 24.33 -8.98
N ILE D 207 38.60 25.03 -7.95
CA ILE D 207 39.17 26.30 -7.54
C ILE D 207 40.49 26.00 -6.83
N PRO D 208 41.60 26.40 -7.43
CA PRO D 208 42.93 26.20 -6.85
C PRO D 208 43.07 26.73 -5.41
N GLU D 209 42.16 27.60 -5.00
CA GLU D 209 42.24 28.15 -3.67
C GLU D 209 41.93 27.12 -2.61
N ILE D 210 40.94 26.26 -2.87
CA ILE D 210 40.55 25.22 -1.91
C ILE D 210 41.79 24.39 -1.61
N GLY D 211 42.46 23.95 -2.67
CA GLY D 211 43.66 23.15 -2.50
C GLY D 211 44.68 23.91 -1.68
N GLU D 212 44.95 25.14 -2.09
CA GLU D 212 45.92 25.97 -1.40
C GLU D 212 45.55 26.21 0.05
N LYS D 213 44.26 26.45 0.31
CA LYS D 213 43.82 26.66 1.67
C LYS D 213 44.12 25.38 2.42
N ALA D 214 43.82 24.27 1.77
CA ALA D 214 44.06 22.94 2.32
C ALA D 214 45.51 22.80 2.82
N GLU D 215 46.46 23.03 1.92
CA GLU D 215 47.88 22.95 2.21
C GLU D 215 48.25 23.93 3.33
N TRP D 216 47.60 25.08 3.36
CA TRP D 216 47.88 26.08 4.39
C TRP D 216 47.60 25.46 5.77
N ALA D 217 46.53 24.66 5.82
CA ALA D 217 46.06 24.01 7.04
C ALA D 217 46.90 22.82 7.50
N LEU D 218 47.23 21.92 6.57
CA LEU D 218 48.04 20.75 6.90
C LEU D 218 49.36 21.22 7.49
N ARG D 219 49.72 22.44 7.10
CA ARG D 219 50.94 23.12 7.51
C ARG D 219 50.97 23.51 9.00
N TRP D 220 50.02 24.35 9.43
CA TRP D 220 49.98 24.81 10.81
C TRP D 220 49.04 24.05 11.74
N ILE D 221 48.03 23.36 11.19
CA ILE D 221 47.06 22.67 12.03
C ILE D 221 47.07 21.15 12.07
N GLN D 222 46.86 20.50 10.93
CA GLN D 222 46.80 19.03 10.86
C GLN D 222 48.09 18.27 11.13
N ASP D 223 49.22 18.96 11.06
CA ASP D 223 50.51 18.35 11.32
C ASP D 223 50.72 18.28 12.84
N ALA D 224 51.22 17.14 13.33
CA ALA D 224 51.47 17.00 14.76
C ALA D 224 52.65 17.91 15.12
N ASP D 225 53.09 17.86 16.37
CA ASP D 225 54.22 18.70 16.80
C ASP D 225 53.92 20.15 16.42
N ALA D 226 52.64 20.49 16.42
CA ALA D 226 52.21 21.84 16.07
C ALA D 226 51.63 22.51 17.31
N LEU D 227 52.48 23.25 18.01
CA LEU D 227 52.10 23.96 19.23
C LEU D 227 50.69 24.57 19.23
N PHE D 228 50.03 24.46 20.38
CA PHE D 228 48.68 24.96 20.57
C PHE D 228 48.56 26.42 20.14
N GLY D 229 49.45 27.25 20.66
CA GLY D 229 49.41 28.67 20.33
C GLY D 229 49.45 28.97 18.84
N GLU D 230 50.10 28.10 18.09
CA GLU D 230 50.18 28.32 16.66
C GLU D 230 48.86 27.96 16.02
N ARG D 231 48.22 26.90 16.52
CA ARG D 231 46.93 26.49 15.98
C ARG D 231 45.87 27.54 16.33
N LEU D 232 46.10 28.29 17.39
CA LEU D 232 45.13 29.31 17.77
C LEU D 232 45.20 30.41 16.73
N VAL D 233 46.42 30.76 16.32
CA VAL D 233 46.57 31.81 15.33
C VAL D 233 46.00 31.35 14.01
N ALA D 234 46.18 30.08 13.71
CA ALA D 234 45.65 29.57 12.46
C ALA D 234 44.13 29.47 12.50
N PHE D 235 43.58 29.18 13.69
CA PHE D 235 42.13 29.07 13.81
C PHE D 235 41.48 30.44 13.73
N ALA D 236 42.02 31.40 14.48
CA ALA D 236 41.49 32.77 14.44
C ALA D 236 41.57 33.29 13.00
N SER D 237 42.58 32.85 12.26
CA SER D 237 42.72 33.27 10.88
C SER D 237 41.63 32.67 10.02
N ILE D 238 41.02 31.58 10.48
CA ILE D 238 39.97 30.91 9.72
C ILE D 238 38.60 31.56 9.92
N GLU D 239 38.43 32.18 11.09
CA GLU D 239 37.19 32.86 11.44
C GLU D 239 37.32 34.36 11.16
N GLY D 240 38.51 34.91 11.37
CA GLY D 240 38.71 36.34 11.14
C GLY D 240 39.30 36.84 9.84
N VAL D 241 39.98 35.98 9.09
CA VAL D 241 40.60 36.39 7.82
C VAL D 241 40.14 35.59 6.61
N PHE D 242 40.06 34.28 6.77
CA PHE D 242 39.70 33.44 5.64
C PHE D 242 38.31 33.58 5.08
N PHE D 243 37.60 34.64 5.44
CA PHE D 243 36.27 34.77 4.89
C PHE D 243 35.76 36.19 5.08
N SER D 244 36.68 37.08 5.44
CA SER D 244 36.33 38.48 5.62
C SER D 244 35.97 39.05 4.26
N GLY D 245 36.57 38.49 3.21
CA GLY D 245 36.30 38.94 1.85
C GLY D 245 34.86 38.76 1.38
N SER D 246 34.21 37.67 1.78
CA SER D 246 32.84 37.42 1.37
C SER D 246 31.85 38.23 2.23
N PHE D 247 32.15 38.36 3.51
CA PHE D 247 31.29 39.10 4.42
C PHE D 247 31.09 40.52 3.87
N ALA D 248 32.21 41.22 3.64
CA ALA D 248 32.17 42.58 3.13
C ALA D 248 31.46 42.63 1.78
N SER D 249 31.83 41.72 0.87
CA SER D 249 31.22 41.69 -0.43
C SER D 249 29.68 41.67 -0.32
N ILE D 250 29.18 41.06 0.74
CA ILE D 250 27.74 40.98 0.94
C ILE D 250 27.20 42.21 1.67
N PHE D 251 28.06 42.91 2.41
CA PHE D 251 27.61 44.12 3.08
C PHE D 251 27.47 45.20 2.00
N TRP D 252 28.13 44.97 0.88
CA TRP D 252 28.11 45.88 -0.26
C TRP D 252 26.73 45.86 -0.91
N LEU D 253 26.08 44.71 -0.86
CA LEU D 253 24.74 44.56 -1.42
C LEU D 253 23.74 45.26 -0.51
N LYS D 254 24.13 45.48 0.73
CA LYS D 254 23.27 46.13 1.70
C LYS D 254 23.18 47.60 1.29
N LYS D 255 24.33 48.17 0.99
CA LYS D 255 24.43 49.57 0.56
C LYS D 255 23.40 49.84 -0.53
N ARG D 256 23.48 49.10 -1.64
CA ARG D 256 22.56 49.25 -2.75
C ARG D 256 21.24 48.56 -2.45
N GLY D 257 20.84 48.58 -1.18
CA GLY D 257 19.61 47.95 -0.73
C GLY D 257 19.05 46.81 -1.55
N MET D 258 19.53 45.58 -1.29
CA MET D 258 18.99 44.41 -2.00
C MET D 258 19.13 43.21 -1.06
N MET D 259 18.69 42.04 -1.51
CA MET D 259 18.89 40.77 -0.77
C MET D 259 18.87 41.07 0.71
N PRO D 260 17.60 41.60 1.05
CA PRO D 260 17.49 41.95 2.47
C PRO D 260 17.65 40.82 3.44
N GLY D 261 17.12 39.65 3.06
CA GLY D 261 17.23 38.45 3.87
C GLY D 261 18.68 38.03 4.00
N LEU D 262 19.33 37.92 2.84
CA LEU D 262 20.73 37.55 2.83
C LEU D 262 21.50 38.51 3.74
N THR D 263 21.47 39.80 3.42
CA THR D 263 22.18 40.79 4.22
C THR D 263 21.99 40.57 5.71
N PHE D 264 20.76 40.27 6.13
CA PHE D 264 20.48 40.08 7.53
C PHE D 264 21.21 38.85 8.11
N SER D 265 21.11 37.71 7.44
CA SER D 265 21.79 36.51 7.92
C SER D 265 23.27 36.78 7.92
N ASN D 266 23.76 37.31 6.79
CA ASN D 266 25.16 37.63 6.60
C ASN D 266 25.73 38.59 7.66
N GLU D 267 24.83 39.23 8.40
CA GLU D 267 25.20 40.18 9.45
C GLU D 267 25.38 39.45 10.76
N LEU D 268 24.40 38.60 11.08
CA LEU D 268 24.43 37.82 12.30
C LEU D 268 25.62 36.87 12.31
N ILE D 269 25.88 36.26 11.16
CA ILE D 269 26.98 35.32 10.99
C ILE D 269 28.31 36.01 11.23
N CYS D 270 28.54 37.11 10.50
CA CYS D 270 29.76 37.86 10.65
C CYS D 270 29.91 38.20 12.11
N ARG D 271 28.88 38.83 12.69
CA ARG D 271 28.97 39.18 14.09
C ARG D 271 29.56 38.04 14.88
N ASP D 272 28.98 36.85 14.65
CA ASP D 272 29.38 35.61 15.31
C ASP D 272 30.85 35.28 15.12
N GLU D 273 31.25 35.08 13.86
CA GLU D 273 32.64 34.72 13.54
C GLU D 273 33.63 35.70 14.12
N GLY D 274 33.14 36.87 14.49
CA GLY D 274 34.01 37.87 15.08
C GLY D 274 34.13 37.51 16.53
N LEU D 275 32.99 37.26 17.16
CA LEU D 275 32.95 36.90 18.58
C LEU D 275 33.94 35.77 18.77
N HIS D 276 33.90 34.85 17.82
CA HIS D 276 34.75 33.67 17.79
C HIS D 276 36.22 34.01 17.64
N THR D 277 36.56 34.85 16.66
CA THR D 277 37.95 35.24 16.45
C THR D 277 38.48 35.92 17.72
N ASP D 278 37.80 36.97 18.15
CA ASP D 278 38.21 37.66 19.36
C ASP D 278 38.59 36.66 20.46
N PHE D 279 37.77 35.64 20.64
CA PHE D 279 37.99 34.62 21.68
C PHE D 279 39.37 33.98 21.58
N ALA D 280 39.78 33.64 20.36
CA ALA D 280 41.10 33.03 20.16
C ALA D 280 42.16 33.93 20.78
N CYS D 281 42.08 35.20 20.40
CA CYS D 281 42.99 36.20 20.89
C CYS D 281 42.96 36.14 22.41
N LEU D 282 41.79 36.32 22.97
CA LEU D 282 41.65 36.27 24.42
C LEU D 282 42.39 35.07 24.99
N LEU D 283 42.21 33.89 24.39
CA LEU D 283 42.86 32.70 24.90
C LEU D 283 44.37 32.70 24.68
N PHE D 284 44.79 33.31 23.57
CA PHE D 284 46.22 33.42 23.25
C PHE D 284 46.87 34.11 24.44
N ALA D 285 46.23 35.20 24.88
CA ALA D 285 46.68 36.01 26.00
C ALA D 285 46.97 35.22 27.27
N HIS D 286 46.17 34.19 27.55
CA HIS D 286 46.38 33.40 28.75
C HIS D 286 47.56 32.45 28.60
N LEU D 287 47.99 32.23 27.37
CA LEU D 287 49.12 31.36 27.12
C LEU D 287 50.35 31.97 27.77
N LYS D 288 51.21 31.11 28.34
CA LYS D 288 52.42 31.60 28.96
C LYS D 288 53.58 31.49 27.95
N ASN D 289 53.63 30.39 27.22
CA ASN D 289 54.64 30.23 26.17
C ASN D 289 53.96 30.52 24.83
N LYS D 290 54.02 31.78 24.41
CA LYS D 290 53.41 32.15 23.14
C LYS D 290 54.38 31.86 22.00
N PRO D 291 53.86 31.68 20.79
CA PRO D 291 54.70 31.40 19.62
C PRO D 291 55.59 32.57 19.24
N ASP D 292 56.57 32.29 18.39
CA ASP D 292 57.50 33.31 17.91
C ASP D 292 56.72 34.26 17.02
N PRO D 293 56.69 35.56 17.37
CA PRO D 293 55.97 36.57 16.60
C PRO D 293 56.07 36.36 15.09
N ALA D 294 57.20 35.81 14.64
CA ALA D 294 57.41 35.56 13.24
C ALA D 294 56.35 34.61 12.69
N ILE D 295 56.04 33.56 13.44
CA ILE D 295 55.05 32.57 13.03
C ILE D 295 53.66 33.22 13.01
N VAL D 296 53.30 33.82 14.14
CA VAL D 296 52.04 34.50 14.26
C VAL D 296 51.80 35.33 13.00
N GLU D 297 52.84 36.05 12.58
CA GLU D 297 52.73 36.91 11.39
C GLU D 297 52.70 36.12 10.09
N LYS D 298 53.46 35.03 10.05
CA LYS D 298 53.52 34.21 8.85
C LYS D 298 52.27 33.40 8.58
N ILE D 299 51.60 32.93 9.63
CA ILE D 299 50.38 32.13 9.44
C ILE D 299 49.27 33.00 8.87
N VAL D 300 49.10 34.15 9.50
CA VAL D 300 48.10 35.13 9.11
C VAL D 300 48.33 35.53 7.68
N THR D 301 49.56 35.93 7.45
CA THR D 301 50.00 36.37 6.16
C THR D 301 49.73 35.38 5.04
N GLU D 302 50.03 34.11 5.24
CA GLU D 302 49.78 33.14 4.19
C GLU D 302 48.29 33.02 3.91
N ALA D 303 47.50 33.26 4.97
CA ALA D 303 46.03 33.21 4.87
C ALA D 303 45.57 34.31 3.93
N VAL D 304 45.88 35.55 4.32
CA VAL D 304 45.53 36.73 3.56
C VAL D 304 45.75 36.52 2.07
N GLU D 305 46.93 36.04 1.74
CA GLU D 305 47.30 35.80 0.36
C GLU D 305 46.41 34.80 -0.33
N ILE D 306 45.96 33.76 0.38
CA ILE D 306 45.10 32.79 -0.26
C ILE D 306 43.73 33.43 -0.40
N GLU D 307 43.36 34.25 0.59
CA GLU D 307 42.07 34.96 0.59
C GLU D 307 41.96 35.99 -0.54
N GLN D 308 43.01 36.79 -0.74
CA GLN D 308 43.02 37.80 -1.80
C GLN D 308 42.94 37.08 -3.12
N ARG D 309 43.69 36.00 -3.21
CA ARG D 309 43.75 35.21 -4.42
C ARG D 309 42.42 34.56 -4.70
N TYR D 310 41.53 34.59 -3.72
CA TYR D 310 40.20 33.99 -3.93
C TYR D 310 39.48 34.87 -4.95
N PHE D 311 39.68 36.18 -4.79
CA PHE D 311 39.03 37.20 -5.63
C PHE D 311 39.79 37.80 -6.81
N LEU D 312 41.04 37.38 -7.02
CA LEU D 312 41.80 37.89 -8.15
C LEU D 312 42.01 36.72 -9.11
N ASP D 313 41.28 35.63 -8.82
CA ASP D 313 41.34 34.42 -9.62
C ASP D 313 39.96 33.84 -9.85
N ALA D 314 39.27 33.47 -8.77
CA ALA D 314 37.94 32.87 -8.88
C ALA D 314 36.79 33.88 -9.00
N LEU D 315 36.54 34.61 -7.93
CA LEU D 315 35.45 35.59 -7.94
C LEU D 315 35.93 37.03 -7.94
N PRO D 316 35.82 37.73 -9.08
CA PRO D 316 36.27 39.11 -9.11
C PRO D 316 35.22 40.02 -8.48
N VAL D 317 35.60 40.79 -7.47
CA VAL D 317 34.63 41.68 -6.82
C VAL D 317 34.06 42.69 -7.81
N ALA D 318 34.74 42.85 -8.94
CA ALA D 318 34.28 43.76 -9.96
C ALA D 318 32.87 43.32 -10.35
N LEU D 319 32.68 42.00 -10.46
CA LEU D 319 31.40 41.42 -10.84
C LEU D 319 30.17 42.01 -10.16
N LEU D 320 30.36 42.64 -9.01
CA LEU D 320 29.23 43.24 -8.33
C LEU D 320 29.56 44.68 -7.95
N GLY D 321 30.32 45.31 -8.85
CA GLY D 321 30.71 46.71 -8.68
C GLY D 321 31.79 47.06 -7.67
N MET D 322 32.60 46.09 -7.27
CA MET D 322 33.64 46.41 -6.30
C MET D 322 35.02 46.61 -6.89
N ASN D 323 35.87 47.31 -6.16
CA ASN D 323 37.22 47.58 -6.61
C ASN D 323 38.25 46.60 -6.06
N ALA D 324 38.69 45.66 -6.89
CA ALA D 324 39.67 44.67 -6.47
C ALA D 324 40.81 45.22 -5.61
N ASP D 325 41.25 46.42 -5.93
CA ASP D 325 42.36 47.02 -5.16
C ASP D 325 41.95 47.28 -3.73
N LEU D 326 40.71 47.70 -3.56
CA LEU D 326 40.20 48.00 -2.22
C LEU D 326 39.94 46.72 -1.45
N MET D 327 39.46 45.68 -2.15
CA MET D 327 39.18 44.41 -1.49
C MET D 327 40.49 43.90 -0.93
N ASN D 328 41.48 43.77 -1.81
CA ASN D 328 42.79 43.30 -1.41
C ASN D 328 43.21 44.10 -0.19
N GLN D 329 42.96 45.40 -0.24
CA GLN D 329 43.32 46.27 0.86
C GLN D 329 42.56 45.99 2.16
N TYR D 330 41.31 45.54 2.04
CA TYR D 330 40.52 45.25 3.23
C TYR D 330 41.08 44.01 3.92
N VAL D 331 41.21 42.93 3.16
CA VAL D 331 41.73 41.69 3.72
C VAL D 331 42.99 41.98 4.50
N GLU D 332 43.81 42.88 3.95
CA GLU D 332 45.06 43.28 4.59
C GLU D 332 44.73 44.02 5.88
N PHE D 333 43.73 44.89 5.82
CA PHE D 333 43.35 45.62 7.02
C PHE D 333 42.96 44.63 8.12
N VAL D 334 42.04 43.74 7.76
CA VAL D 334 41.52 42.71 8.66
C VAL D 334 42.61 41.90 9.34
N ALA D 335 43.57 41.43 8.56
CA ALA D 335 44.71 40.66 9.11
C ALA D 335 45.50 41.54 10.06
N ASP D 336 45.83 42.73 9.59
CA ASP D 336 46.58 43.72 10.34
C ASP D 336 45.93 43.83 11.71
N ARG D 337 44.62 44.07 11.70
CA ARG D 337 43.83 44.21 12.92
C ARG D 337 44.00 43.01 13.86
N LEU D 338 44.01 41.82 13.28
CA LEU D 338 44.17 40.58 14.04
C LEU D 338 45.57 40.51 14.66
N LEU D 339 46.58 40.85 13.86
CA LEU D 339 47.96 40.82 14.36
C LEU D 339 48.07 41.60 15.66
N VAL D 340 47.57 42.84 15.66
CA VAL D 340 47.64 43.66 16.87
C VAL D 340 46.93 42.96 18.03
N ALA D 341 45.83 42.29 17.72
CA ALA D 341 45.04 41.58 18.73
C ALA D 341 45.88 40.49 19.34
N PHE D 342 46.82 39.96 18.56
CA PHE D 342 47.71 38.89 18.98
C PHE D 342 48.98 39.38 19.67
N GLY D 343 49.26 40.67 19.52
CA GLY D 343 50.45 41.22 20.13
C GLY D 343 51.48 41.67 19.12
N ASN D 344 51.48 41.05 17.95
CA ASN D 344 52.42 41.44 16.89
C ASN D 344 52.15 42.88 16.48
N LYS D 345 52.84 43.30 15.41
CA LYS D 345 52.71 44.66 14.91
C LYS D 345 52.08 44.62 13.54
N LYS D 346 51.49 45.75 13.11
CA LYS D 346 50.82 45.82 11.80
C LYS D 346 51.87 45.67 10.68
N TYR D 347 51.76 44.54 10.01
CA TYR D 347 52.69 44.23 8.92
C TYR D 347 52.26 44.92 7.63
N TYR D 348 50.95 45.07 7.42
CA TYR D 348 50.53 45.69 6.16
C TYR D 348 50.59 47.21 6.23
N LYS D 349 50.06 47.68 7.35
CA LYS D 349 49.92 49.07 7.72
C LYS D 349 48.87 49.83 6.89
N VAL D 350 48.17 49.10 6.04
CA VAL D 350 47.11 49.69 5.23
C VAL D 350 45.94 50.11 6.15
N GLU D 351 44.86 50.60 5.56
CA GLU D 351 43.70 50.99 6.35
C GLU D 351 42.38 50.56 5.75
N ASN D 352 41.34 50.66 6.55
CA ASN D 352 39.98 50.25 6.18
C ASN D 352 39.45 50.96 4.93
N PRO D 353 39.57 50.31 3.76
CA PRO D 353 39.09 50.91 2.53
C PRO D 353 37.58 50.92 2.40
N PHE D 354 36.88 50.46 3.43
CA PHE D 354 35.43 50.45 3.39
C PHE D 354 34.86 51.09 4.65
N ASP D 355 33.81 51.90 4.47
CA ASP D 355 33.18 52.56 5.60
C ASP D 355 31.99 51.73 6.05
N PHE D 356 31.39 50.97 5.13
CA PHE D 356 30.22 50.15 5.46
C PHE D 356 30.61 48.96 6.34
N MET D 357 31.92 48.74 6.49
CA MET D 357 32.41 47.65 7.32
C MET D 357 32.84 48.25 8.67
N GLU D 358 32.58 49.54 8.85
CA GLU D 358 32.94 50.22 10.09
C GLU D 358 32.16 49.52 11.21
N ASN D 359 31.00 48.97 10.86
CA ASN D 359 30.15 48.28 11.82
C ASN D 359 29.60 49.22 12.90
#